data_7JKK
# 
_entry.id   7JKK 
# 
_audit_conform.dict_name       mmcif_pdbx.dic 
_audit_conform.dict_version    5.380 
_audit_conform.dict_location   http://mmcif.pdb.org/dictionaries/ascii/mmcif_pdbx.dic 
# 
loop_
_database_2.database_id 
_database_2.database_code 
_database_2.pdbx_database_accession 
_database_2.pdbx_DOI 
PDB   7JKK         pdb_00007jkk 10.2210/pdb7jkk/pdb 
WWPDB D_1000250903 ?            ?                   
# 
_pdbx_database_status.status_code                     REL 
_pdbx_database_status.status_code_sf                  REL 
_pdbx_database_status.status_code_mr                  ? 
_pdbx_database_status.entry_id                        7JKK 
_pdbx_database_status.recvd_initial_deposition_date   2020-07-28 
_pdbx_database_status.SG_entry                        N 
_pdbx_database_status.deposit_site                    RCSB 
_pdbx_database_status.process_site                    RCSB 
_pdbx_database_status.status_code_cs                  ? 
_pdbx_database_status.status_code_nmr_data            ? 
_pdbx_database_status.methods_development_category    ? 
_pdbx_database_status.pdb_format_compatible           Y 
# 
loop_
_audit_author.name 
_audit_author.pdbx_ordinal 
_audit_author.identifier_ORCID 
'Simmons, C.R.'      1 0000-0002-2290-6132 
'MacCulloch, T.'     2 0000-0001-5875-3361 
'Stephanopoulos, N.' 3 0000-0001-7859-410X 
'Yan, H.'            4 0000-0001-7397-9852 
# 
_citation.abstract                  ? 
_citation.abstract_id_CAS           ? 
_citation.book_id_ISBN              ? 
_citation.book_publisher            ? 
_citation.book_publisher_city       ? 
_citation.book_title                ? 
_citation.coordinate_linkage        ? 
_citation.country                   UK 
_citation.database_id_Medline       ? 
_citation.details                   ? 
_citation.id                        primary 
_citation.journal_abbrev            'Nat Commun' 
_citation.journal_id_ASTM           ? 
_citation.journal_id_CSD            ? 
_citation.journal_id_ISSN           2041-1723 
_citation.journal_full              ? 
_citation.journal_issue             ? 
_citation.journal_volume            13 
_citation.language                  ? 
_citation.page_first                3112 
_citation.page_last                 3112 
_citation.title                     'The influence of Holliday junction sequence and dynamics on DNA crystal self-assembly.' 
_citation.year                      2022 
_citation.database_id_CSD           ? 
_citation.pdbx_database_id_DOI      10.1038/s41467-022-30779-6 
_citation.pdbx_database_id_PubMed   35662248 
_citation.unpublished_flag          ? 
# 
loop_
_citation_author.citation_id 
_citation_author.name 
_citation_author.ordinal 
_citation_author.identifier_ORCID 
primary 'Simmons, C.R.'      1  ?                   
primary 'MacCulloch, T.'     2  ?                   
primary 'Krepl, M.'          3  0000-0002-9833-4281 
primary 'Matthies, M.'       4  ?                   
primary 'Buchberger, A.'     5  ?                   
primary 'Crawford, I.'       6  ?                   
primary 'Sponer, J.'         7  0000-0001-6558-6186 
primary 'Sulc, P.'           8  0000-0003-1565-6769 
primary 'Stephanopoulos, N.' 9  0000-0001-7859-410X 
primary 'Yan, H.'            10 0000-0001-7397-9852 
# 
_cell.angle_alpha                  90.000 
_cell.angle_alpha_esd              ? 
_cell.angle_beta                   90.000 
_cell.angle_beta_esd               ? 
_cell.angle_gamma                  120.000 
_cell.angle_gamma_esd              ? 
_cell.entry_id                     7JKK 
_cell.details                      ? 
_cell.formula_units_Z              ? 
_cell.length_a                     113.078 
_cell.length_a_esd                 ? 
_cell.length_b                     113.078 
_cell.length_b_esd                 ? 
_cell.length_c                     52.131 
_cell.length_c_esd                 ? 
_cell.volume                       ? 
_cell.volume_esd                   ? 
_cell.Z_PDB                        9 
_cell.reciprocal_angle_alpha       ? 
_cell.reciprocal_angle_beta        ? 
_cell.reciprocal_angle_gamma       ? 
_cell.reciprocal_angle_alpha_esd   ? 
_cell.reciprocal_angle_beta_esd    ? 
_cell.reciprocal_angle_gamma_esd   ? 
_cell.reciprocal_length_a          ? 
_cell.reciprocal_length_b          ? 
_cell.reciprocal_length_c          ? 
_cell.reciprocal_length_a_esd      ? 
_cell.reciprocal_length_b_esd      ? 
_cell.reciprocal_length_c_esd      ? 
_cell.pdbx_unique_axis             ? 
# 
_symmetry.entry_id                         7JKK 
_symmetry.cell_setting                     ? 
_symmetry.Int_Tables_number                146 
_symmetry.space_group_name_Hall            ? 
_symmetry.space_group_name_H-M             'H 3' 
_symmetry.pdbx_full_space_group_name_H-M   ? 
# 
loop_
_entity.id 
_entity.type 
_entity.src_method 
_entity.pdbx_description 
_entity.formula_weight 
_entity.pdbx_number_of_molecules 
_entity.pdbx_ec 
_entity.pdbx_mutation 
_entity.pdbx_fragment 
_entity.details 
1 polymer     syn 
;DNA (5'-D(*GP*AP*AP*CP*GP*AP*CP*AP*CP*TP*GP*AP*CP*GP*TP*CP*GP*AP*CP*TP*C)-3')
;
6417.163 1 ? ? ? ? 
2 polymer     syn 
;DNA (5'-D(*TP*CP*GP*AP*GP*TP*CP*G)-3')
;
2442.616 1 ? ? ? ? 
3 polymer     syn 
;DNA (5'-D(P*GP*TP*GP*TP*CP*GP*T)-3')
;
2144.420 1 ? ? ? ? 
4 polymer     syn 
;DNA (5'-D(P*AP*CP*GP*TP*CP*A)-3')
;
1793.219 1 ? ? ? ? 
5 non-polymer syn 'MAGNESIUM ION'                                                                 24.305   3 ? ? ? ? 
6 non-polymer syn 'CACODYLATE ION'                                                                136.989  1 ? ? ? ? 
# 
loop_
_entity_poly.entity_id 
_entity_poly.type 
_entity_poly.nstd_linkage 
_entity_poly.nstd_monomer 
_entity_poly.pdbx_seq_one_letter_code 
_entity_poly.pdbx_seq_one_letter_code_can 
_entity_poly.pdbx_strand_id 
_entity_poly.pdbx_target_identifier 
1 polydeoxyribonucleotide no no 
;(DG)(DA)(DA)(DC)(DG)(DA)(DC)(DA)(DC)(DT)(DG)(DA)(DC)(DG)(DT)(DC)(DG)(DA)(DC)(DT)
(DC)
;
GAACGACACTGACGTCGACTC B ? 
2 polydeoxyribonucleotide no no '(DT)(DC)(DG)(DA)(DG)(DT)(DC)(DG)'                                                      TCGAGTCG C 
? 
3 polydeoxyribonucleotide no no '(DG)(DT)(DG)(DT)(DC)(DG)(DT)'                                                          GTGTCGT D 
? 
4 polydeoxyribonucleotide no no '(DA)(DC)(DG)(DT)(DC)(DA)'                                                              ACGTCA A ? 
# 
loop_
_entity_poly_seq.entity_id 
_entity_poly_seq.num 
_entity_poly_seq.mon_id 
_entity_poly_seq.hetero 
1 1  DG n 
1 2  DA n 
1 3  DA n 
1 4  DC n 
1 5  DG n 
1 6  DA n 
1 7  DC n 
1 8  DA n 
1 9  DC n 
1 10 DT n 
1 11 DG n 
1 12 DA n 
1 13 DC n 
1 14 DG n 
1 15 DT n 
1 16 DC n 
1 17 DG n 
1 18 DA n 
1 19 DC n 
1 20 DT n 
1 21 DC n 
2 1  DT n 
2 2  DC n 
2 3  DG n 
2 4  DA n 
2 5  DG n 
2 6  DT n 
2 7  DC n 
2 8  DG n 
3 1  DG n 
3 2  DT n 
3 3  DG n 
3 4  DT n 
3 5  DC n 
3 6  DG n 
3 7  DT n 
4 1  DA n 
4 2  DC n 
4 3  DG n 
4 4  DT n 
4 5  DC n 
4 6  DA n 
# 
loop_
_pdbx_entity_src_syn.entity_id 
_pdbx_entity_src_syn.pdbx_src_id 
_pdbx_entity_src_syn.pdbx_alt_source_flag 
_pdbx_entity_src_syn.pdbx_beg_seq_num 
_pdbx_entity_src_syn.pdbx_end_seq_num 
_pdbx_entity_src_syn.organism_scientific 
_pdbx_entity_src_syn.organism_common_name 
_pdbx_entity_src_syn.ncbi_taxonomy_id 
_pdbx_entity_src_syn.details 
1 1 sample 1 21 'synthetic construct' ? 32630 ? 
2 1 sample 1 8  'synthetic construct' ? 32630 ? 
3 1 sample 1 7  'synthetic construct' ? 32630 ? 
4 1 sample 1 6  'synthetic construct' ? 32630 ? 
# 
loop_
_struct_ref.id 
_struct_ref.db_name 
_struct_ref.db_code 
_struct_ref.pdbx_db_accession 
_struct_ref.pdbx_db_isoform 
_struct_ref.entity_id 
_struct_ref.pdbx_seq_one_letter_code 
_struct_ref.pdbx_align_begin 
1 PDB 7JKK 7JKK ? 1 ? 1 
2 PDB 7JKK 7JKK ? 2 ? 1 
3 PDB 7JKK 7JKK ? 3 ? 1 
4 PDB 7JKK 7JKK ? 4 ? 1 
# 
loop_
_struct_ref_seq.align_id 
_struct_ref_seq.ref_id 
_struct_ref_seq.pdbx_PDB_id_code 
_struct_ref_seq.pdbx_strand_id 
_struct_ref_seq.seq_align_beg 
_struct_ref_seq.pdbx_seq_align_beg_ins_code 
_struct_ref_seq.seq_align_end 
_struct_ref_seq.pdbx_seq_align_end_ins_code 
_struct_ref_seq.pdbx_db_accession 
_struct_ref_seq.db_align_beg 
_struct_ref_seq.pdbx_db_align_beg_ins_code 
_struct_ref_seq.db_align_end 
_struct_ref_seq.pdbx_db_align_end_ins_code 
_struct_ref_seq.pdbx_auth_seq_align_beg 
_struct_ref_seq.pdbx_auth_seq_align_end 
1 1 7JKK B 1 ? 21 ? 7JKK 7  ? 27 ? 7  27 
2 2 7JKK C 1 ? 8  ? 7JKK 28 ? 35 ? 28 35 
3 3 7JKK D 1 ? 7  ? 7JKK 36 ? 42 ? 36 42 
4 4 7JKK A 1 ? 6  ? 7JKK 1  ? 6  ? 1  6  
# 
loop_
_chem_comp.id 
_chem_comp.type 
_chem_comp.mon_nstd_flag 
_chem_comp.name 
_chem_comp.pdbx_synonyms 
_chem_comp.formula 
_chem_comp.formula_weight 
CAC non-polymer   . 'CACODYLATE ION'                     dimethylarsinate 'C2 H6 As O2 -1'  136.989 
DA  'DNA linking' y "2'-DEOXYADENOSINE-5'-MONOPHOSPHATE" ?                'C10 H14 N5 O6 P' 331.222 
DC  'DNA linking' y "2'-DEOXYCYTIDINE-5'-MONOPHOSPHATE"  ?                'C9 H14 N3 O7 P'  307.197 
DG  'DNA linking' y "2'-DEOXYGUANOSINE-5'-MONOPHOSPHATE" ?                'C10 H14 N5 O7 P' 347.221 
DT  'DNA linking' y "THYMIDINE-5'-MONOPHOSPHATE"         ?                'C10 H15 N2 O8 P' 322.208 
MG  non-polymer   . 'MAGNESIUM ION'                      ?                'Mg 2'            24.305  
# 
_exptl.absorpt_coefficient_mu     ? 
_exptl.absorpt_correction_T_max   ? 
_exptl.absorpt_correction_T_min   ? 
_exptl.absorpt_correction_type    ? 
_exptl.absorpt_process_details    ? 
_exptl.entry_id                   7JKK 
_exptl.crystals_number            1 
_exptl.details                    ? 
_exptl.method                     'X-RAY DIFFRACTION' 
_exptl.method_details             ? 
# 
_exptl_crystal.colour                      ? 
_exptl_crystal.density_diffrn              ? 
_exptl_crystal.density_Matthews            5.01 
_exptl_crystal.density_method              ? 
_exptl_crystal.density_percent_sol         75.46 
_exptl_crystal.description                 ? 
_exptl_crystal.F_000                       ? 
_exptl_crystal.id                          1 
_exptl_crystal.preparation                 ? 
_exptl_crystal.size_max                    ? 
_exptl_crystal.size_mid                    ? 
_exptl_crystal.size_min                    ? 
_exptl_crystal.size_rad                    ? 
_exptl_crystal.colour_lustre               ? 
_exptl_crystal.colour_modifier             ? 
_exptl_crystal.colour_primary              ? 
_exptl_crystal.density_meas                ? 
_exptl_crystal.density_meas_esd            ? 
_exptl_crystal.density_meas_gt             ? 
_exptl_crystal.density_meas_lt             ? 
_exptl_crystal.density_meas_temp           ? 
_exptl_crystal.density_meas_temp_esd       ? 
_exptl_crystal.density_meas_temp_gt        ? 
_exptl_crystal.density_meas_temp_lt        ? 
_exptl_crystal.pdbx_crystal_image_url      ? 
_exptl_crystal.pdbx_crystal_image_format   ? 
_exptl_crystal.pdbx_mosaicity              ? 
_exptl_crystal.pdbx_mosaicity_esd          ? 
# 
_exptl_crystal_grow.apparatus       ? 
_exptl_crystal_grow.atmosphere      ? 
_exptl_crystal_grow.crystal_id      1 
_exptl_crystal_grow.details         ? 
_exptl_crystal_grow.method          'VAPOR DIFFUSION, SITTING DROP' 
_exptl_crystal_grow.method_ref      ? 
_exptl_crystal_grow.pH              ? 
_exptl_crystal_grow.pressure        ? 
_exptl_crystal_grow.pressure_esd    ? 
_exptl_crystal_grow.seeding         ? 
_exptl_crystal_grow.seeding_ref     ? 
_exptl_crystal_grow.temp            298 
_exptl_crystal_grow.temp_details    'temperature gradient generated from 60 to 25 C at 0.3 degrees per hour' 
_exptl_crystal_grow.temp_esd        ? 
_exptl_crystal_grow.time            ? 
_exptl_crystal_grow.pdbx_details    
;0.5 mL of 0.05 M Cacodylate pH 6.0 with 10 mM MgCl2, 2.5 mM spermine, 5 mM CaCl2, and 10% isopropanol was added to the reservoir with 2 uL added to the drop containing 4 uL of DNA stock
;
_exptl_crystal_grow.pdbx_pH_range   ? 
# 
_diffrn.ambient_environment              ? 
_diffrn.ambient_temp                     100 
_diffrn.ambient_temp_details             ? 
_diffrn.ambient_temp_esd                 ? 
_diffrn.crystal_id                       1 
_diffrn.crystal_support                  ? 
_diffrn.crystal_treatment                ? 
_diffrn.details                          ? 
_diffrn.id                               1 
_diffrn.ambient_pressure                 ? 
_diffrn.ambient_pressure_esd             ? 
_diffrn.ambient_pressure_gt              ? 
_diffrn.ambient_pressure_lt              ? 
_diffrn.ambient_temp_gt                  ? 
_diffrn.ambient_temp_lt                  ? 
_diffrn.pdbx_serial_crystal_experiment   N 
# 
_diffrn_detector.details                      ? 
_diffrn_detector.detector                     PIXEL 
_diffrn_detector.diffrn_id                    1 
_diffrn_detector.type                         'DECTRIS PILATUS3 6M' 
_diffrn_detector.area_resol_mean              ? 
_diffrn_detector.dtime                        ? 
_diffrn_detector.pdbx_frames_total            ? 
_diffrn_detector.pdbx_collection_time_total   ? 
_diffrn_detector.pdbx_collection_date         2018-08-15 
_diffrn_detector.pdbx_frequency               ? 
# 
_diffrn_radiation.collimation                      ? 
_diffrn_radiation.diffrn_id                        1 
_diffrn_radiation.filter_edge                      ? 
_diffrn_radiation.inhomogeneity                    ? 
_diffrn_radiation.monochromator                    ? 
_diffrn_radiation.polarisn_norm                    ? 
_diffrn_radiation.polarisn_ratio                   ? 
_diffrn_radiation.probe                            ? 
_diffrn_radiation.type                             ? 
_diffrn_radiation.xray_symbol                      ? 
_diffrn_radiation.wavelength_id                    1 
_diffrn_radiation.pdbx_monochromatic_or_laue_m_l   M 
_diffrn_radiation.pdbx_wavelength_list             ? 
_diffrn_radiation.pdbx_wavelength                  ? 
_diffrn_radiation.pdbx_diffrn_protocol             'SINGLE WAVELENGTH' 
_diffrn_radiation.pdbx_analyzer                    ? 
_diffrn_radiation.pdbx_scattering_type             x-ray 
# 
_diffrn_radiation_wavelength.id           1 
_diffrn_radiation_wavelength.wavelength   1 
_diffrn_radiation_wavelength.wt           1.0 
# 
_diffrn_source.current                     ? 
_diffrn_source.details                     ? 
_diffrn_source.diffrn_id                   1 
_diffrn_source.power                       ? 
_diffrn_source.size                        ? 
_diffrn_source.source                      SYNCHROTRON 
_diffrn_source.target                      ? 
_diffrn_source.type                        'ALS BEAMLINE 5.0.2' 
_diffrn_source.voltage                     ? 
_diffrn_source.take-off_angle              ? 
_diffrn_source.pdbx_wavelength_list        1 
_diffrn_source.pdbx_wavelength             ? 
_diffrn_source.pdbx_synchrotron_beamline   5.0.2 
_diffrn_source.pdbx_synchrotron_site       ALS 
# 
_reflns.B_iso_Wilson_estimate            97.250 
_reflns.entry_id                         7JKK 
_reflns.data_reduction_details           ? 
_reflns.data_reduction_method            ? 
_reflns.d_resolution_high                2.794 
_reflns.d_resolution_low                 50.000 
_reflns.details                          ? 
_reflns.limit_h_max                      ? 
_reflns.limit_h_min                      ? 
_reflns.limit_k_max                      ? 
_reflns.limit_k_min                      ? 
_reflns.limit_l_max                      ? 
_reflns.limit_l_min                      ? 
_reflns.number_all                       ? 
_reflns.number_obs                       6150 
_reflns.observed_criterion               ? 
_reflns.observed_criterion_F_max         ? 
_reflns.observed_criterion_F_min         ? 
_reflns.observed_criterion_I_max         ? 
_reflns.observed_criterion_I_min         ? 
_reflns.observed_criterion_sigma_F       ? 
_reflns.observed_criterion_sigma_I       ? 
_reflns.percent_possible_obs             99.700 
_reflns.R_free_details                   ? 
_reflns.Rmerge_F_all                     ? 
_reflns.Rmerge_F_obs                     ? 
_reflns.Friedel_coverage                 ? 
_reflns.number_gt                        ? 
_reflns.threshold_expression             ? 
_reflns.pdbx_redundancy                  10.200 
_reflns.pdbx_Rmerge_I_obs                0.115 
_reflns.pdbx_Rmerge_I_all                ? 
_reflns.pdbx_Rsym_value                  ? 
_reflns.pdbx_netI_over_av_sigmaI         ? 
_reflns.pdbx_netI_over_sigmaI            12.300 
_reflns.pdbx_res_netI_over_av_sigmaI_2   ? 
_reflns.pdbx_res_netI_over_sigmaI_2      ? 
_reflns.pdbx_chi_squared                 6.759 
_reflns.pdbx_scaling_rejects             ? 
_reflns.pdbx_d_res_high_opt              ? 
_reflns.pdbx_d_res_low_opt               ? 
_reflns.pdbx_d_res_opt_method            ? 
_reflns.phase_calculation_details        ? 
_reflns.pdbx_Rrim_I_all                  0.121 
_reflns.pdbx_Rpim_I_all                  0.038 
_reflns.pdbx_d_opt                       ? 
_reflns.pdbx_number_measured_all         ? 
_reflns.pdbx_diffrn_id                   1 
_reflns.pdbx_ordinal                     1 
_reflns.pdbx_CC_half                     1.00 
_reflns.pdbx_CC_star                     ? 
_reflns.pdbx_R_split                     ? 
# 
loop_
_reflns_shell.d_res_high 
_reflns_shell.d_res_low 
_reflns_shell.meanI_over_sigI_all 
_reflns_shell.meanI_over_sigI_obs 
_reflns_shell.number_measured_all 
_reflns_shell.number_measured_obs 
_reflns_shell.number_possible 
_reflns_shell.number_unique_all 
_reflns_shell.number_unique_obs 
_reflns_shell.percent_possible_all 
_reflns_shell.percent_possible_obs 
_reflns_shell.Rmerge_F_all 
_reflns_shell.Rmerge_F_obs 
_reflns_shell.Rmerge_I_all 
_reflns_shell.Rmerge_I_obs 
_reflns_shell.meanI_over_sigI_gt 
_reflns_shell.meanI_over_uI_all 
_reflns_shell.meanI_over_uI_gt 
_reflns_shell.number_measured_gt 
_reflns_shell.number_unique_gt 
_reflns_shell.percent_possible_gt 
_reflns_shell.Rmerge_F_gt 
_reflns_shell.Rmerge_I_gt 
_reflns_shell.pdbx_redundancy 
_reflns_shell.pdbx_Rsym_value 
_reflns_shell.pdbx_chi_squared 
_reflns_shell.pdbx_netI_over_sigmaI_all 
_reflns_shell.pdbx_netI_over_sigmaI_obs 
_reflns_shell.pdbx_Rrim_I_all 
_reflns_shell.pdbx_Rpim_I_all 
_reflns_shell.pdbx_rejects 
_reflns_shell.pdbx_ordinal 
_reflns_shell.pdbx_diffrn_id 
_reflns_shell.pdbx_CC_half 
_reflns_shell.pdbx_CC_star 
_reflns_shell.pdbx_R_split 
2.800 2.850  ? ? ? ? ? ? 319 100.000 ? ? ? ? 1.124 ? ? ? ? ? ? ? ? 9.400  ? 0.610  ? ? 1.191 0.388 ? 1  1 0.662 ? ? 
2.850 2.900  ? ? ? ? ? ? 313 100.000 ? ? ? ? 0.804 ? ? ? ? ? ? ? ? 9.800  ? 0.587  ? ? 0.849 0.270 ? 2  1 0.779 ? ? 
2.900 2.960  ? ? ? ? ? ? 308 100.000 ? ? ? ? 0.733 ? ? ? ? ? ? ? ? 9.900  ? 0.749  ? ? 0.773 0.245 ? 3  1 0.837 ? ? 
2.960 3.020  ? ? ? ? ? ? 294 100.000 ? ? ? ? 0.606 ? ? ? ? ? ? ? ? 9.500  ? 0.867  ? ? 0.641 0.208 ? 4  1 0.892 ? ? 
3.020 3.080  ? ? ? ? ? ? 328 100.000 ? ? ? ? 0.400 ? ? ? ? ? ? ? ? 10.200 ? 1.571  ? ? 0.421 0.131 ? 5  1 0.942 ? ? 
3.080 3.150  ? ? ? ? ? ? 288 100.000 ? ? ? ? 0.285 ? ? ? ? ? ? ? ? 10.300 ? 5.126  ? ? 0.300 0.093 ? 6  1 0.970 ? ? 
3.150 3.230  ? ? ? ? ? ? 318 98.500  ? ? ? ? 0.241 ? ? ? ? ? ? ? ? 10.400 ? 7.558  ? ? 0.255 0.082 ? 7  1 0.983 ? ? 
3.230 3.320  ? ? ? ? ? ? 284 98.600  ? ? ? ? 0.237 ? ? ? ? ? ? ? ? 10.700 ? 8.087  ? ? 0.249 0.077 ? 8  1 0.989 ? ? 
3.320 3.420  ? ? ? ? ? ? 312 97.200  ? ? ? ? 0.218 ? ? ? ? ? ? ? ? 10.500 ? 9.544  ? ? 0.230 0.072 ? 9  1 0.971 ? ? 
3.420 3.530  ? ? ? ? ? ? 314 100.000 ? ? ? ? 0.219 ? ? ? ? ? ? ? ? 10.200 ? 11.261 ? ? 0.231 0.072 ? 10 1 0.973 ? ? 
3.530 3.650  ? ? ? ? ? ? 303 100.000 ? ? ? ? 0.198 ? ? ? ? ? ? ? ? 9.700  ? 9.967  ? ? 0.209 0.067 ? 11 1 0.982 ? ? 
3.650 3.800  ? ? ? ? ? ? 300 100.000 ? ? ? ? 0.195 ? ? ? ? ? ? ? ? 10.000 ? 8.824  ? ? 0.205 0.065 ? 12 1 0.977 ? ? 
3.800 3.970  ? ? ? ? ? ? 315 100.000 ? ? ? ? 0.172 ? ? ? ? ? ? ? ? 10.400 ? 8.440  ? ? 0.181 0.056 ? 13 1 0.982 ? ? 
3.970 4.180  ? ? ? ? ? ? 306 100.000 ? ? ? ? 0.154 ? ? ? ? ? ? ? ? 10.700 ? 10.452 ? ? 0.162 0.050 ? 14 1 0.987 ? ? 
4.180 4.440  ? ? ? ? ? ? 302 100.000 ? ? ? ? 0.150 ? ? ? ? ? ? ? ? 10.600 ? 10.376 ? ? 0.158 0.049 ? 15 1 0.980 ? ? 
4.440 4.790  ? ? ? ? ? ? 306 100.000 ? ? ? ? 0.139 ? ? ? ? ? ? ? ? 10.300 ? 8.571  ? ? 0.146 0.045 ? 16 1 0.981 ? ? 
4.790 5.270  ? ? ? ? ? ? 319 100.000 ? ? ? ? 0.121 ? ? ? ? ? ? ? ? 10.200 ? 8.926  ? ? 0.127 0.039 ? 17 1 0.990 ? ? 
5.270 6.030  ? ? ? ? ? ? 301 100.000 ? ? ? ? 0.102 ? ? ? ? ? ? ? ? 11.000 ? 8.160  ? ? 0.107 0.032 ? 18 1 0.993 ? ? 
6.030 7.590  ? ? ? ? ? ? 310 100.000 ? ? ? ? 0.095 ? ? ? ? ? ? ? ? 10.600 ? 6.850  ? ? 0.100 0.031 ? 19 1 0.995 ? ? 
7.590 50.000 ? ? ? ? ? ? 310 99.700  ? ? ? ? 0.079 ? ? ? ? ? ? ? ? 10.500 ? 7.030  ? ? 0.084 0.027 ? 20 1 0.990 ? ? 
# 
_refine.aniso_B[1][1]                            ? 
_refine.aniso_B[1][2]                            ? 
_refine.aniso_B[1][3]                            ? 
_refine.aniso_B[2][2]                            ? 
_refine.aniso_B[2][3]                            ? 
_refine.aniso_B[3][3]                            ? 
_refine.B_iso_max                                187.470 
_refine.B_iso_mean                               84.4515 
_refine.B_iso_min                                51.960 
_refine.correlation_coeff_Fo_to_Fc               ? 
_refine.correlation_coeff_Fo_to_Fc_free          ? 
_refine.details                                  ? 
_refine.diff_density_max                         ? 
_refine.diff_density_max_esd                     ? 
_refine.diff_density_min                         ? 
_refine.diff_density_min_esd                     ? 
_refine.diff_density_rms                         ? 
_refine.diff_density_rms_esd                     ? 
_refine.entry_id                                 7JKK 
_refine.pdbx_refine_id                           'X-RAY DIFFRACTION' 
_refine.ls_abs_structure_details                 ? 
_refine.ls_abs_structure_Flack                   ? 
_refine.ls_abs_structure_Flack_esd               ? 
_refine.ls_abs_structure_Rogers                  ? 
_refine.ls_abs_structure_Rogers_esd              ? 
_refine.ls_d_res_high                            2.7940 
_refine.ls_d_res_low                             46.0170 
_refine.ls_extinction_coef                       ? 
_refine.ls_extinction_coef_esd                   ? 
_refine.ls_extinction_expression                 ? 
_refine.ls_extinction_method                     ? 
_refine.ls_goodness_of_fit_all                   ? 
_refine.ls_goodness_of_fit_all_esd               ? 
_refine.ls_goodness_of_fit_obs                   ? 
_refine.ls_goodness_of_fit_obs_esd               ? 
_refine.ls_hydrogen_treatment                    ? 
_refine.ls_matrix_type                           ? 
_refine.ls_number_constraints                    ? 
_refine.ls_number_parameters                     ? 
_refine.ls_number_reflns_all                     ? 
_refine.ls_number_reflns_obs                     6107 
_refine.ls_number_reflns_R_free                  607 
_refine.ls_number_reflns_R_work                  5500 
_refine.ls_number_restraints                     ? 
_refine.ls_percent_reflns_obs                    98.9600 
_refine.ls_percent_reflns_R_free                 9.9400 
_refine.ls_R_factor_all                          ? 
_refine.ls_R_factor_obs                          0.2330 
_refine.ls_R_factor_R_free                       0.2568 
_refine.ls_R_factor_R_free_error                 ? 
_refine.ls_R_factor_R_free_error_details         ? 
_refine.ls_R_factor_R_work                       0.2302 
_refine.ls_R_Fsqd_factor_obs                     ? 
_refine.ls_R_I_factor_obs                        ? 
_refine.ls_redundancy_reflns_all                 ? 
_refine.ls_redundancy_reflns_obs                 ? 
_refine.ls_restrained_S_all                      ? 
_refine.ls_restrained_S_obs                      ? 
_refine.ls_shift_over_esd_max                    ? 
_refine.ls_shift_over_esd_mean                   ? 
_refine.ls_structure_factor_coef                 ? 
_refine.ls_weighting_details                     ? 
_refine.ls_weighting_scheme                      ? 
_refine.ls_wR_factor_all                         ? 
_refine.ls_wR_factor_obs                         ? 
_refine.ls_wR_factor_R_free                      ? 
_refine.ls_wR_factor_R_work                      ? 
_refine.occupancy_max                            ? 
_refine.occupancy_min                            ? 
_refine.solvent_model_details                    'FLAT BULK SOLVENT MODEL' 
_refine.solvent_model_param_bsol                 ? 
_refine.solvent_model_param_ksol                 ? 
_refine.pdbx_R_complete                          ? 
_refine.ls_R_factor_gt                           ? 
_refine.ls_goodness_of_fit_gt                    ? 
_refine.ls_goodness_of_fit_ref                   ? 
_refine.ls_shift_over_su_max                     ? 
_refine.ls_shift_over_su_max_lt                  ? 
_refine.ls_shift_over_su_mean                    ? 
_refine.ls_shift_over_su_mean_lt                 ? 
_refine.pdbx_ls_sigma_I                          ? 
_refine.pdbx_ls_sigma_F                          2.020 
_refine.pdbx_ls_sigma_Fsqd                       ? 
_refine.pdbx_data_cutoff_high_absF               ? 
_refine.pdbx_data_cutoff_high_rms_absF           ? 
_refine.pdbx_data_cutoff_low_absF                ? 
_refine.pdbx_isotropic_thermal_model             ? 
_refine.pdbx_ls_cross_valid_method               THROUGHOUT 
_refine.pdbx_method_to_determine_struct          'MOLECULAR REPLACEMENT' 
_refine.pdbx_starting_model                      5VY6 
_refine.pdbx_stereochemistry_target_values       ML 
_refine.pdbx_R_Free_selection_details            ? 
_refine.pdbx_stereochem_target_val_spec_case     ? 
_refine.pdbx_overall_ESU_R                       ? 
_refine.pdbx_overall_ESU_R_Free                  ? 
_refine.pdbx_solvent_vdw_probe_radii             1.1100 
_refine.pdbx_solvent_ion_probe_radii             ? 
_refine.pdbx_solvent_shrinkage_radii             0.9000 
_refine.pdbx_real_space_R                        ? 
_refine.pdbx_density_correlation                 ? 
_refine.pdbx_pd_number_of_powder_patterns        ? 
_refine.pdbx_pd_number_of_points                 ? 
_refine.pdbx_pd_meas_number_of_points            ? 
_refine.pdbx_pd_proc_ls_prof_R_factor            ? 
_refine.pdbx_pd_proc_ls_prof_wR_factor           ? 
_refine.pdbx_pd_Marquardt_correlation_coeff      ? 
_refine.pdbx_pd_Fsqrd_R_factor                   ? 
_refine.pdbx_pd_ls_matrix_band_width             ? 
_refine.pdbx_overall_phase_error                 38.4500 
_refine.pdbx_overall_SU_R_free_Cruickshank_DPI   ? 
_refine.pdbx_overall_SU_R_free_Blow_DPI          ? 
_refine.pdbx_overall_SU_R_Blow_DPI               ? 
_refine.pdbx_TLS_residual_ADP_flag               ? 
_refine.pdbx_diffrn_id                           1 
_refine.overall_SU_B                             ? 
_refine.overall_SU_ML                            0.7700 
_refine.overall_SU_R_Cruickshank_DPI             ? 
_refine.overall_SU_R_free                        ? 
_refine.overall_FOM_free_R_set                   ? 
_refine.overall_FOM_work_R_set                   ? 
_refine.pdbx_average_fsc_overall                 ? 
_refine.pdbx_average_fsc_work                    ? 
_refine.pdbx_average_fsc_free                    ? 
# 
_refine_hist.pdbx_refine_id                   'X-RAY DIFFRACTION' 
_refine_hist.cycle_id                         final 
_refine_hist.details                          ? 
_refine_hist.d_res_high                       2.7940 
_refine_hist.d_res_low                        46.0170 
_refine_hist.number_atoms_solvent             0 
_refine_hist.number_atoms_total               859 
_refine_hist.number_reflns_all                ? 
_refine_hist.number_reflns_obs                ? 
_refine_hist.number_reflns_R_free             ? 
_refine_hist.number_reflns_R_work             ? 
_refine_hist.R_factor_all                     ? 
_refine_hist.R_factor_obs                     ? 
_refine_hist.R_factor_R_free                  ? 
_refine_hist.R_factor_R_work                  ? 
_refine_hist.pdbx_number_residues_total       42 
_refine_hist.pdbx_B_iso_mean_ligand           112.38 
_refine_hist.pdbx_B_iso_mean_solvent          ? 
_refine_hist.pdbx_number_atoms_protein        0 
_refine_hist.pdbx_number_atoms_nucleic_acid   855 
_refine_hist.pdbx_number_atoms_ligand         4 
_refine_hist.pdbx_number_atoms_lipid          ? 
_refine_hist.pdbx_number_atoms_carb           ? 
_refine_hist.pdbx_pseudo_atom_details         ? 
# 
loop_
_refine_ls_restr.pdbx_refine_id 
_refine_ls_restr.criterion 
_refine_ls_restr.dev_ideal 
_refine_ls_restr.dev_ideal_target 
_refine_ls_restr.number 
_refine_ls_restr.rejects 
_refine_ls_restr.type 
_refine_ls_restr.weight 
_refine_ls_restr.pdbx_restraint_function 
'X-RAY DIFFRACTION' ? 0.005  ? 956  ? f_bond_d           ? ? 
'X-RAY DIFFRACTION' ? 0.729  ? 1467 ? f_angle_d          ? ? 
'X-RAY DIFFRACTION' ? 0.038  ? 166  ? f_chiral_restr     ? ? 
'X-RAY DIFFRACTION' ? 0.003  ? 42   ? f_plane_restr      ? ? 
'X-RAY DIFFRACTION' ? 35.693 ? 406  ? f_dihedral_angle_d ? ? 
# 
loop_
_refine_ls_shell.pdbx_refine_id 
_refine_ls_shell.d_res_high 
_refine_ls_shell.d_res_low 
_refine_ls_shell.number_reflns_all 
_refine_ls_shell.number_reflns_obs 
_refine_ls_shell.number_reflns_R_free 
_refine_ls_shell.number_reflns_R_work 
_refine_ls_shell.percent_reflns_obs 
_refine_ls_shell.percent_reflns_R_free 
_refine_ls_shell.R_factor_all 
_refine_ls_shell.R_factor_obs 
_refine_ls_shell.R_factor_R_free 
_refine_ls_shell.R_factor_R_free_error 
_refine_ls_shell.R_factor_R_work 
_refine_ls_shell.redundancy_reflns_all 
_refine_ls_shell.redundancy_reflns_obs 
_refine_ls_shell.wR_factor_all 
_refine_ls_shell.wR_factor_obs 
_refine_ls_shell.wR_factor_R_free 
_refine_ls_shell.wR_factor_R_work 
_refine_ls_shell.pdbx_R_complete 
_refine_ls_shell.pdbx_total_number_of_bins_used 
_refine_ls_shell.pdbx_phase_error 
_refine_ls_shell.pdbx_fsc_work 
_refine_ls_shell.pdbx_fsc_free 
'X-RAY DIFFRACTION' 2.794  3.0748 . . 157 1405 100.0000 . . . 0.5988 0.0000 0.5378 . . . . . . . . . . . 
'X-RAY DIFFRACTION' 3.0748 3.5195 . . 147 1330 96.0000  . . . 0.2995 0.0000 0.2833 . . . . . . . . . . . 
'X-RAY DIFFRACTION' 3.5195 4.4337 . . 150 1374 100.0000 . . . 0.3092 0.0000 0.2629 . . . . . . . . . . . 
'X-RAY DIFFRACTION' 4.4337 46.017 . . 153 1391 100.0000 . . . 0.1923 0.0000 0.1739 . . . . . . . . . . . 
# 
_struct.entry_id                     7JKK 
_struct.title                        
;Self-assembly of a 3D DNA crystal lattice (4x6 scramble duplex version) containing the J10 immobile Holliday junction with R3 symmetry
;
_struct.pdbx_model_details           ? 
_struct.pdbx_formula_weight          ? 
_struct.pdbx_formula_weight_method   ? 
_struct.pdbx_model_type_details      ? 
_struct.pdbx_CASP_flag               N 
# 
_struct_keywords.entry_id        7JKK 
_struct_keywords.text            
'Structural DNA nanotechnology, immobile Holliday junctions, 3D DNA self-assembly, designer DNA crystals, DNA' 
_struct_keywords.pdbx_keywords   DNA 
# 
loop_
_struct_asym.id 
_struct_asym.pdbx_blank_PDB_chainid_flag 
_struct_asym.pdbx_modified 
_struct_asym.entity_id 
_struct_asym.details 
A N N 1 ? 
B N N 2 ? 
C N N 3 ? 
D N N 4 ? 
E N N 5 ? 
F N N 6 ? 
G N N 5 ? 
H N N 5 ? 
# 
loop_
_struct_conn.id 
_struct_conn.conn_type_id 
_struct_conn.pdbx_leaving_atom_flag 
_struct_conn.pdbx_PDB_id 
_struct_conn.ptnr1_label_asym_id 
_struct_conn.ptnr1_label_comp_id 
_struct_conn.ptnr1_label_seq_id 
_struct_conn.ptnr1_label_atom_id 
_struct_conn.pdbx_ptnr1_label_alt_id 
_struct_conn.pdbx_ptnr1_PDB_ins_code 
_struct_conn.pdbx_ptnr1_standard_comp_id 
_struct_conn.ptnr1_symmetry 
_struct_conn.ptnr2_label_asym_id 
_struct_conn.ptnr2_label_comp_id 
_struct_conn.ptnr2_label_seq_id 
_struct_conn.ptnr2_label_atom_id 
_struct_conn.pdbx_ptnr2_label_alt_id 
_struct_conn.pdbx_ptnr2_PDB_ins_code 
_struct_conn.ptnr1_auth_asym_id 
_struct_conn.ptnr1_auth_comp_id 
_struct_conn.ptnr1_auth_seq_id 
_struct_conn.ptnr2_auth_asym_id 
_struct_conn.ptnr2_auth_comp_id 
_struct_conn.ptnr2_auth_seq_id 
_struct_conn.ptnr2_symmetry 
_struct_conn.pdbx_ptnr3_label_atom_id 
_struct_conn.pdbx_ptnr3_label_seq_id 
_struct_conn.pdbx_ptnr3_label_comp_id 
_struct_conn.pdbx_ptnr3_label_asym_id 
_struct_conn.pdbx_ptnr3_label_alt_id 
_struct_conn.pdbx_ptnr3_PDB_ins_code 
_struct_conn.details 
_struct_conn.pdbx_dist_value 
_struct_conn.pdbx_value_order 
_struct_conn.pdbx_role 
hydrog1  hydrog ? ? A DA 3  N1 ? ? ? 1_555 C DT 7 N3 ? ? B DA 9  D DT 42 1_555 ? ? ? ? ? ? WATSON-CRICK ? ? ? 
hydrog2  hydrog ? ? A DA 3  N6 ? ? ? 1_555 C DT 7 O4 ? ? B DA 9  D DT 42 1_555 ? ? ? ? ? ? WATSON-CRICK ? ? ? 
hydrog3  hydrog ? ? A DC 4  N3 ? ? ? 1_555 C DG 6 N1 ? ? B DC 10 D DG 41 1_555 ? ? ? ? ? ? WATSON-CRICK ? ? ? 
hydrog4  hydrog ? ? A DC 4  N4 ? ? ? 1_555 C DG 6 O6 ? ? B DC 10 D DG 41 1_555 ? ? ? ? ? ? WATSON-CRICK ? ? ? 
hydrog5  hydrog ? ? A DC 4  O2 ? ? ? 1_555 C DG 6 N2 ? ? B DC 10 D DG 41 1_555 ? ? ? ? ? ? WATSON-CRICK ? ? ? 
hydrog6  hydrog ? ? A DG 5  N1 ? ? ? 1_555 C DC 5 N3 ? ? B DG 11 D DC 40 1_555 ? ? ? ? ? ? WATSON-CRICK ? ? ? 
hydrog7  hydrog ? ? A DG 5  N2 ? ? ? 1_555 C DC 5 O2 ? ? B DG 11 D DC 40 1_555 ? ? ? ? ? ? WATSON-CRICK ? ? ? 
hydrog8  hydrog ? ? A DG 5  O6 ? ? ? 1_555 C DC 5 N4 ? ? B DG 11 D DC 40 1_555 ? ? ? ? ? ? WATSON-CRICK ? ? ? 
hydrog9  hydrog ? ? A DA 6  N1 ? ? ? 1_555 C DT 4 N3 ? ? B DA 12 D DT 39 1_555 ? ? ? ? ? ? WATSON-CRICK ? ? ? 
hydrog10 hydrog ? ? A DA 6  N6 ? ? ? 1_555 C DT 4 O4 ? ? B DA 12 D DT 39 1_555 ? ? ? ? ? ? WATSON-CRICK ? ? ? 
hydrog11 hydrog ? ? A DC 7  N3 ? ? ? 1_555 C DG 3 N1 ? ? B DC 13 D DG 38 1_555 ? ? ? ? ? ? WATSON-CRICK ? ? ? 
hydrog12 hydrog ? ? A DC 7  N4 ? ? ? 1_555 C DG 3 O6 ? ? B DC 13 D DG 38 1_555 ? ? ? ? ? ? WATSON-CRICK ? ? ? 
hydrog13 hydrog ? ? A DC 7  O2 ? ? ? 1_555 C DG 3 N2 ? ? B DC 13 D DG 38 1_555 ? ? ? ? ? ? WATSON-CRICK ? ? ? 
hydrog14 hydrog ? ? A DA 8  N1 ? ? ? 1_555 C DT 2 N3 ? ? B DA 14 D DT 37 1_555 ? ? ? ? ? ? WATSON-CRICK ? ? ? 
hydrog15 hydrog ? ? A DA 8  N6 ? ? ? 1_555 C DT 2 O4 ? ? B DA 14 D DT 37 1_555 ? ? ? ? ? ? WATSON-CRICK ? ? ? 
hydrog16 hydrog ? ? A DC 9  N3 ? ? ? 1_555 C DG 1 N1 ? ? B DC 15 D DG 36 1_555 ? ? ? ? ? ? WATSON-CRICK ? ? ? 
hydrog17 hydrog ? ? A DC 9  N4 ? ? ? 1_555 C DG 1 O6 ? ? B DC 15 D DG 36 1_555 ? ? ? ? ? ? WATSON-CRICK ? ? ? 
hydrog18 hydrog ? ? A DC 9  O2 ? ? ? 1_555 C DG 1 N2 ? ? B DC 15 D DG 36 1_555 ? ? ? ? ? ? WATSON-CRICK ? ? ? 
hydrog19 hydrog ? ? A DT 10 N3 ? ? ? 1_555 D DA 6 N1 ? ? B DT 16 A DA 6  1_555 ? ? ? ? ? ? WATSON-CRICK ? ? ? 
hydrog20 hydrog ? ? A DT 10 O4 ? ? ? 1_555 D DA 6 N6 ? ? B DT 16 A DA 6  1_555 ? ? ? ? ? ? WATSON-CRICK ? ? ? 
hydrog21 hydrog ? ? A DG 11 N1 ? ? ? 1_555 D DC 5 N3 ? ? B DG 17 A DC 5  1_555 ? ? ? ? ? ? WATSON-CRICK ? ? ? 
hydrog22 hydrog ? ? A DG 11 N2 ? ? ? 1_555 D DC 5 O2 ? ? B DG 17 A DC 5  1_555 ? ? ? ? ? ? WATSON-CRICK ? ? ? 
hydrog23 hydrog ? ? A DG 11 O6 ? ? ? 1_555 D DC 5 N4 ? ? B DG 17 A DC 5  1_555 ? ? ? ? ? ? WATSON-CRICK ? ? ? 
hydrog24 hydrog ? ? A DA 12 N1 ? ? ? 1_555 D DT 4 N3 ? ? B DA 18 A DT 4  1_555 ? ? ? ? ? ? WATSON-CRICK ? ? ? 
hydrog25 hydrog ? ? A DA 12 N6 ? ? ? 1_555 D DT 4 O4 ? ? B DA 18 A DT 4  1_555 ? ? ? ? ? ? WATSON-CRICK ? ? ? 
hydrog26 hydrog ? ? A DC 13 N3 ? ? ? 1_555 D DG 3 N1 ? ? B DC 19 A DG 3  1_555 ? ? ? ? ? ? WATSON-CRICK ? ? ? 
hydrog27 hydrog ? ? A DC 13 N4 ? ? ? 1_555 D DG 3 O6 ? ? B DC 19 A DG 3  1_555 ? ? ? ? ? ? WATSON-CRICK ? ? ? 
hydrog28 hydrog ? ? A DC 13 O2 ? ? ? 1_555 D DG 3 N2 ? ? B DC 19 A DG 3  1_555 ? ? ? ? ? ? WATSON-CRICK ? ? ? 
hydrog29 hydrog ? ? A DG 14 N1 ? ? ? 1_555 D DC 2 N3 ? ? B DG 20 A DC 2  1_555 ? ? ? ? ? ? WATSON-CRICK ? ? ? 
hydrog30 hydrog ? ? A DG 14 N2 ? ? ? 1_555 D DC 2 O2 ? ? B DG 20 A DC 2  1_555 ? ? ? ? ? ? WATSON-CRICK ? ? ? 
hydrog31 hydrog ? ? A DG 14 O6 ? ? ? 1_555 D DC 2 N4 ? ? B DG 20 A DC 2  1_555 ? ? ? ? ? ? WATSON-CRICK ? ? ? 
hydrog32 hydrog ? ? A DT 15 N3 ? ? ? 1_555 D DA 1 N1 ? ? B DT 21 A DA 1  1_555 ? ? ? ? ? ? WATSON-CRICK ? ? ? 
hydrog33 hydrog ? ? A DT 15 O4 ? ? ? 1_555 D DA 1 N6 ? ? B DT 21 A DA 1  1_555 ? ? ? ? ? ? WATSON-CRICK ? ? ? 
hydrog34 hydrog ? ? A DC 16 N3 ? ? ? 1_555 B DG 8 N1 ? ? B DC 22 C DG 35 1_555 ? ? ? ? ? ? WATSON-CRICK ? ? ? 
hydrog35 hydrog ? ? A DC 16 N4 ? ? ? 1_555 B DG 8 O6 ? ? B DC 22 C DG 35 1_555 ? ? ? ? ? ? WATSON-CRICK ? ? ? 
hydrog36 hydrog ? ? A DC 16 O2 ? ? ? 1_555 B DG 8 N2 ? ? B DC 22 C DG 35 1_555 ? ? ? ? ? ? WATSON-CRICK ? ? ? 
hydrog37 hydrog ? ? A DG 17 N1 ? ? ? 1_555 B DC 7 N3 ? ? B DG 23 C DC 34 1_555 ? ? ? ? ? ? WATSON-CRICK ? ? ? 
hydrog38 hydrog ? ? A DG 17 N2 ? ? ? 1_555 B DC 7 O2 ? ? B DG 23 C DC 34 1_555 ? ? ? ? ? ? WATSON-CRICK ? ? ? 
hydrog39 hydrog ? ? A DG 17 O6 ? ? ? 1_555 B DC 7 N4 ? ? B DG 23 C DC 34 1_555 ? ? ? ? ? ? WATSON-CRICK ? ? ? 
hydrog40 hydrog ? ? A DA 18 N1 ? ? ? 1_555 B DT 6 N3 ? ? B DA 24 C DT 33 1_555 ? ? ? ? ? ? WATSON-CRICK ? ? ? 
hydrog41 hydrog ? ? A DA 18 N6 ? ? ? 1_555 B DT 6 O4 ? ? B DA 24 C DT 33 1_555 ? ? ? ? ? ? WATSON-CRICK ? ? ? 
hydrog42 hydrog ? ? A DC 19 N3 ? ? ? 1_555 B DG 5 N1 ? ? B DC 25 C DG 32 1_555 ? ? ? ? ? ? WATSON-CRICK ? ? ? 
hydrog43 hydrog ? ? A DC 19 N4 ? ? ? 1_555 B DG 5 O6 ? ? B DC 25 C DG 32 1_555 ? ? ? ? ? ? WATSON-CRICK ? ? ? 
hydrog44 hydrog ? ? A DC 19 O2 ? ? ? 1_555 B DG 5 N2 ? ? B DC 25 C DG 32 1_555 ? ? ? ? ? ? WATSON-CRICK ? ? ? 
hydrog45 hydrog ? ? A DT 20 N3 ? ? ? 1_555 B DA 4 N1 ? ? B DT 26 C DA 31 1_555 ? ? ? ? ? ? WATSON-CRICK ? ? ? 
hydrog46 hydrog ? ? A DT 20 O4 ? ? ? 1_555 B DA 4 N6 ? ? B DT 26 C DA 31 1_555 ? ? ? ? ? ? WATSON-CRICK ? ? ? 
hydrog47 hydrog ? ? A DC 21 N3 ? ? ? 1_555 B DG 3 N1 ? ? B DC 27 C DG 30 1_555 ? ? ? ? ? ? WATSON-CRICK ? ? ? 
hydrog48 hydrog ? ? A DC 21 N4 ? ? ? 1_555 B DG 3 O6 ? ? B DC 27 C DG 30 1_555 ? ? ? ? ? ? WATSON-CRICK ? ? ? 
hydrog49 hydrog ? ? A DC 21 O2 ? ? ? 1_555 B DG 3 N2 ? ? B DC 27 C DG 30 1_555 ? ? ? ? ? ? WATSON-CRICK ? ? ? 
# 
_struct_conn_type.id          hydrog 
_struct_conn_type.criteria    ? 
_struct_conn_type.reference   ? 
# 
_atom_sites.entry_id                    7JKK 
_atom_sites.Cartn_transf_matrix[1][1]   ? 
_atom_sites.Cartn_transf_matrix[1][2]   ? 
_atom_sites.Cartn_transf_matrix[1][3]   ? 
_atom_sites.Cartn_transf_matrix[2][1]   ? 
_atom_sites.Cartn_transf_matrix[2][2]   ? 
_atom_sites.Cartn_transf_matrix[2][3]   ? 
_atom_sites.Cartn_transf_matrix[3][1]   ? 
_atom_sites.Cartn_transf_matrix[3][2]   ? 
_atom_sites.Cartn_transf_matrix[3][3]   ? 
_atom_sites.Cartn_transf_vector[1]      ? 
_atom_sites.Cartn_transf_vector[2]      ? 
_atom_sites.Cartn_transf_vector[3]      ? 
_atom_sites.fract_transf_matrix[1][1]   0.00347605 
_atom_sites.fract_transf_matrix[1][2]   0.00505653 
_atom_sites.fract_transf_matrix[1][3]   0.00816201 
_atom_sites.fract_transf_matrix[2][1]   0.00994971 
_atom_sites.fract_transf_matrix[2][2]   0.00214840 
_atom_sites.fract_transf_matrix[2][3]   0.00082005 
_atom_sites.fract_transf_matrix[3][1]   -0.00284395 
_atom_sites.fract_transf_matrix[3][2]   0.01664460 
_atom_sites.fract_transf_matrix[3][3]   -0.00910047 
_atom_sites.fract_transf_vector[1]      -0.015082 
_atom_sites.fract_transf_vector[2]      0.250262 
_atom_sites.fract_transf_vector[3]      0.100378 
_atom_sites.solution_primary            ? 
_atom_sites.solution_secondary          ? 
_atom_sites.solution_hydrogens          ? 
_atom_sites.special_details             ? 
# 
loop_
_atom_type.symbol 
AS 
C  
MG 
N  
O  
P  
# 
loop_
_atom_site.group_PDB 
_atom_site.id 
_atom_site.type_symbol 
_atom_site.label_atom_id 
_atom_site.label_alt_id 
_atom_site.label_comp_id 
_atom_site.label_asym_id 
_atom_site.label_entity_id 
_atom_site.label_seq_id 
_atom_site.pdbx_PDB_ins_code 
_atom_site.Cartn_x 
_atom_site.Cartn_y 
_atom_site.Cartn_z 
_atom_site.occupancy 
_atom_site.B_iso_or_equiv 
_atom_site.pdbx_formal_charge 
_atom_site.auth_seq_id 
_atom_site.auth_comp_id 
_atom_site.auth_asym_id 
_atom_site.auth_atom_id 
_atom_site.pdbx_PDB_model_num 
ATOM   1   O  "O5'" . DG  A 1 1  ? -1.963  -28.399 -20.651 1.00 130.24 ? 7   DG  B "O5'" 1 
ATOM   2   C  "C5'" . DG  A 1 1  ? -1.521  -28.441 -22.004 1.00 128.02 ? 7   DG  B "C5'" 1 
ATOM   3   C  "C4'" . DG  A 1 1  ? -2.294  -27.450 -22.856 1.00 130.13 ? 7   DG  B "C4'" 1 
ATOM   4   O  "O4'" . DG  A 1 1  ? -3.705  -27.720 -22.754 1.00 122.17 ? 7   DG  B "O4'" 1 
ATOM   5   C  "C3'" . DG  A 1 1  ? -2.127  -25.987 -22.450 1.00 127.77 ? 7   DG  B "C3'" 1 
ATOM   6   O  "O3'" . DG  A 1 1  ? -1.256  -25.323 -23.360 1.00 137.01 ? 7   DG  B "O3'" 1 
ATOM   7   C  "C2'" . DG  A 1 1  ? -3.551  -25.404 -22.494 1.00 114.92 ? 7   DG  B "C2'" 1 
ATOM   8   C  "C1'" . DG  A 1 1  ? -4.401  -26.541 -23.050 1.00 108.93 ? 7   DG  B "C1'" 1 
ATOM   9   N  N9    . DG  A 1 1  ? -5.730  -26.625 -22.445 1.00 97.61  ? 7   DG  B N9    1 
ATOM   10  C  C8    . DG  A 1 1  ? -6.077  -27.314 -21.308 1.00 96.47  ? 7   DG  B C8    1 
ATOM   11  N  N7    . DG  A 1 1  ? -7.342  -27.213 -21.004 1.00 89.53  ? 7   DG  B N7    1 
ATOM   12  C  C5    . DG  A 1 1  ? -7.870  -26.406 -22.003 1.00 90.34  ? 7   DG  B C5    1 
ATOM   13  C  C6    . DG  A 1 1  ? -9.196  -25.950 -22.200 1.00 87.56  ? 7   DG  B C6    1 
ATOM   14  O  O6    . DG  A 1 1  ? -10.197 -26.181 -21.506 1.00 86.90  ? 7   DG  B O6    1 
ATOM   15  N  N1    . DG  A 1 1  ? -9.303  -25.153 -23.336 1.00 85.31  ? 7   DG  B N1    1 
ATOM   16  C  C2    . DG  A 1 1  ? -8.263  -24.833 -24.177 1.00 88.68  ? 7   DG  B C2    1 
ATOM   17  N  N2    . DG  A 1 1  ? -8.565  -24.049 -25.222 1.00 86.72  ? 7   DG  B N2    1 
ATOM   18  N  N3    . DG  A 1 1  ? -7.013  -25.256 -24.004 1.00 92.10  ? 7   DG  B N3    1 
ATOM   19  C  C4    . DG  A 1 1  ? -6.891  -26.035 -22.900 1.00 92.98  ? 7   DG  B C4    1 
ATOM   20  P  P     . DA  A 1 2  ? -0.949  -23.752 -23.199 1.00 137.41 ? 8   DA  B P     1 
ATOM   21  O  OP1   . DA  A 1 2  ? 0.319   -23.468 -23.905 1.00 145.20 ? 8   DA  B OP1   1 
ATOM   22  O  OP2   . DA  A 1 2  ? -1.084  -23.398 -21.769 1.00 133.03 ? 8   DA  B OP2   1 
ATOM   23  O  "O5'" . DA  A 1 2  ? -2.142  -23.046 -23.995 1.00 122.92 ? 8   DA  B "O5'" 1 
ATOM   24  C  "C5'" . DA  A 1 2  ? -1.859  -22.000 -24.910 1.00 121.66 ? 8   DA  B "C5'" 1 
ATOM   25  C  "C4'" . DA  A 1 2  ? -3.127  -21.262 -25.301 1.00 118.72 ? 8   DA  B "C4'" 1 
ATOM   26  O  "O4'" . DA  A 1 2  ? -4.281  -21.980 -24.804 1.00 110.76 ? 8   DA  B "O4'" 1 
ATOM   27  C  "C3'" . DA  A 1 2  ? -3.227  -19.830 -24.778 1.00 117.29 ? 8   DA  B "C3'" 1 
ATOM   28  O  "O3'" . DA  A 1 2  ? -3.462  -18.932 -25.876 1.00 120.63 ? 8   DA  B "O3'" 1 
ATOM   29  C  "C2'" . DA  A 1 2  ? -4.379  -19.863 -23.762 1.00 109.83 ? 8   DA  B "C2'" 1 
ATOM   30  C  "C1'" . DA  A 1 2  ? -5.167  -21.111 -24.133 1.00 105.90 ? 8   DA  B "C1'" 1 
ATOM   31  N  N9    . DA  A 1 2  ? -5.686  -21.834 -22.973 1.00 98.22  ? 8   DA  B N9    1 
ATOM   32  C  C8    . DA  A 1 2  ? -4.962  -22.585 -22.093 1.00 102.27 ? 8   DA  B C8    1 
ATOM   33  N  N7    . DA  A 1 2  ? -5.678  -23.142 -21.148 1.00 97.19  ? 8   DA  B N7    1 
ATOM   34  C  C5    . DA  A 1 2  ? -6.967  -22.725 -21.419 1.00 92.82  ? 8   DA  B C5    1 
ATOM   35  C  C6    . DA  A 1 2  ? -8.196  -22.970 -20.777 1.00 88.78  ? 8   DA  B C6    1 
ATOM   36  N  N6    . DA  A 1 2  ? -8.315  -23.730 -19.683 1.00 89.07  ? 8   DA  B N6    1 
ATOM   37  N  N1    . DA  A 1 2  ? -9.301  -22.403 -21.303 1.00 85.57  ? 8   DA  B N1    1 
ATOM   38  C  C2    . DA  A 1 2  ? -9.175  -21.643 -22.399 1.00 88.48  ? 8   DA  B C2    1 
ATOM   39  N  N3    . DA  A 1 2  ? -8.076  -21.340 -23.091 1.00 92.60  ? 8   DA  B N3    1 
ATOM   40  C  C4    . DA  A 1 2  ? -6.995  -21.918 -22.544 1.00 93.88  ? 8   DA  B C4    1 
ATOM   41  P  P     . DA  A 1 3  ? -4.148  -17.491 -25.672 1.00 123.40 ? 9   DA  B P     1 
ATOM   42  O  OP1   . DA  A 1 3  ? -3.725  -16.654 -26.816 1.00 139.60 ? 9   DA  B OP1   1 
ATOM   43  O  OP2   . DA  A 1 3  ? -3.898  -16.981 -24.304 1.00 120.14 ? 9   DA  B OP2   1 
ATOM   44  O  "O5'" . DA  A 1 3  ? -5.705  -17.800 -25.846 1.00 117.98 ? 9   DA  B "O5'" 1 
ATOM   45  C  "C5'" . DA  A 1 3  ? -6.550  -16.857 -26.487 1.00 119.39 ? 9   DA  B "C5'" 1 
ATOM   46  C  "C4'" . DA  A 1 3  ? -7.506  -16.240 -25.489 1.00 118.29 ? 9   DA  B "C4'" 1 
ATOM   47  O  "O4'" . DA  A 1 3  ? -8.003  -17.275 -24.620 1.00 112.85 ? 9   DA  B "O4'" 1 
ATOM   48  C  "C3'" . DA  A 1 3  ? -6.876  -15.222 -24.553 1.00 118.40 ? 9   DA  B "C3'" 1 
ATOM   49  O  "O3'" . DA  A 1 3  ? -6.909  -13.878 -25.119 1.00 120.90 ? 9   DA  B "O3'" 1 
ATOM   50  C  "C2'" . DA  A 1 3  ? -7.704  -15.337 -23.275 1.00 110.68 ? 9   DA  B "C2'" 1 
ATOM   51  C  "C1'" . DA  A 1 3  ? -8.354  -16.720 -23.370 1.00 105.47 ? 9   DA  B "C1'" 1 
ATOM   52  N  N9    . DA  A 1 3  ? -7.925  -17.634 -22.316 1.00 96.26  ? 9   DA  B N9    1 
ATOM   53  C  C8    . DA  A 1 3  ? -6.653  -18.068 -22.067 1.00 97.37  ? 9   DA  B C8    1 
ATOM   54  N  N7    . DA  A 1 3  ? -6.563  -18.891 -21.049 1.00 92.39  ? 9   DA  B N7    1 
ATOM   55  C  C5    . DA  A 1 3  ? -7.866  -19.002 -20.596 1.00 91.80  ? 9   DA  B C5    1 
ATOM   56  C  C6    . DA  A 1 3  ? -8.443  -19.730 -19.538 1.00 89.41  ? 9   DA  B C6    1 
ATOM   57  N  N6    . DA  A 1 3  ? -7.741  -20.513 -18.715 1.00 87.73  ? 9   DA  B N6    1 
ATOM   58  N  N1    . DA  A 1 3  ? -9.775  -19.620 -19.357 1.00 86.24  ? 9   DA  B N1    1 
ATOM   59  C  C2    . DA  A 1 3  ? -10.476 -18.834 -20.183 1.00 87.73  ? 9   DA  B C2    1 
ATOM   60  N  N3    . DA  A 1 3  ? -10.046 -18.103 -21.211 1.00 89.16  ? 9   DA  B N3    1 
ATOM   61  C  C4    . DA  A 1 3  ? -8.719  -18.233 -21.365 1.00 92.17  ? 9   DA  B C4    1 
ATOM   62  P  P     . DC  A 1 4  ? -8.280  -13.101 -25.483 1.00 126.47 ? 10  DC  B P     1 
ATOM   63  O  OP1   . DC  A 1 4  ? -9.128  -13.898 -26.396 1.00 130.36 ? 10  DC  B OP1   1 
ATOM   64  O  OP2   . DC  A 1 4  ? -7.854  -11.757 -25.922 1.00 137.14 ? 10  DC  B OP2   1 
ATOM   65  O  "O5'" . DC  A 1 4  ? -9.060  -12.912 -24.096 1.00 115.86 ? 10  DC  B "O5'" 1 
ATOM   66  C  "C5'" . DC  A 1 4  ? -10.429 -12.528 -24.125 1.00 113.58 ? 10  DC  B "C5'" 1 
ATOM   67  C  "C4'" . DC  A 1 4  ? -11.074 -12.567 -22.746 1.00 114.07 ? 10  DC  B "C4'" 1 
ATOM   68  O  "O4'" . DC  A 1 4  ? -10.899 -13.858 -22.131 1.00 107.72 ? 10  DC  B "O4'" 1 
ATOM   69  C  "C3'" . DC  A 1 4  ? -10.510 -11.609 -21.718 1.00 113.39 ? 10  DC  B "C3'" 1 
ATOM   70  O  "O3'" . DC  A 1 4  ? -10.985 -10.251 -21.932 1.00 119.13 ? 10  DC  B "O3'" 1 
ATOM   71  C  "C2'" . DC  A 1 4  ? -11.025 -12.214 -20.415 1.00 105.51 ? 10  DC  B "C2'" 1 
ATOM   72  C  "C1'" . DC  A 1 4  ? -11.109 -13.711 -20.732 1.00 102.81 ? 10  DC  B "C1'" 1 
ATOM   73  N  N1    . DC  A 1 4  ? -10.103 -14.534 -20.003 1.00 94.53  ? 10  DC  B N1    1 
ATOM   74  C  C2    . DC  A 1 4  ? -10.515 -15.387 -18.973 1.00 88.02  ? 10  DC  B C2    1 
ATOM   75  O  O2    . DC  A 1 4  ? -11.715 -15.445 -18.680 1.00 88.61  ? 10  DC  B O2    1 
ATOM   76  N  N3    . DC  A 1 4  ? -9.582  -16.131 -18.327 1.00 84.03  ? 10  DC  B N3    1 
ATOM   77  C  C4    . DC  A 1 4  ? -8.297  -16.041 -18.675 1.00 84.74  ? 10  DC  B C4    1 
ATOM   78  N  N4    . DC  A 1 4  ? -7.415  -16.793 -18.009 1.00 80.79  ? 10  DC  B N4    1 
ATOM   79  C  C5    . DC  A 1 4  ? -7.862  -15.174 -19.718 1.00 88.50  ? 10  DC  B C5    1 
ATOM   80  C  C6    . DC  A 1 4  ? -8.789  -14.444 -20.341 1.00 92.54  ? 10  DC  B C6    1 
ATOM   81  P  P     . DG  A 1 5  ? -12.544 -9.835  -21.827 1.00 126.86 ? 11  DG  B P     1 
ATOM   82  O  OP1   . DG  A 1 5  ? -13.402 -10.729 -22.635 1.00 142.93 ? 11  DG  B OP1   1 
ATOM   83  O  OP2   . DG  A 1 5  ? -12.578 -8.387  -22.115 1.00 123.65 ? 11  DG  B OP2   1 
ATOM   84  O  "O5'" . DG  A 1 5  ? -12.920 -9.997  -20.280 1.00 109.75 ? 11  DG  B "O5'" 1 
ATOM   85  C  "C5'" . DG  A 1 5  ? -14.206 -10.486 -19.919 1.00 109.74 ? 11  DG  B "C5'" 1 
ATOM   86  C  "C4'" . DG  A 1 5  ? -14.292 -10.799 -18.429 1.00 108.47 ? 11  DG  B "C4'" 1 
ATOM   87  O  "O4'" . DG  A 1 5  ? -13.238 -11.714 -18.047 1.00 100.74 ? 11  DG  B "O4'" 1 
ATOM   88  C  "C3'" . DG  A 1 5  ? -14.184 -9.592  -17.497 1.00 105.04 ? 11  DG  B "C3'" 1 
ATOM   89  O  "O3'" . DG  A 1 5  ? -15.344 -9.531  -16.669 1.00 108.68 ? 11  DG  B "O3'" 1 
ATOM   90  C  "C2'" . DG  A 1 5  ? -12.900 -9.846  -16.686 1.00 94.74  ? 11  DG  B "C2'" 1 
ATOM   91  C  "C1'" . DG  A 1 5  ? -12.729 -11.355 -16.784 1.00 96.51  ? 11  DG  B "C1'" 1 
ATOM   92  N  N9    . DG  A 1 5  ? -11.336 -11.803 -16.732 1.00 90.97  ? 11  DG  B N9    1 
ATOM   93  C  C8    . DG  A 1 5  ? -10.299 -11.354 -17.511 1.00 90.45  ? 11  DG  B C8    1 
ATOM   94  N  N7    . DG  A 1 5  ? -9.168  -11.954 -17.276 1.00 86.15  ? 11  DG  B N7    1 
ATOM   95  C  C5    . DG  A 1 5  ? -9.465  -12.858 -16.269 1.00 84.09  ? 11  DG  B C5    1 
ATOM   96  C  C6    . DG  A 1 5  ? -8.628  -13.782 -15.601 1.00 81.72  ? 11  DG  B C6    1 
ATOM   97  O  O6    . DG  A 1 5  ? -7.419  -13.986 -15.777 1.00 78.95  ? 11  DG  B O6    1 
ATOM   98  N  N1    . DG  A 1 5  ? -9.326  -14.510 -14.643 1.00 80.57  ? 11  DG  B N1    1 
ATOM   99  C  C2    . DG  A 1 5  ? -10.665 -14.366 -14.366 1.00 82.00  ? 11  DG  B C2    1 
ATOM   100 N  N2    . DG  A 1 5  ? -11.162 -15.159 -13.406 1.00 83.86  ? 11  DG  B N2    1 
ATOM   101 N  N3    . DG  A 1 5  ? -11.463 -13.502 -14.985 1.00 82.50  ? 11  DG  B N3    1 
ATOM   102 C  C4    . DG  A 1 5  ? -10.798 -12.784 -15.923 1.00 84.58  ? 11  DG  B C4    1 
ATOM   103 P  P     . DA  A 1 6  ? -15.409 -8.527  -15.417 1.00 112.74 ? 12  DA  B P     1 
ATOM   104 O  OP1   . DA  A 1 6  ? -16.836 -8.255  -15.138 1.00 112.32 ? 12  DA  B OP1   1 
ATOM   105 O  OP2   . DA  A 1 6  ? -14.488 -7.397  -15.668 1.00 115.08 ? 12  DA  B OP2   1 
ATOM   106 O  "O5'" . DA  A 1 6  ? -14.822 -9.395  -14.214 1.00 97.05  ? 12  DA  B "O5'" 1 
ATOM   107 C  "C5'" . DA  A 1 6  ? -15.471 -10.598 -13.824 1.00 96.28  ? 12  DA  B "C5'" 1 
ATOM   108 C  "C4'" . DA  A 1 6  ? -15.157 -10.944 -12.378 1.00 102.14 ? 12  DA  B "C4'" 1 
ATOM   109 O  "O4'" . DA  A 1 6  ? -13.820 -11.498 -12.282 1.00 97.94  ? 12  DA  B "O4'" 1 
ATOM   110 C  "C3'" . DA  A 1 6  ? -15.171 -9.771  -11.414 1.00 106.05 ? 12  DA  B "C3'" 1 
ATOM   111 O  "O3'" . DA  A 1 6  ? -15.507 -10.233 -10.113 1.00 116.05 ? 12  DA  B "O3'" 1 
ATOM   112 C  "C2'" . DA  A 1 6  ? -13.727 -9.284  -11.476 1.00 100.67 ? 12  DA  B "C2'" 1 
ATOM   113 C  "C1'" . DA  A 1 6  ? -12.970 -10.600 -11.589 1.00 94.63  ? 12  DA  B "C1'" 1 
ATOM   114 N  N9    . DA  A 1 6  ? -11.734 -10.499 -12.347 1.00 87.12  ? 12  DA  B N9    1 
ATOM   115 C  C8    . DA  A 1 6  ? -11.470 -9.651  -13.387 1.00 87.33  ? 12  DA  B C8    1 
ATOM   116 N  N7    . DA  A 1 6  ? -10.271 -9.799  -13.897 1.00 81.88  ? 12  DA  B N7    1 
ATOM   117 C  C5    . DA  A 1 6  ? -9.715  -10.820 -13.144 1.00 79.64  ? 12  DA  B C5    1 
ATOM   118 C  C6    . DA  A 1 6  ? -8.457  -11.451 -13.183 1.00 75.79  ? 12  DA  B C6    1 
ATOM   119 N  N6    . DA  A 1 6  ? -7.497  -11.125 -14.055 1.00 76.75  ? 12  DA  B N6    1 
ATOM   120 N  N1    . DA  A 1 6  ? -8.224  -12.435 -12.290 1.00 74.56  ? 12  DA  B N1    1 
ATOM   121 C  C2    . DA  A 1 6  ? -9.188  -12.761 -11.421 1.00 80.30  ? 12  DA  B C2    1 
ATOM   122 N  N3    . DA  A 1 6  ? -10.406 -12.239 -11.288 1.00 80.36  ? 12  DA  B N3    1 
ATOM   123 C  C4    . DA  A 1 6  ? -10.607 -11.265 -12.188 1.00 83.08  ? 12  DA  B C4    1 
ATOM   124 P  P     . DC  A 1 7  ? -16.116 -9.218  -9.026  1.00 112.08 ? 13  DC  B P     1 
ATOM   125 O  OP1   . DC  A 1 7  ? -17.402 -9.780  -8.567  1.00 110.83 ? 13  DC  B OP1   1 
ATOM   126 O  OP2   . DC  A 1 7  ? -16.068 -7.863  -9.615  1.00 106.05 ? 13  DC  B OP2   1 
ATOM   127 O  "O5'" . DC  A 1 7  ? -15.075 -9.276  -7.809  1.00 108.34 ? 13  DC  B "O5'" 1 
ATOM   128 C  "C5'" . DC  A 1 7  ? -13.681 -9.168  -8.062  1.00 103.88 ? 13  DC  B "C5'" 1 
ATOM   129 C  "C4'" . DC  A 1 7  ? -12.892 -10.153 -7.222  1.00 107.55 ? 13  DC  B "C4'" 1 
ATOM   130 O  "O4'" . DC  A 1 7  ? -11.803 -10.691 -8.013  1.00 111.12 ? 13  DC  B "O4'" 1 
ATOM   131 C  "C3'" . DC  A 1 7  ? -12.239 -9.555  -5.989  1.00 110.12 ? 13  DC  B "C3'" 1 
ATOM   132 O  "O3'" . DC  A 1 7  ? -12.109 -10.542 -4.976  1.00 120.62 ? 13  DC  B "O3'" 1 
ATOM   133 C  "C2'" . DC  A 1 7  ? -10.878 -9.108  -6.516  1.00 106.45 ? 13  DC  B "C2'" 1 
ATOM   134 C  "C1'" . DC  A 1 7  ? -10.563 -10.181 -7.558  1.00 99.52  ? 13  DC  B "C1'" 1 
ATOM   135 N  N1    . DC  A 1 7  ? -9.809  -9.654  -8.743  1.00 85.34  ? 13  DC  B N1    1 
ATOM   136 C  C2    . DC  A 1 7  ? -8.571  -10.212 -9.088  1.00 81.74  ? 13  DC  B C2    1 
ATOM   137 O  O2    . DC  A 1 7  ? -8.114  -11.139 -8.410  1.00 81.89  ? 13  DC  B O2    1 
ATOM   138 N  N3    . DC  A 1 7  ? -7.903  -9.717  -10.162 1.00 78.29  ? 13  DC  B N3    1 
ATOM   139 C  C4    . DC  A 1 7  ? -8.426  -8.718  -10.873 1.00 77.33  ? 13  DC  B C4    1 
ATOM   140 N  N4    . DC  A 1 7  ? -7.731  -8.265  -11.923 1.00 76.97  ? 13  DC  B N4    1 
ATOM   141 C  C5    . DC  A 1 7  ? -9.685  -8.137  -10.539 1.00 81.66  ? 13  DC  B C5    1 
ATOM   142 C  C6    . DC  A 1 7  ? -10.335 -8.633  -9.478  1.00 83.57  ? 13  DC  B C6    1 
ATOM   143 P  P     . DA  A 1 8  ? -11.534 -10.136 -3.532  1.00 129.77 ? 14  DA  B P     1 
ATOM   144 O  OP1   . DA  A 1 8  ? -12.154 -11.020 -2.519  1.00 138.96 ? 14  DA  B OP1   1 
ATOM   145 O  OP2   . DA  A 1 8  ? -11.684 -8.671  -3.406  1.00 123.36 ? 14  DA  B OP2   1 
ATOM   146 O  "O5'" . DA  A 1 8  ? -9.971  -10.462 -3.631  1.00 107.59 ? 14  DA  B "O5'" 1 
ATOM   147 C  "C5'" . DA  A 1 8  ? -9.538  -11.797 -3.832  1.00 107.26 ? 14  DA  B "C5'" 1 
ATOM   148 C  "C4'" . DA  A 1 8  ? -8.033  -11.847 -3.996  1.00 103.41 ? 14  DA  B "C4'" 1 
ATOM   149 O  "O4'" . DA  A 1 8  ? -7.674  -11.263 -5.262  1.00 98.60  ? 14  DA  B "O4'" 1 
ATOM   150 C  "C3'" . DA  A 1 8  ? -7.249  -11.079 -2.932  1.00 99.90  ? 14  DA  B "C3'" 1 
ATOM   151 O  "O3'" . DA  A 1 8  ? -6.598  -12.007 -2.052  1.00 95.32  ? 14  DA  B "O3'" 1 
ATOM   152 C  "C2'" . DA  A 1 8  ? -6.248  -10.215 -3.721  1.00 92.89  ? 14  DA  B "C2'" 1 
ATOM   153 C  "C1'" . DA  A 1 8  ? -6.402  -10.681 -5.164  1.00 91.51  ? 14  DA  B "C1'" 1 
ATOM   154 N  N9    . DA  A 1 8  ? -6.340  -9.584  -6.122  1.00 81.17  ? 14  DA  B N9    1 
ATOM   155 C  C8    . DA  A 1 8  ? -7.320  -8.669  -6.378  1.00 77.12  ? 14  DA  B C8    1 
ATOM   156 N  N7    . DA  A 1 8  ? -6.996  -7.786  -7.290  1.00 77.35  ? 14  DA  B N7    1 
ATOM   157 C  C5    . DA  A 1 8  ? -5.710  -8.148  -7.659  1.00 72.01  ? 14  DA  B C5    1 
ATOM   158 C  C6    . DA  A 1 8  ? -4.805  -7.606  -8.590  1.00 71.89  ? 14  DA  B C6    1 
ATOM   159 N  N6    . DA  A 1 8  ? -5.079  -6.538  -9.345  1.00 70.40  ? 14  DA  B N6    1 
ATOM   160 N  N1    . DA  A 1 8  ? -3.601  -8.206  -8.715  1.00 71.87  ? 14  DA  B N1    1 
ATOM   161 C  C2    . DA  A 1 8  ? -3.327  -9.271  -7.954  1.00 72.33  ? 14  DA  B C2    1 
ATOM   162 N  N3    . DA  A 1 8  ? -4.098  -9.873  -7.049  1.00 72.14  ? 14  DA  B N3    1 
ATOM   163 C  C4    . DA  A 1 8  ? -5.288  -9.254  -6.948  1.00 72.84  ? 14  DA  B C4    1 
ATOM   164 P  P     . DC  A 1 9  ? -5.285  -11.596 -1.219  1.00 110.12 ? 15  DC  B P     1 
ATOM   165 O  OP1   . DC  A 1 9  ? -5.103  -12.606 -0.154  1.00 112.23 ? 15  DC  B OP1   1 
ATOM   166 O  OP2   . DC  A 1 9  ? -5.378  -10.168 -0.843  1.00 108.07 ? 15  DC  B OP2   1 
ATOM   167 O  "O5'" . DC  A 1 9  ? -4.094  -11.784 -2.268  1.00 99.57  ? 15  DC  B "O5'" 1 
ATOM   168 C  "C5'" . DC  A 1 9  ? -2.757  -11.741 -1.824  1.00 96.63  ? 15  DC  B "C5'" 1 
ATOM   169 C  "C4'" . DC  A 1 9  ? -1.859  -11.122 -2.875  1.00 93.71  ? 15  DC  B "C4'" 1 
ATOM   170 O  "O4'" . DC  A 1 9  ? -2.627  -10.258 -3.744  1.00 90.34  ? 15  DC  B "O4'" 1 
ATOM   171 C  "C3'" . DC  A 1 9  ? -0.732  -10.257 -2.314  1.00 97.19  ? 15  DC  B "C3'" 1 
ATOM   172 O  "O3'" . DC  A 1 9  ? 0.520   -10.897 -2.533  1.00 94.18  ? 15  DC  B "O3'" 1 
ATOM   173 C  "C2'" . DC  A 1 9  ? -0.844  -8.925  -3.080  1.00 92.25  ? 15  DC  B "C2'" 1 
ATOM   174 C  "C1'" . DC  A 1 9  ? -1.764  -9.271  -4.240  1.00 85.95  ? 15  DC  B "C1'" 1 
ATOM   175 N  N1    . DC  A 1 9  ? -2.569  -8.114  -4.723  1.00 77.31  ? 15  DC  B N1    1 
ATOM   176 C  C2    . DC  A 1 9  ? -2.047  -7.281  -5.719  1.00 71.86  ? 15  DC  B C2    1 
ATOM   177 O  O2    . DC  A 1 9  ? -0.926  -7.524  -6.184  1.00 71.24  ? 15  DC  B O2    1 
ATOM   178 N  N3    . DC  A 1 9  ? -2.787  -6.229  -6.149  1.00 69.12  ? 15  DC  B N3    1 
ATOM   179 C  C4    . DC  A 1 9  ? -3.992  -6.002  -5.622  1.00 70.51  ? 15  DC  B C4    1 
ATOM   180 N  N4    . DC  A 1 9  ? -4.685  -4.954  -6.078  1.00 68.29  ? 15  DC  B N4    1 
ATOM   181 C  C5    . DC  A 1 9  ? -4.539  -6.838  -4.605  1.00 72.57  ? 15  DC  B C5    1 
ATOM   182 C  C6    . DC  A 1 9  ? -3.800  -7.872  -4.189  1.00 77.49  ? 15  DC  B C6    1 
ATOM   183 P  P     . DT  A 1 10 ? 1.845   -10.362 -1.799  1.00 112.35 ? 16  DT  B P     1 
ATOM   184 O  OP1   . DT  A 1 10 ? 2.885   -11.410 -1.902  1.00 116.40 ? 16  DT  B OP1   1 
ATOM   185 O  OP2   . DT  A 1 10 ? 1.445   -9.844  -0.471  1.00 108.31 ? 16  DT  B OP2   1 
ATOM   186 O  "O5'" . DT  A 1 10 ? 2.296   -9.111  -2.684  1.00 101.32 ? 16  DT  B "O5'" 1 
ATOM   187 C  "C5'" . DT  A 1 10 ? 2.483   -9.261  -4.080  1.00 99.97  ? 16  DT  B "C5'" 1 
ATOM   188 C  "C4'" . DT  A 1 10 ? 3.464   -8.228  -4.594  1.00 105.82 ? 16  DT  B "C4'" 1 
ATOM   189 O  "O4'" . DT  A 1 10 ? 2.758   -7.179  -5.310  1.00 108.60 ? 16  DT  B "O4'" 1 
ATOM   190 C  "C3'" . DT  A 1 10 ? 4.272   -7.530  -3.515  1.00 103.06 ? 16  DT  B "C3'" 1 
ATOM   191 O  "O3'" . DT  A 1 10 ? 5.570   -7.275  -3.998  1.00 103.16 ? 16  DT  B "O3'" 1 
ATOM   192 C  "C2'" . DT  A 1 10 ? 3.485   -6.240  -3.282  1.00 100.74 ? 16  DT  B "C2'" 1 
ATOM   193 C  "C1'" . DT  A 1 10 ? 2.973   -5.929  -4.683  1.00 97.12  ? 16  DT  B "C1'" 1 
ATOM   194 N  N1    . DT  A 1 10 ? 1.677   -5.175  -4.706  1.00 75.12  ? 16  DT  B N1    1 
ATOM   195 C  C2    . DT  A 1 10 ? 1.526   -4.113  -5.569  1.00 68.51  ? 16  DT  B C2    1 
ATOM   196 O  O2    . DT  A 1 10 ? 2.405   -3.731  -6.320  1.00 71.26  ? 16  DT  B O2    1 
ATOM   197 N  N3    . DT  A 1 10 ? 0.298   -3.503  -5.520  1.00 61.16  ? 16  DT  B N3    1 
ATOM   198 C  C4    . DT  A 1 10 ? -0.773  -3.844  -4.716  1.00 66.85  ? 16  DT  B C4    1 
ATOM   199 O  O4    . DT  A 1 10 ? -1.840  -3.231  -4.745  1.00 64.56  ? 16  DT  B O4    1 
ATOM   200 C  C5    . DT  A 1 10 ? -0.551  -4.966  -3.839  1.00 71.26  ? 16  DT  B C5    1 
ATOM   201 C  C7    . DT  A 1 10 ? -1.640  -5.424  -2.916  1.00 70.66  ? 16  DT  B C7    1 
ATOM   202 C  C6    . DT  A 1 10 ? 0.648   -5.573  -3.877  1.00 71.77  ? 16  DT  B C6    1 
ATOM   203 P  P     . DG  A 1 11 ? 6.783   -7.052  -2.974  1.00 110.65 ? 17  DG  B P     1 
ATOM   204 O  OP1   . DG  A 1 11 ? 7.684   -8.226  -3.054  1.00 127.07 ? 17  DG  B OP1   1 
ATOM   205 O  OP2   . DG  A 1 11 ? 6.191   -6.657  -1.675  1.00 105.74 ? 17  DG  B OP2   1 
ATOM   206 O  "O5'" . DG  A 1 11 ? 7.527   -5.782  -3.579  1.00 99.74  ? 17  DG  B "O5'" 1 
ATOM   207 C  "C5'" . DG  A 1 11 ? 7.134   -5.292  -4.848  1.00 97.24  ? 17  DG  B "C5'" 1 
ATOM   208 C  "C4'" . DG  A 1 11 ? 7.375   -3.803  -4.944  1.00 93.23  ? 17  DG  B "C4'" 1 
ATOM   209 O  "O4'" . DG  A 1 11 ? 6.101   -3.109  -5.047  1.00 90.80  ? 17  DG  B "O4'" 1 
ATOM   210 C  "C3'" . DG  A 1 11 ? 8.089   -3.189  -3.744  1.00 89.89  ? 17  DG  B "C3'" 1 
ATOM   211 O  "O3'" . DG  A 1 11 ? 8.913   -2.125  -4.189  1.00 92.60  ? 17  DG  B "O3'" 1 
ATOM   212 C  "C2'" . DG  A 1 11 ? 6.924   -2.685  -2.898  1.00 76.92  ? 17  DG  B "C2'" 1 
ATOM   213 C  "C1'" . DG  A 1 11 ? 5.970   -2.197  -3.977  1.00 77.94  ? 17  DG  B "C1'" 1 
ATOM   214 N  N9    . DG  A 1 11 ? 4.572   -2.177  -3.561  1.00 65.36  ? 17  DG  B N9    1 
ATOM   215 C  C8    . DG  A 1 11 ? 3.971   -2.998  -2.640  1.00 67.98  ? 17  DG  B C8    1 
ATOM   216 N  N7    . DG  A 1 11 ? 2.702   -2.752  -2.473  1.00 67.05  ? 17  DG  B N7    1 
ATOM   217 C  C5    . DG  A 1 11 ? 2.446   -1.696  -3.334  1.00 59.30  ? 17  DG  B C5    1 
ATOM   218 C  C6    . DG  A 1 11 ? 1.241   -0.999  -3.584  1.00 55.35  ? 17  DG  B C6    1 
ATOM   219 O  O6    . DG  A 1 11 ? 0.126   -1.184  -3.077  1.00 54.47  ? 17  DG  B O6    1 
ATOM   220 N  N1    . DG  A 1 11 ? 1.418   0.004   -4.531  1.00 54.21  ? 17  DG  B N1    1 
ATOM   221 C  C2    . DG  A 1 11 ? 2.605   0.297   -5.158  1.00 56.90  ? 17  DG  B C2    1 
ATOM   222 N  N2    . DG  A 1 11 ? 2.576   1.301   -6.043  1.00 56.00  ? 17  DG  B N2    1 
ATOM   223 N  N3    . DG  A 1 11 ? 3.743   -0.349  -4.930  1.00 56.56  ? 17  DG  B N3    1 
ATOM   224 C  C4    . DG  A 1 11 ? 3.588   -1.329  -4.010  1.00 60.06  ? 17  DG  B C4    1 
ATOM   225 P  P     . DA  A 1 12 ? 9.951   -1.402  -3.197  1.00 86.62  ? 18  DA  B P     1 
ATOM   226 O  OP1   . DA  A 1 12 ? 11.312  -1.779  -3.632  1.00 91.02  ? 18  DA  B OP1   1 
ATOM   227 O  OP2   . DA  A 1 12 ? 9.564   -1.649  -1.791  1.00 82.01  ? 18  DA  B OP2   1 
ATOM   228 O  "O5'" . DA  A 1 12 ? 9.723   0.147   -3.516  1.00 84.66  ? 18  DA  B "O5'" 1 
ATOM   229 C  "C5'" . DA  A 1 12 ? 9.563   0.563   -4.865  1.00 79.18  ? 18  DA  B "C5'" 1 
ATOM   230 C  "C4'" . DA  A 1 12 ? 8.812   1.879   -4.951  1.00 81.00  ? 18  DA  B "C4'" 1 
ATOM   231 O  "O4'" . DA  A 1 12 ? 7.409   1.680   -4.639  1.00 78.59  ? 18  DA  B "O4'" 1 
ATOM   232 C  "C3'" . DA  A 1 12 ? 9.319   2.976   -4.023  1.00 77.19  ? 18  DA  B "C3'" 1 
ATOM   233 O  "O3'" . DA  A 1 12 ? 9.448   4.185   -4.756  1.00 74.34  ? 18  DA  B "O3'" 1 
ATOM   234 C  "C2'" . DA  A 1 12 ? 8.239   3.067   -2.935  1.00 74.71  ? 18  DA  B "C2'" 1 
ATOM   235 C  "C1'" . DA  A 1 12 ? 6.983   2.610   -3.669  1.00 71.44  ? 18  DA  B "C1'" 1 
ATOM   236 N  N9    . DA  A 1 12 ? 6.013   1.924   -2.815  1.00 62.53  ? 18  DA  B N9    1 
ATOM   237 C  C8    . DA  A 1 12 ? 6.249   0.842   -2.013  1.00 65.29  ? 18  DA  B C8    1 
ATOM   238 N  N7    . DA  A 1 12 ? 5.188   0.408   -1.377  1.00 63.37  ? 18  DA  B N7    1 
ATOM   239 C  C5    . DA  A 1 12 ? 4.180   1.255   -1.796  1.00 56.45  ? 18  DA  B C5    1 
ATOM   240 C  C6    . DA  A 1 12 ? 2.809   1.321   -1.484  1.00 54.29  ? 18  DA  B C6    1 
ATOM   241 N  N6    . DA  A 1 12 ? 2.204   0.478   -0.639  1.00 57.44  ? 18  DA  B N6    1 
ATOM   242 N  N1    . DA  A 1 12 ? 2.082   2.290   -2.078  1.00 52.04  ? 18  DA  B N1    1 
ATOM   243 C  C2    . DA  A 1 12 ? 2.692   3.131   -2.925  1.00 57.16  ? 18  DA  B C2    1 
ATOM   244 N  N3    . DA  A 1 12 ? 3.971   3.167   -3.296  1.00 56.43  ? 18  DA  B N3    1 
ATOM   245 C  C4    . DA  A 1 12 ? 4.668   2.194   -2.690  1.00 56.92  ? 18  DA  B C4    1 
ATOM   246 P  P     . DC  A 1 13 ? 10.163  5.468   -4.108  1.00 84.76  ? 19  DC  B P     1 
ATOM   247 O  OP1   . DC  A 1 13 ? 10.802  6.219   -5.212  1.00 89.95  ? 19  DC  B OP1   1 
ATOM   248 O  OP2   . DC  A 1 13 ? 10.974  5.011   -2.958  1.00 83.75  ? 19  DC  B OP2   1 
ATOM   249 O  "O5'" . DC  A 1 13 ? 8.939   6.331   -3.552  1.00 77.56  ? 19  DC  B "O5'" 1 
ATOM   250 C  "C5'" . DC  A 1 13 ? 7.760   6.446   -4.337  1.00 77.87  ? 19  DC  B "C5'" 1 
ATOM   251 C  "C4'" . DC  A 1 13 ? 6.610   6.998   -3.518  1.00 73.09  ? 19  DC  B "C4'" 1 
ATOM   252 O  "O4'" . DC  A 1 13 ? 5.902   5.923   -2.861  1.00 71.59  ? 19  DC  B "O4'" 1 
ATOM   253 C  "C3'" . DC  A 1 13 ? 7.015   7.979   -2.417  1.00 75.22  ? 19  DC  B "C3'" 1 
ATOM   254 O  "O3'" . DC  A 1 13 ? 6.477   9.265   -2.712  1.00 82.17  ? 19  DC  B "O3'" 1 
ATOM   255 C  "C2'" . DC  A 1 13 ? 6.414   7.379   -1.131  1.00 73.00  ? 19  DC  B "C2'" 1 
ATOM   256 C  "C1'" . DC  A 1 13 ? 5.356   6.428   -1.675  1.00 66.85  ? 19  DC  B "C1'" 1 
ATOM   257 N  N1    . DC  A 1 13 ? 5.027   5.279   -0.768  1.00 57.47  ? 19  DC  B N1    1 
ATOM   258 C  C2    . DC  A 1 13 ? 3.697   5.065   -0.376  1.00 54.56  ? 19  DC  B C2    1 
ATOM   259 O  O2    . DC  A 1 13 ? 2.816   5.834   -0.780  1.00 56.62  ? 19  DC  B O2    1 
ATOM   260 N  N3    . DC  A 1 13 ? 3.410   4.019   0.438   1.00 54.60  ? 19  DC  B N3    1 
ATOM   261 C  C4    . DC  A 1 13 ? 4.385   3.210   0.852   1.00 54.20  ? 19  DC  B C4    1 
ATOM   262 N  N4    . DC  A 1 13 ? 4.054   2.192   1.655   1.00 56.59  ? 19  DC  B N4    1 
ATOM   263 C  C5    . DC  A 1 13 ? 5.744   3.407   0.462   1.00 58.43  ? 19  DC  B C5    1 
ATOM   264 C  C6    . DC  A 1 13 ? 6.018   4.443   -0.342  1.00 60.08  ? 19  DC  B C6    1 
ATOM   265 P  P     . DG  A 1 14 ? 7.056   10.584  -1.997  1.00 82.04  ? 20  DG  B P     1 
ATOM   266 O  OP1   . DG  A 1 14 ? 7.484   11.529  -3.051  1.00 76.94  ? 20  DG  B OP1   1 
ATOM   267 O  OP2   . DG  A 1 14 ? 8.015   10.155  -0.956  1.00 74.40  ? 20  DG  B OP2   1 
ATOM   268 O  "O5'" . DG  A 1 14 ? 5.779   11.196  -1.258  1.00 75.03  ? 20  DG  B "O5'" 1 
ATOM   269 C  "C5'" . DG  A 1 14 ? 4.540   11.289  -1.949  1.00 74.15  ? 20  DG  B "C5'" 1 
ATOM   270 C  "C4'" . DG  A 1 14 ? 3.377   11.135  -0.988  1.00 76.93  ? 20  DG  B "C4'" 1 
ATOM   271 O  "O4'" . DG  A 1 14 ? 3.361   9.787   -0.470  1.00 78.91  ? 20  DG  B "O4'" 1 
ATOM   272 C  "C3'" . DG  A 1 14 ? 3.418   12.067  0.227   1.00 80.72  ? 20  DG  B "C3'" 1 
ATOM   273 O  "O3'" . DG  A 1 14 ? 2.264   12.898  0.247   1.00 85.06  ? 20  DG  B "O3'" 1 
ATOM   274 C  "C2'" . DG  A 1 14 ? 3.463   11.125  1.438   1.00 81.71  ? 20  DG  B "C2'" 1 
ATOM   275 C  "C1'" . DG  A 1 14 ? 2.944   9.814   0.868   1.00 72.86  ? 20  DG  B "C1'" 1 
ATOM   276 N  N9    . DG  A 1 14 ? 3.488   8.638   1.542   1.00 64.47  ? 20  DG  B N9    1 
ATOM   277 C  C8    . DG  A 1 14 ? 4.804   8.249   1.579   1.00 61.59  ? 20  DG  B C8    1 
ATOM   278 N  N7    . DG  A 1 14 ? 5.002   7.154   2.257   1.00 56.61  ? 20  DG  B N7    1 
ATOM   279 C  C5    . DG  A 1 14 ? 3.738   6.791   2.698   1.00 57.41  ? 20  DG  B C5    1 
ATOM   280 C  C6    . DG  A 1 14 ? 3.330   5.686   3.481   1.00 55.57  ? 20  DG  B C6    1 
ATOM   281 O  O6    . DG  A 1 14 ? 4.032   4.779   3.954   1.00 53.23  ? 20  DG  B O6    1 
ATOM   282 N  N1    . DG  A 1 14 ? 1.956   5.691   3.700   1.00 55.25  ? 20  DG  B N1    1 
ATOM   283 C  C2    . DG  A 1 14 ? 1.087   6.645   3.224   1.00 56.13  ? 20  DG  B C2    1 
ATOM   284 N  N2    . DG  A 1 14 ? -0.202  6.483   3.540   1.00 57.56  ? 20  DG  B N2    1 
ATOM   285 N  N3    . DG  A 1 14 ? 1.457   7.687   2.489   1.00 57.25  ? 20  DG  B N3    1 
ATOM   286 C  C4    . DG  A 1 14 ? 2.792   7.695   2.265   1.00 59.00  ? 20  DG  B C4    1 
ATOM   287 P  P     . DT  A 1 15 ? 2.155   14.107  1.299   1.00 89.81  ? 21  DT  B P     1 
ATOM   288 O  OP1   . DT  A 1 15 ? 1.295   15.150  0.700   1.00 85.76  ? 21  DT  B OP1   1 
ATOM   289 O  OP2   . DT  A 1 15 ? 3.522   14.461  1.736   1.00 87.06  ? 21  DT  B OP2   1 
ATOM   290 O  "O5'" . DT  A 1 15 ? 1.404   13.458  2.552   1.00 80.90  ? 21  DT  B "O5'" 1 
ATOM   291 C  "C5'" . DT  A 1 15 ? 0.119   12.894  2.385   1.00 81.76  ? 21  DT  B "C5'" 1 
ATOM   292 C  "C4'" . DT  A 1 15 ? -0.249  12.031  3.577   1.00 81.43  ? 21  DT  B "C4'" 1 
ATOM   293 O  "O4'" . DT  A 1 15 ? 0.655   10.913  3.680   1.00 76.26  ? 21  DT  B "O4'" 1 
ATOM   294 C  "C3'" . DT  A 1 15 ? -0.165  12.733  4.929   1.00 74.66  ? 21  DT  B "C3'" 1 
ATOM   295 O  "O3'" . DT  A 1 15 ? -1.462  13.159  5.346   1.00 78.38  ? 21  DT  B "O3'" 1 
ATOM   296 C  "C2'" . DT  A 1 15 ? 0.421   11.667  5.878   1.00 74.34  ? 21  DT  B "C2'" 1 
ATOM   297 C  "C1'" . DT  A 1 15 ? 0.564   10.428  4.992   1.00 70.72  ? 21  DT  B "C1'" 1 
ATOM   298 N  N1    . DT  A 1 15 ? 1.777   9.593   5.309   1.00 63.88  ? 21  DT  B N1    1 
ATOM   299 C  C2    . DT  A 1 15 ? 1.628   8.470   6.089   1.00 59.68  ? 21  DT  B C2    1 
ATOM   300 O  O2    . DT  A 1 15 ? 0.557   8.111   6.541   1.00 58.55  ? 21  DT  B O2    1 
ATOM   301 N  N3    . DT  A 1 15 ? 2.787   7.780   6.334   1.00 54.22  ? 21  DT  B N3    1 
ATOM   302 C  C4    . DT  A 1 15 ? 4.056   8.090   5.883   1.00 57.17  ? 21  DT  B C4    1 
ATOM   303 O  O4    . DT  A 1 15 ? 5.035   7.402   6.155   1.00 56.58  ? 21  DT  B O4    1 
ATOM   304 C  C5    . DT  A 1 15 ? 4.149   9.279   5.068   1.00 60.35  ? 21  DT  B C5    1 
ATOM   305 C  C7    . DT  A 1 15 ? 5.478   9.715   4.523   1.00 60.70  ? 21  DT  B C7    1 
ATOM   306 C  C6    . DT  A 1 15 ? 3.017   9.968   4.823   1.00 60.95  ? 21  DT  B C6    1 
ATOM   307 P  P     . DC  A 1 16 ? -1.635  14.009  6.699   1.00 86.69  ? 22  DC  B P     1 
ATOM   308 O  OP1   . DC  A 1 16 ? -2.907  14.760  6.614   1.00 93.41  ? 22  DC  B OP1   1 
ATOM   309 O  OP2   . DC  A 1 16 ? -0.371  14.744  6.923   1.00 79.86  ? 22  DC  B OP2   1 
ATOM   310 O  "O5'" . DC  A 1 16 ? -1.754  12.898  7.844   1.00 78.04  ? 22  DC  B "O5'" 1 
ATOM   311 C  "C5'" . DC  A 1 16 ? -2.829  11.974  7.830   1.00 79.70  ? 22  DC  B "C5'" 1 
ATOM   312 C  "C4'" . DC  A 1 16 ? -2.662  10.948  8.934   1.00 80.80  ? 22  DC  B "C4'" 1 
ATOM   313 O  "O4'" . DC  A 1 16 ? -1.521  10.127  8.645   1.00 73.19  ? 22  DC  B "O4'" 1 
ATOM   314 C  "C3'" . DC  A 1 16 ? -2.391  11.539  10.305  1.00 82.32  ? 22  DC  B "C3'" 1 
ATOM   315 O  "O3'" . DC  A 1 16 ? -3.620  11.660  11.020  1.00 93.37  ? 22  DC  B "O3'" 1 
ATOM   316 C  "C2'" . DC  A 1 16 ? -1.443  10.528  10.971  1.00 74.60  ? 22  DC  B "C2'" 1 
ATOM   317 C  "C1'" . DC  A 1 16 ? -1.025  9.587   9.843   1.00 65.49  ? 22  DC  B "C1'" 1 
ATOM   318 N  N1    . DC  A 1 16 ? 0.458   9.400   9.684   1.00 57.70  ? 22  DC  B N1    1 
ATOM   319 C  C2    . DC  A 1 16 ? 1.098   8.322   10.310  1.00 57.11  ? 22  DC  B C2    1 
ATOM   320 O  O2    . DC  A 1 16 ? 0.437   7.558   11.025  1.00 63.72  ? 22  DC  B O2    1 
ATOM   321 N  N3    . DC  A 1 16 ? 2.431   8.155   10.127  1.00 55.62  ? 22  DC  B N3    1 
ATOM   322 C  C4    . DC  A 1 16 ? 3.111   9.000   9.348   1.00 55.77  ? 22  DC  B C4    1 
ATOM   323 N  N4    . DC  A 1 16 ? 4.422   8.795   9.196   1.00 55.30  ? 22  DC  B N4    1 
ATOM   324 C  C5    . DC  A 1 16 ? 2.477   10.093  8.694   1.00 57.18  ? 22  DC  B C5    1 
ATOM   325 C  C6    . DC  A 1 16 ? 1.163   10.249  8.880   1.00 57.54  ? 22  DC  B C6    1 
ATOM   326 P  P     . DG  A 1 17 ? -3.756  12.693  12.245  1.00 95.62  ? 23  DG  B P     1 
ATOM   327 O  OP1   . DG  A 1 17 ? -5.162  13.159  12.270  1.00 96.82  ? 23  DG  B OP1   1 
ATOM   328 O  OP2   . DG  A 1 17 ? -2.669  13.689  12.124  1.00 85.73  ? 23  DG  B OP2   1 
ATOM   329 O  "O5'" . DG  A 1 17 ? -3.438  11.802  13.541  1.00 82.45  ? 23  DG  B "O5'" 1 
ATOM   330 C  "C5'" . DG  A 1 17 ? -4.105  10.554  13.744  1.00 81.87  ? 23  DG  B "C5'" 1 
ATOM   331 C  "C4'" . DG  A 1 17 ? -3.472  9.763   14.886  1.00 83.94  ? 23  DG  B "C4'" 1 
ATOM   332 O  "O4'" . DG  A 1 17 ? -2.168  9.264   14.483  1.00 84.77  ? 23  DG  B "O4'" 1 
ATOM   333 C  "C3'" . DG  A 1 17 ? -3.232  10.542  16.173  1.00 83.04  ? 23  DG  B "C3'" 1 
ATOM   334 O  "O3'" . DG  A 1 17 ? -3.369  9.673   17.297  1.00 88.70  ? 23  DG  B "O3'" 1 
ATOM   335 C  "C2'" . DG  A 1 17 ? -1.791  11.012  16.005  1.00 77.26  ? 23  DG  B "C2'" 1 
ATOM   336 C  "C1'" . DG  A 1 17 ? -1.158  9.817   15.308  1.00 75.20  ? 23  DG  B "C1'" 1 
ATOM   337 N  N9    . DG  A 1 17 ? -0.035  10.183  14.456  1.00 66.61  ? 23  DG  B N9    1 
ATOM   338 C  C8    . DG  A 1 17 ? 0.012   11.235  13.580  1.00 66.97  ? 23  DG  B C8    1 
ATOM   339 N  N7    . DG  A 1 17 ? 1.133   11.325  12.928  1.00 60.93  ? 23  DG  B N7    1 
ATOM   340 C  C5    . DG  A 1 17 ? 1.894   10.277  13.414  1.00 60.57  ? 23  DG  B C5    1 
ATOM   341 C  C6    . DG  A 1 17 ? 3.208   9.882   13.080  1.00 61.07  ? 23  DG  B C6    1 
ATOM   342 O  O6    . DG  A 1 17 ? 3.983   10.402  12.264  1.00 64.10  ? 23  DG  B O6    1 
ATOM   343 N  N1    . DG  A 1 17 ? 3.607   8.766   13.808  1.00 57.74  ? 23  DG  B N1    1 
ATOM   344 C  C2    . DG  A 1 17 ? 2.833   8.113   14.737  1.00 62.93  ? 23  DG  B C2    1 
ATOM   345 N  N2    . DG  A 1 17 ? 3.397   7.054   15.335  1.00 67.88  ? 23  DG  B N2    1 
ATOM   346 N  N3    . DG  A 1 17 ? 1.593   8.471   15.059  1.00 62.63  ? 23  DG  B N3    1 
ATOM   347 C  C4    . DG  A 1 17 ? 1.190   9.559   14.359  1.00 63.01  ? 23  DG  B C4    1 
ATOM   348 P  P     . DA  A 1 18 ? -3.475  10.280  18.781  1.00 90.54  ? 24  DA  B P     1 
ATOM   349 O  OP1   . DA  A 1 18 ? -4.771  9.844   19.349  1.00 95.97  ? 24  DA  B OP1   1 
ATOM   350 O  OP2   . DA  A 1 18 ? -3.202  11.732  18.678  1.00 90.05  ? 24  DA  B OP2   1 
ATOM   351 O  "O5'" . DA  A 1 18 ? -2.258  9.593   19.574  1.00 82.23  ? 24  DA  B "O5'" 1 
ATOM   352 C  "C5'" . DA  A 1 18 ? -0.916  9.781   19.117  1.00 82.39  ? 24  DA  B "C5'" 1 
ATOM   353 C  "C4'" . DA  A 1 18 ? 0.044   8.840   19.822  1.00 83.02  ? 24  DA  B "C4'" 1 
ATOM   354 O  "O4'" . DA  A 1 18 ? 1.177   8.569   18.962  1.00 81.77  ? 24  DA  B "O4'" 1 
ATOM   355 C  "C3'" . DA  A 1 18 ? 0.655   9.382   21.095  1.00 86.54  ? 24  DA  B "C3'" 1 
ATOM   356 O  "O3'" . DA  A 1 18 ? 1.078   8.307   21.917  1.00 88.77  ? 24  DA  B "O3'" 1 
ATOM   357 C  "C2'" . DA  A 1 18 ? 1.842   10.190  20.567  1.00 83.09  ? 24  DA  B "C2'" 1 
ATOM   358 C  "C1'" . DA  A 1 18 ? 2.276   9.389   19.331  1.00 79.78  ? 24  DA  B "C1'" 1 
ATOM   359 N  N9    . DA  A 1 18 ? 2.622   10.228  18.178  1.00 74.23  ? 24  DA  B N9    1 
ATOM   360 C  C8    . DA  A 1 18 ? 1.838   11.189  17.605  1.00 71.81  ? 24  DA  B C8    1 
ATOM   361 N  N7    . DA  A 1 18 ? 2.389   11.784  16.573  1.00 68.04  ? 24  DA  B N7    1 
ATOM   362 C  C5    . DA  A 1 18 ? 3.621   11.166  16.450  1.00 66.28  ? 24  DA  B C5    1 
ATOM   363 C  C6    . DA  A 1 18 ? 4.685   11.350  15.542  1.00 65.24  ? 24  DA  B C6    1 
ATOM   364 N  N6    . DA  A 1 18 ? 4.659   12.246  14.549  1.00 65.95  ? 24  DA  B N6    1 
ATOM   365 N  N1    . DA  A 1 18 ? 5.776   10.571  15.693  1.00 62.84  ? 24  DA  B N1    1 
ATOM   366 C  C2    . DA  A 1 18 ? 5.795   9.675   16.690  1.00 66.72  ? 24  DA  B C2    1 
ATOM   367 N  N3    . DA  A 1 18 ? 4.859   9.412   17.605  1.00 65.40  ? 24  DA  B N3    1 
ATOM   368 C  C4    . DA  A 1 18 ? 3.786   10.200  17.428  1.00 67.39  ? 24  DA  B C4    1 
ATOM   369 P  P     . DC  A 1 19 ? 1.479   8.564   23.451  1.00 91.46  ? 25  DC  B P     1 
ATOM   370 O  OP1   . DC  A 1 19 ? 1.300   7.283   24.170  1.00 98.05  ? 25  DC  B OP1   1 
ATOM   371 O  OP2   . DC  A 1 19 ? 0.757   9.758   23.936  1.00 91.38  ? 25  DC  B OP2   1 
ATOM   372 O  "O5'" . DC  A 1 19 ? 3.034   8.938   23.376  1.00 79.27  ? 25  DC  B "O5'" 1 
ATOM   373 C  "C5'" . DC  A 1 19 ? 3.923   8.084   22.670  1.00 86.80  ? 25  DC  B "C5'" 1 
ATOM   374 C  "C4'" . DC  A 1 19 ? 5.246   8.772   22.378  1.00 89.48  ? 25  DC  B "C4'" 1 
ATOM   375 O  "O4'" . DC  A 1 19 ? 5.159   9.529   21.158  1.00 82.49  ? 25  DC  B "O4'" 1 
ATOM   376 C  "C3'" . DC  A 1 19 ? 5.733   9.756   23.444  1.00 93.45  ? 25  DC  B "C3'" 1 
ATOM   377 O  "O3'" . DC  A 1 19 ? 6.829   9.171   24.147  1.00 97.79  ? 25  DC  B "O3'" 1 
ATOM   378 C  "C2'" . DC  A 1 19 ? 6.153   11.016  22.643  1.00 88.13  ? 25  DC  B "C2'" 1 
ATOM   379 C  "C1'" . DC  A 1 19 ? 6.147   10.522  21.200  1.00 82.11  ? 25  DC  B "C1'" 1 
ATOM   380 N  N1    . DC  A 1 19 ? 5.808   11.563  20.161  1.00 73.08  ? 25  DC  B N1    1 
ATOM   381 C  C2    . DC  A 1 19 ? 6.719   11.838  19.133  1.00 72.81  ? 25  DC  B C2    1 
ATOM   382 O  O2    . DC  A 1 19 ? 7.802   11.242  19.114  1.00 73.92  ? 25  DC  B O2    1 
ATOM   383 N  N3    . DC  A 1 19 ? 6.390   12.757  18.190  1.00 68.66  ? 25  DC  B N3    1 
ATOM   384 C  C4    . DC  A 1 19 ? 5.212   13.380  18.245  1.00 69.62  ? 25  DC  B C4    1 
ATOM   385 N  N4    . DC  A 1 19 ? 4.934   14.275  17.292  1.00 74.45  ? 25  DC  B N4    1 
ATOM   386 C  C5    . DC  A 1 19 ? 4.266   13.107  19.277  1.00 70.36  ? 25  DC  B C5    1 
ATOM   387 C  C6    . DC  A 1 19 ? 4.601   12.199  20.203  1.00 70.66  ? 25  DC  B C6    1 
ATOM   388 P  P     . DT  A 1 20 ? 7.668   10.003  25.235  1.00 108.06 ? 26  DT  B P     1 
ATOM   389 O  OP1   . DT  A 1 20 ? 8.223   9.019   26.191  1.00 110.08 ? 26  DT  B OP1   1 
ATOM   390 O  OP2   . DT  A 1 20 ? 6.833   11.118  25.735  1.00 101.35 ? 26  DT  B OP2   1 
ATOM   391 O  "O5'" . DT  A 1 20 ? 8.885   10.609  24.392  1.00 101.57 ? 26  DT  B "O5'" 1 
ATOM   392 C  "C5'" . DT  A 1 20 ? 9.533   9.803   23.411  1.00 96.43  ? 26  DT  B "C5'" 1 
ATOM   393 C  "C4'" . DT  A 1 20 ? 10.778  10.485  22.883  1.00 101.82 ? 26  DT  B "C4'" 1 
ATOM   394 O  "O4'" . DT  A 1 20 ? 10.444  11.293  21.724  1.00 100.02 ? 26  DT  B "O4'" 1 
ATOM   395 C  "C3'" . DT  A 1 20 ? 11.462  11.418  23.871  1.00 107.89 ? 26  DT  B "C3'" 1 
ATOM   396 O  "O3'" . DT  A 1 20 ? 12.864  11.284  23.743  1.00 111.83 ? 26  DT  B "O3'" 1 
ATOM   397 C  "C2'" . DT  A 1 20 ? 10.974  12.801  23.438  1.00 104.80 ? 26  DT  B "C2'" 1 
ATOM   398 C  "C1'" . DT  A 1 20 ? 10.842  12.631  21.932  1.00 99.86  ? 26  DT  B "C1'" 1 
ATOM   399 N  N1    . DT  A 1 20 ? 9.811   13.520  21.310  1.00 90.69  ? 26  DT  B N1    1 
ATOM   400 C  C2    . DT  A 1 20 ? 10.080  14.121  20.102  1.00 89.20  ? 26  DT  B C2    1 
ATOM   401 O  O2    . DT  A 1 20 ? 11.133  13.980  19.508  1.00 97.39  ? 26  DT  B O2    1 
ATOM   402 N  N3    . DT  A 1 20 ? 9.066   14.902  19.610  1.00 79.64  ? 26  DT  B N3    1 
ATOM   403 C  C4    . DT  A 1 20 ? 7.833   15.135  20.190  1.00 79.62  ? 26  DT  B C4    1 
ATOM   404 O  O4    . DT  A 1 20 ? 6.986   15.854  19.666  1.00 81.64  ? 26  DT  B O4    1 
ATOM   405 C  C5    . DT  A 1 20 ? 7.612   14.474  21.454  1.00 79.03  ? 26  DT  B C5    1 
ATOM   406 C  C7    . DT  A 1 20 ? 6.312   14.653  22.178  1.00 75.42  ? 26  DT  B C7    1 
ATOM   407 C  C6    . DT  A 1 20 ? 8.598   13.705  21.947  1.00 86.29  ? 26  DT  B C6    1 
ATOM   408 P  P     . DC  A 1 21 ? 13.851  12.117  24.696  1.00 119.27 ? 27  DC  B P     1 
ATOM   409 O  OP1   . DC  A 1 21 ? 15.029  11.266  24.976  1.00 119.37 ? 27  DC  B OP1   1 
ATOM   410 O  OP2   . DC  A 1 21 ? 13.055  12.653  25.820  1.00 115.23 ? 27  DC  B OP2   1 
ATOM   411 O  "O5'" . DC  A 1 21 ? 14.303  13.343  23.779  1.00 114.34 ? 27  DC  B "O5'" 1 
ATOM   412 C  "C5'" . DC  A 1 21 ? 14.900  13.090  22.518  1.00 113.12 ? 27  DC  B "C5'" 1 
ATOM   413 C  "C4'" . DC  A 1 21 ? 15.332  14.384  21.858  1.00 113.45 ? 27  DC  B "C4'" 1 
ATOM   414 O  "O4'" . DC  A 1 21 ? 14.176  15.046  21.282  1.00 113.14 ? 27  DC  B "O4'" 1 
ATOM   415 C  "C3'" . DC  A 1 21 ? 15.982  15.397  22.801  1.00 118.40 ? 27  DC  B "C3'" 1 
ATOM   416 O  "O3'" . DC  A 1 21 ? 17.117  15.977  22.180  1.00 127.74 ? 27  DC  B "O3'" 1 
ATOM   417 C  "C2'" . DC  A 1 21 ? 14.876  16.426  23.029  1.00 111.49 ? 27  DC  B "C2'" 1 
ATOM   418 C  "C1'" . DC  A 1 21 ? 14.148  16.392  21.696  1.00 107.02 ? 27  DC  B "C1'" 1 
ATOM   419 N  N1    . DC  A 1 21 ? 12.720  16.825  21.781  1.00 99.69  ? 27  DC  B N1    1 
ATOM   420 C  C2    . DC  A 1 21 ? 12.151  17.546  20.725  1.00 92.24  ? 27  DC  B C2    1 
ATOM   421 O  O2    . DC  A 1 21 ? 12.843  17.815  19.737  1.00 87.11  ? 27  DC  B O2    1 
ATOM   422 N  N3    . DC  A 1 21 ? 10.852  17.929  20.817  1.00 86.11  ? 27  DC  B N3    1 
ATOM   423 C  C4    . DC  A 1 21 ? 10.140  17.618  21.902  1.00 88.59  ? 27  DC  B C4    1 
ATOM   424 N  N4    . DC  A 1 21 ? 8.864   18.015  21.948  1.00 83.08  ? 27  DC  B N4    1 
ATOM   425 C  C5    . DC  A 1 21 ? 10.702  16.883  22.985  1.00 93.37  ? 27  DC  B C5    1 
ATOM   426 C  C6    . DC  A 1 21 ? 11.982  16.511  22.885  1.00 98.76  ? 27  DC  B C6    1 
ATOM   427 O  "O5'" . DT  B 2 1  ? 0.824   25.229  25.268  1.00 119.24 ? 28  DT  C "O5'" 1 
ATOM   428 C  "C5'" . DT  B 2 1  ? 0.794   25.160  23.850  1.00 113.82 ? 28  DT  C "C5'" 1 
ATOM   429 C  "C4'" . DT  B 2 1  ? 1.794   26.125  23.248  1.00 110.71 ? 28  DT  C "C4'" 1 
ATOM   430 O  "O4'" . DT  B 2 1  ? 3.015   26.076  24.005  1.00 101.48 ? 28  DT  C "O4'" 1 
ATOM   431 C  "C3'" . DT  B 2 1  ? 2.204   25.804  21.824  1.00 109.88 ? 28  DT  C "C3'" 1 
ATOM   432 O  "O3'" . DT  B 2 1  ? 1.336   26.468  20.917  1.00 116.68 ? 28  DT  C "O3'" 1 
ATOM   433 C  "C2'" . DT  B 2 1  ? 3.635   26.351  21.728  1.00 101.09 ? 28  DT  C "C2'" 1 
ATOM   434 C  "C1'" . DT  B 2 1  ? 4.086   26.490  23.189  1.00 98.50  ? 28  DT  C "C1'" 1 
ATOM   435 N  N1    . DT  B 2 1  ? 5.306   25.679  23.547  1.00 95.17  ? 28  DT  C N1    1 
ATOM   436 C  C2    . DT  B 2 1  ? 6.502   25.917  22.900  1.00 91.98  ? 28  DT  C C2    1 
ATOM   437 O  O2    . DT  B 2 1  ? 6.636   26.751  22.024  1.00 91.95  ? 28  DT  C O2    1 
ATOM   438 N  N3    . DT  B 2 1  ? 7.545   25.129  23.316  1.00 88.11  ? 28  DT  C N3    1 
ATOM   439 C  C4    . DT  B 2 1  ? 7.517   24.153  24.296  1.00 86.11  ? 28  DT  C C4    1 
ATOM   440 O  O4    . DT  B 2 1  ? 8.507   23.497  24.599  1.00 84.65  ? 28  DT  C O4    1 
ATOM   441 C  C5    . DT  B 2 1  ? 6.240   23.961  24.938  1.00 88.80  ? 28  DT  C C5    1 
ATOM   442 C  C7    . DT  B 2 1  ? 6.090   22.929  26.015  1.00 89.86  ? 28  DT  C C7    1 
ATOM   443 C  C6    . DT  B 2 1  ? 5.211   24.725  24.540  1.00 93.64  ? 28  DT  C C6    1 
ATOM   444 P  P     . DC  B 2 2  ? 0.879   25.746  19.557  1.00 126.72 ? 29  DC  C P     1 
ATOM   445 O  OP1   . DC  B 2 2  ? -0.153  26.598  18.921  1.00 130.73 ? 29  DC  C OP1   1 
ATOM   446 O  OP2   . DC  B 2 2  ? 0.573   24.336  19.886  1.00 135.53 ? 29  DC  C OP2   1 
ATOM   447 O  "O5'" . DC  B 2 2  ? 2.199   25.753  18.655  1.00 118.64 ? 29  DC  C "O5'" 1 
ATOM   448 C  "C5'" . DC  B 2 2  ? 2.849   26.977  18.355  1.00 117.13 ? 29  DC  C "C5'" 1 
ATOM   449 C  "C4'" . DC  B 2 2  ? 4.227   26.719  17.776  1.00 114.97 ? 29  DC  C "C4'" 1 
ATOM   450 O  "O4'" . DC  B 2 2  ? 5.095   26.160  18.800  1.00 112.04 ? 29  DC  C "O4'" 1 
ATOM   451 C  "C3'" . DC  B 2 2  ? 4.259   25.735  16.602  1.00 116.91 ? 29  DC  C "C3'" 1 
ATOM   452 O  "O3'" . DC  B 2 2  ? 5.066   26.259  15.554  1.00 122.09 ? 29  DC  C "O3'" 1 
ATOM   453 C  "C2'" . DC  B 2 2  ? 4.873   24.476  17.216  1.00 112.03 ? 29  DC  C "C2'" 1 
ATOM   454 C  "C1'" . DC  B 2 2  ? 5.798   25.067  18.262  1.00 105.52 ? 29  DC  C "C1'" 1 
ATOM   455 N  N1    . DC  B 2 2  ? 6.135   24.115  19.367  1.00 96.47  ? 29  DC  C N1    1 
ATOM   456 C  C2    . DC  B 2 2  ? 7.457   23.681  19.530  1.00 90.24  ? 29  DC  C C2    1 
ATOM   457 O  O2    . DC  B 2 2  ? 8.328   24.096  18.757  1.00 90.26  ? 29  DC  C O2    1 
ATOM   458 N  N3    . DC  B 2 2  ? 7.744   22.816  20.534  1.00 86.71  ? 29  DC  C N3    1 
ATOM   459 C  C4    . DC  B 2 2  ? 6.776   22.391  21.347  1.00 87.52  ? 29  DC  C C4    1 
ATOM   460 N  N4    . DC  B 2 2  ? 7.109   21.539  22.324  1.00 86.54  ? 29  DC  C N4    1 
ATOM   461 C  C5    . DC  B 2 2  ? 5.425   22.822  21.198  1.00 90.59  ? 29  DC  C C5    1 
ATOM   462 C  C6    . DC  B 2 2  ? 5.152   23.673  20.203  1.00 96.79  ? 29  DC  C C6    1 
ATOM   463 P  P     . DG  B 2 3  ? 5.047   25.598  14.088  1.00 126.16 ? 30  DG  C P     1 
ATOM   464 O  OP1   . DG  B 2 3  ? 4.241   26.472  13.208  1.00 131.07 ? 30  DG  C OP1   1 
ATOM   465 O  OP2   . DG  B 2 3  ? 4.701   24.163  14.198  1.00 113.39 ? 30  DG  C OP2   1 
ATOM   466 O  "O5'" . DG  B 2 3  ? 6.575   25.681  13.638  1.00 122.21 ? 30  DG  C "O5'" 1 
ATOM   467 C  "C5'" . DG  B 2 3  ? 7.594   25.556  14.618  1.00 118.98 ? 30  DG  C "C5'" 1 
ATOM   468 C  "C4'" . DG  B 2 3  ? 8.732   24.694  14.110  1.00 114.41 ? 30  DG  C "C4'" 1 
ATOM   469 O  "O4'" . DG  B 2 3  ? 9.160   23.795  15.166  1.00 110.46 ? 30  DG  C "O4'" 1 
ATOM   470 C  "C3'" . DG  B 2 3  ? 8.384   23.794  12.936  1.00 111.83 ? 30  DG  C "C3'" 1 
ATOM   471 O  "O3'" . DG  B 2 3  ? 9.557   23.541  12.175  1.00 112.76 ? 30  DG  C "O3'" 1 
ATOM   472 C  "C2'" . DG  B 2 3  ? 7.889   22.534  13.636  1.00 106.60 ? 30  DG  C "C2'" 1 
ATOM   473 C  "C1'" . DG  B 2 3  ? 8.845   22.458  14.820  1.00 101.00 ? 30  DG  C "C1'" 1 
ATOM   474 N  N9    . DG  B 2 3  ? 8.276   21.795  15.992  1.00 91.89  ? 30  DG  C N9    1 
ATOM   475 C  C8    . DG  B 2 3  ? 6.971   21.850  16.424  1.00 90.60  ? 30  DG  C C8    1 
ATOM   476 N  N7    . DG  B 2 3  ? 6.753   21.154  17.507  1.00 81.74  ? 30  DG  C N7    1 
ATOM   477 C  C5    . DG  B 2 3  ? 7.990   20.602  17.814  1.00 82.42  ? 30  DG  C C5    1 
ATOM   478 C  C6    . DG  B 2 3  ? 8.372   19.754  18.881  1.00 79.86  ? 30  DG  C C6    1 
ATOM   479 O  O6    . DG  B 2 3  ? 7.665   19.309  19.798  1.00 80.99  ? 30  DG  C O6    1 
ATOM   480 N  N1    . DG  B 2 3  ? 9.723   19.427  18.820  1.00 78.07  ? 30  DG  C N1    1 
ATOM   481 C  C2    . DG  B 2 3  ? 10.596  19.862  17.852  1.00 80.83  ? 30  DG  C C2    1 
ATOM   482 N  N2    . DG  B 2 3  ? 11.863  19.439  17.960  1.00 82.89  ? 30  DG  C N2    1 
ATOM   483 N  N3    . DG  B 2 3  ? 10.252  20.657  16.846  1.00 81.22  ? 30  DG  C N3    1 
ATOM   484 C  C4    . DG  B 2 3  ? 8.939   20.986  16.890  1.00 85.97  ? 30  DG  C C4    1 
ATOM   485 P  P     . DA  B 2 4  ? 9.469   22.821  10.741  1.00 120.81 ? 31  DA  C P     1 
ATOM   486 O  OP1   . DA  B 2 4  ? 10.051  23.750  9.746   1.00 121.33 ? 31  DA  C OP1   1 
ATOM   487 O  OP2   . DA  B 2 4  ? 8.089   22.323  10.541  1.00 113.44 ? 31  DA  C OP2   1 
ATOM   488 O  "O5'" . DA  B 2 4  ? 10.436  21.557  10.903  1.00 110.85 ? 31  DA  C "O5'" 1 
ATOM   489 C  "C5'" . DA  B 2 4  ? 11.745  21.740  11.426  1.00 110.90 ? 31  DA  C "C5'" 1 
ATOM   490 C  "C4'" . DA  B 2 4  ? 12.337  20.425  11.910  1.00 108.90 ? 31  DA  C "C4'" 1 
ATOM   491 O  "O4'" . DA  B 2 4  ? 11.693  20.014  13.146  1.00 103.34 ? 31  DA  C "O4'" 1 
ATOM   492 C  "C3'" . DA  B 2 4  ? 12.204  19.250  10.944  1.00 104.79 ? 31  DA  C "C3'" 1 
ATOM   493 O  "O3'" . DA  B 2 4  ? 13.428  18.521  10.926  1.00 106.30 ? 31  DA  C "O3'" 1 
ATOM   494 C  "C2'" . DA  B 2 4  ? 11.058  18.431  11.548  1.00 98.15  ? 31  DA  C "C2'" 1 
ATOM   495 C  "C1'" . DA  B 2 4  ? 11.260  18.675  13.034  1.00 94.04  ? 31  DA  C "C1'" 1 
ATOM   496 N  N9    . DA  B 2 4  ? 10.043  18.530  13.832  1.00 86.41  ? 31  DA  C N9    1 
ATOM   497 C  C8    . DA  B 2 4  ? 8.848   19.160  13.631  1.00 86.95  ? 31  DA  C C8    1 
ATOM   498 N  N7    . DA  B 2 4  ? 7.929   18.856  14.516  1.00 79.86  ? 31  DA  C N7    1 
ATOM   499 C  C5    . DA  B 2 4  ? 8.568   17.967  15.364  1.00 74.54  ? 31  DA  C C5    1 
ATOM   500 C  C6    . DA  B 2 4  ? 8.134   17.274  16.511  1.00 72.45  ? 31  DA  C C6    1 
ATOM   501 N  N6    . DA  B 2 4  ? 6.899   17.382  17.015  1.00 71.92  ? 31  DA  C N6    1 
ATOM   502 N  N1    . DA  B 2 4  ? 9.023   16.465  17.125  1.00 69.40  ? 31  DA  C N1    1 
ATOM   503 C  C2    . DA  B 2 4  ? 10.258  16.362  16.619  1.00 71.99  ? 31  DA  C C2    1 
ATOM   504 N  N3    . DA  B 2 4  ? 10.780  16.960  15.548  1.00 70.82  ? 31  DA  C N3    1 
ATOM   505 C  C4    . DA  B 2 4  ? 9.874   17.758  14.961  1.00 76.71  ? 31  DA  C C4    1 
ATOM   506 P  P     . DG  B 2 5  ? 13.697  17.368  9.839   1.00 114.81 ? 32  DG  C P     1 
ATOM   507 O  OP1   . DG  B 2 5  ? 14.900  17.754  9.066   1.00 113.50 ? 32  DG  C OP1   1 
ATOM   508 O  OP2   . DG  B 2 5  ? 12.435  17.071  9.127   1.00 107.55 ? 32  DG  C OP2   1 
ATOM   509 O  "O5'" . DG  B 2 5  ? 14.070  16.103  10.739  1.00 105.81 ? 32  DG  C "O5'" 1 
ATOM   510 C  "C5'" . DG  B 2 5  ? 13.894  16.176  12.146  1.00 107.66 ? 32  DG  C "C5'" 1 
ATOM   511 C  "C4'" . DG  B 2 5  ? 14.179  14.842  12.799  1.00 93.74  ? 32  DG  C "C4'" 1 
ATOM   512 O  "O4'" . DG  B 2 5  ? 13.179  14.589  13.819  1.00 86.52  ? 32  DG  C "O4'" 1 
ATOM   513 C  "C3'" . DG  B 2 5  ? 14.109  13.644  11.870  1.00 92.97  ? 32  DG  C "C3'" 1 
ATOM   514 O  "O3'" . DG  B 2 5  ? 14.912  12.592  12.399  1.00 100.85 ? 32  DG  C "O3'" 1 
ATOM   515 C  "C2'" . DG  B 2 5  ? 12.624  13.306  11.919  1.00 84.85  ? 32  DG  C "C2'" 1 
ATOM   516 C  "C1'" . DG  B 2 5  ? 12.295  13.574  13.385  1.00 77.79  ? 32  DG  C "C1'" 1 
ATOM   517 N  N9    . DG  B 2 5  ? 10.924  14.031  13.602  1.00 71.46  ? 32  DG  C N9    1 
ATOM   518 C  C8    . DG  B 2 5  ? 10.225  14.941  12.845  1.00 74.42  ? 32  DG  C C8    1 
ATOM   519 N  N7    . DG  B 2 5  ? 9.013   15.155  13.277  1.00 68.22  ? 32  DG  C N7    1 
ATOM   520 C  C5    . DG  B 2 5  ? 8.899   14.334  14.390  1.00 63.61  ? 32  DG  C C5    1 
ATOM   521 C  C6    . DG  B 2 5  ? 7.808   14.141  15.273  1.00 66.40  ? 32  DG  C C6    1 
ATOM   522 O  O6    . DG  B 2 5  ? 6.693   14.676  15.242  1.00 69.05  ? 32  DG  C O6    1 
ATOM   523 N  N1    . DG  B 2 5  ? 8.111   13.220  16.273  1.00 64.80  ? 32  DG  C N1    1 
ATOM   524 C  C2    . DG  B 2 5  ? 9.315   12.570  16.403  1.00 66.05  ? 32  DG  C C2    1 
ATOM   525 N  N2    . DG  B 2 5  ? 9.422   11.715  17.430  1.00 67.61  ? 32  DG  C N2    1 
ATOM   526 N  N3    . DG  B 2 5  ? 10.344  12.742  15.582  1.00 66.72  ? 32  DG  C N3    1 
ATOM   527 C  C4    . DG  B 2 5  ? 10.066  13.634  14.604  1.00 65.31  ? 32  DG  C C4    1 
ATOM   528 P  P     . DT  B 2 6  ? 15.220  11.268  11.541  1.00 97.99  ? 33  DT  C P     1 
ATOM   529 O  OP1   . DT  B 2 6  ? 16.681  11.223  11.308  1.00 97.90  ? 33  DT  C OP1   1 
ATOM   530 O  OP2   . DT  B 2 6  ? 14.291  11.201  10.392  1.00 89.96  ? 33  DT  C OP2   1 
ATOM   531 O  "O5'" . DT  B 2 6  ? 14.817  10.090  12.540  1.00 85.78  ? 33  DT  C "O5'" 1 
ATOM   532 C  "C5'" . DT  B 2 6  ? 13.697  10.259  13.387  1.00 77.35  ? 33  DT  C "C5'" 1 
ATOM   533 C  "C4'" . DT  B 2 6  ? 13.543  9.093   14.342  1.00 75.27  ? 33  DT  C "C4'" 1 
ATOM   534 O  "O4'" . DT  B 2 6  ? 12.323  9.267   15.100  1.00 76.33  ? 33  DT  C "O4'" 1 
ATOM   535 C  "C3'" . DT  B 2 6  ? 13.394  7.736   13.678  1.00 70.65  ? 33  DT  C "C3'" 1 
ATOM   536 O  "O3'" . DT  B 2 6  ? 13.761  6.700   14.589  1.00 68.25  ? 33  DT  C "O3'" 1 
ATOM   537 C  "C2'" . DT  B 2 6  ? 11.905  7.702   13.364  1.00 68.44  ? 33  DT  C "C2'" 1 
ATOM   538 C  "C1'" . DT  B 2 6  ? 11.301  8.453   14.554  1.00 67.33  ? 33  DT  C "C1'" 1 
ATOM   539 N  N1    . DT  B 2 6  ? 10.150  9.324   14.180  1.00 59.94  ? 33  DT  C N1    1 
ATOM   540 C  C2    . DT  B 2 6  ? 9.005   9.279   14.935  1.00 60.49  ? 33  DT  C C2    1 
ATOM   541 O  O2    . DT  B 2 6  ? 8.883   8.567   15.910  1.00 61.58  ? 33  DT  C O2    1 
ATOM   542 N  N3    . DT  B 2 6  ? 8.002   10.109  14.506  1.00 59.60  ? 33  DT  C N3    1 
ATOM   543 C  C4    . DT  B 2 6  ? 8.033   10.957  13.416  1.00 62.28  ? 33  DT  C C4    1 
ATOM   544 O  O4    . DT  B 2 6  ? 7.083   11.667  13.107  1.00 63.67  ? 33  DT  C O4    1 
ATOM   545 C  C5    . DT  B 2 6  ? 9.263   10.952  12.665  1.00 61.40  ? 33  DT  C C5    1 
ATOM   546 C  C7    . DT  B 2 6  ? 9.409   11.832  11.461  1.00 61.26  ? 33  DT  C C7    1 
ATOM   547 C  C6    . DT  B 2 6  ? 10.250  10.143  13.076  1.00 62.27  ? 33  DT  C C6    1 
ATOM   548 P  P     . DC  B 2 7  ? 13.657  5.158   14.148  1.00 71.97  ? 34  DC  C P     1 
ATOM   549 O  OP1   . DC  B 2 7  ? 14.649  4.398   14.936  1.00 71.12  ? 34  DC  C OP1   1 
ATOM   550 O  OP2   . DC  B 2 7  ? 13.706  5.118   12.670  1.00 79.88  ? 34  DC  C OP2   1 
ATOM   551 O  "O5'" . DC  B 2 7  ? 12.195  4.721   14.624  1.00 65.52  ? 34  DC  C "O5'" 1 
ATOM   552 C  "C5'" . DC  B 2 7  ? 11.772  5.016   15.943  1.00 70.40  ? 34  DC  C "C5'" 1 
ATOM   553 C  "C4'" . DC  B 2 7  ? 10.447  4.340   16.261  1.00 69.34  ? 34  DC  C "C4'" 1 
ATOM   554 O  "O4'" . DC  B 2 7  ? 9.339   5.229   15.976  1.00 69.58  ? 34  DC  C "O4'" 1 
ATOM   555 C  "C3'" . DC  B 2 7  ? 10.182  3.036   15.520  1.00 67.57  ? 34  DC  C "C3'" 1 
ATOM   556 O  "O3'" . DC  B 2 7  ? 9.845   2.027   16.475  1.00 71.11  ? 34  DC  C "O3'" 1 
ATOM   557 C  "C2'" . DC  B 2 7  ? 9.032   3.366   14.545  1.00 64.17  ? 34  DC  C "C2'" 1 
ATOM   558 C  "C1'" . DC  B 2 7  ? 8.373   4.601   15.156  1.00 63.40  ? 34  DC  C "C1'" 1 
ATOM   559 N  N1    . DC  B 2 7  ? 7.936   5.620   14.147  1.00 60.54  ? 34  DC  C N1    1 
ATOM   560 C  C2    . DC  B 2 7  ? 6.646   6.168   14.219  1.00 57.64  ? 34  DC  C C2    1 
ATOM   561 O  O2    . DC  B 2 7  ? 5.871   5.773   15.096  1.00 62.10  ? 34  DC  C O2    1 
ATOM   562 N  N3    . DC  B 2 7  ? 6.282   7.113   13.314  1.00 56.35  ? 34  DC  C N3    1 
ATOM   563 C  C4    . DC  B 2 7  ? 7.149   7.514   12.382  1.00 57.14  ? 34  DC  C C4    1 
ATOM   564 N  N4    . DC  B 2 7  ? 6.747   8.447   11.512  1.00 62.44  ? 34  DC  C N4    1 
ATOM   565 C  C5    . DC  B 2 7  ? 8.468   6.976   12.300  1.00 55.54  ? 34  DC  C C5    1 
ATOM   566 C  C6    . DC  B 2 7  ? 8.815   6.046   13.196  1.00 61.50  ? 34  DC  C C6    1 
ATOM   567 P  P     . DG  B 2 8  ? 9.233   0.616   16.024  1.00 70.85  ? 35  DG  C P     1 
ATOM   568 O  OP1   . DG  B 2 8  ? 9.646   -0.384  17.036  1.00 76.39  ? 35  DG  C OP1   1 
ATOM   569 O  OP2   . DG  B 2 8  ? 9.555   0.377   14.597  1.00 71.17  ? 35  DG  C OP2   1 
ATOM   570 O  "O5'" . DG  B 2 8  ? 7.670   0.863   16.176  1.00 67.32  ? 35  DG  C "O5'" 1 
ATOM   571 C  "C5'" . DG  B 2 8  ? 6.759   -0.084  15.707  1.00 70.88  ? 35  DG  C "C5'" 1 
ATOM   572 C  "C4'" . DG  B 2 8  ? 5.428   0.577   15.462  1.00 67.82  ? 35  DG  C "C4'" 1 
ATOM   573 O  "O4'" . DG  B 2 8  ? 5.661   1.849   14.804  1.00 65.53  ? 35  DG  C "O4'" 1 
ATOM   574 C  "C3'" . DG  B 2 8  ? 4.482   -0.213  14.549  1.00 69.49  ? 35  DG  C "C3'" 1 
ATOM   575 O  "O3'" . DG  B 2 8  ? 3.171   -0.222  15.084  1.00 72.06  ? 35  DG  C "O3'" 1 
ATOM   576 C  "C2'" . DG  B 2 8  ? 4.538   0.562   13.238  1.00 74.61  ? 35  DG  C "C2'" 1 
ATOM   577 C  "C1'" . DG  B 2 8  ? 4.748   1.973   13.751  1.00 62.46  ? 35  DG  C "C1'" 1 
ATOM   578 N  N9    . DG  B 2 8  ? 5.253   2.916   12.747  1.00 57.60  ? 35  DG  C N9    1 
ATOM   579 C  C8    . DG  B 2 8  ? 6.484   2.930   12.131  1.00 55.66  ? 35  DG  C C8    1 
ATOM   580 N  N7    . DG  B 2 8  ? 6.622   3.911   11.274  1.00 57.89  ? 35  DG  C N7    1 
ATOM   581 C  C5    . DG  B 2 8  ? 5.410   4.584   11.331  1.00 55.46  ? 35  DG  C C5    1 
ATOM   582 C  C6    . DG  B 2 8  ? 4.962   5.731   10.633  1.00 55.41  ? 35  DG  C C6    1 
ATOM   583 O  O6    . DG  B 2 8  ? 5.573   6.409   9.788   1.00 61.93  ? 35  DG  C O6    1 
ATOM   584 N  N1    . DG  B 2 8  ? 3.662   6.076   10.995  1.00 53.23  ? 35  DG  C N1    1 
ATOM   585 C  C2    . DG  B 2 8  ? 2.896   5.399   11.916  1.00 57.23  ? 35  DG  C C2    1 
ATOM   586 N  N2    . DG  B 2 8  ? 1.666   5.879   12.135  1.00 60.75  ? 35  DG  C N2    1 
ATOM   587 N  N3    . DG  B 2 8  ? 3.305   4.329   12.574  1.00 56.56  ? 35  DG  C N3    1 
ATOM   588 C  C4    . DG  B 2 8  ? 4.562   3.980   12.235  1.00 56.79  ? 35  DG  C C4    1 
ATOM   589 P  P     . DG  C 3 1  ? -2.088  -1.705  -16.002 1.00 82.46  ? 36  DG  D P     1 
ATOM   590 O  OP1   . DG  C 3 1  ? -3.525  -1.542  -15.675 1.00 83.10  ? 36  DG  D OP1   1 
ATOM   591 O  OP2   . DG  C 3 1  ? -1.611  -1.534  -17.396 1.00 86.14  ? 36  DG  D OP2   1 
ATOM   592 O  "O5'" . DG  C 3 1  ? -1.215  -0.746  -15.061 1.00 68.45  ? 36  DG  D "O5'" 1 
ATOM   593 C  "C5'" . DG  C 3 1  ? 0.182   -0.607  -15.289 1.00 68.26  ? 36  DG  D "C5'" 1 
ATOM   594 C  "C4'" . DG  C 3 1  ? 0.973   -1.267  -14.178 1.00 66.01  ? 36  DG  D "C4'" 1 
ATOM   595 O  "O4'" . DG  C 3 1  ? 0.350   -0.964  -12.916 1.00 63.85  ? 36  DG  D "O4'" 1 
ATOM   596 C  "C3'" . DG  C 3 1  ? 0.997   -2.780  -14.231 1.00 70.14  ? 36  DG  D "C3'" 1 
ATOM   597 O  "O3'" . DG  C 3 1  ? 2.072   -3.221  -15.044 1.00 75.86  ? 36  DG  D "O3'" 1 
ATOM   598 C  "C2'" . DG  C 3 1  ? 1.214   -3.172  -12.768 1.00 69.91  ? 36  DG  D "C2'" 1 
ATOM   599 C  "C1'" . DG  C 3 1  ? 0.608   -1.999  -11.995 1.00 62.27  ? 36  DG  D "C1'" 1 
ATOM   600 N  N9    . DG  C 3 1  ? -0.636  -2.323  -11.305 1.00 58.51  ? 36  DG  D N9    1 
ATOM   601 C  C8    . DG  C 3 1  ? -1.857  -1.721  -11.483 1.00 61.45  ? 36  DG  D C8    1 
ATOM   602 N  N7    . DG  C 3 1  ? -2.792  -2.211  -10.718 1.00 59.68  ? 36  DG  D N7    1 
ATOM   603 C  C5    . DG  C 3 1  ? -2.147  -3.199  -9.986  1.00 59.98  ? 36  DG  D C5    1 
ATOM   604 C  C6    . DG  C 3 1  ? -2.650  -4.075  -8.994  1.00 63.10  ? 36  DG  D C6    1 
ATOM   605 O  O6    . DG  C 3 1  ? -3.804  -4.150  -8.553  1.00 67.36  ? 36  DG  D O6    1 
ATOM   606 N  N1    . DG  C 3 1  ? -1.661  -4.923  -8.506  1.00 63.06  ? 36  DG  D N1    1 
ATOM   607 C  C2    . DG  C 3 1  ? -0.350  -4.927  -8.919  1.00 63.11  ? 36  DG  D C2    1 
ATOM   608 N  N2    . DG  C 3 1  ? 0.456   -5.820  -8.328  1.00 64.57  ? 36  DG  D N2    1 
ATOM   609 N  N3    . DG  C 3 1  ? 0.134   -4.110  -9.849  1.00 63.38  ? 36  DG  D N3    1 
ATOM   610 C  C4    . DG  C 3 1  ? -0.817  -3.278  -10.337 1.00 60.56  ? 36  DG  D C4    1 
ATOM   611 P  P     . DT  C 3 2  ? 2.000   -4.655  -15.760 1.00 71.70  ? 37  DT  D P     1 
ATOM   612 O  OP1   . DT  C 3 2  ? 3.188   -4.785  -16.631 1.00 69.48  ? 37  DT  D OP1   1 
ATOM   613 O  OP2   . DT  C 3 2  ? 0.645   -4.779  -16.342 1.00 65.76  ? 37  DT  D OP2   1 
ATOM   614 O  "O5'" . DT  C 3 2  ? 2.144   -5.695  -14.551 1.00 63.22  ? 37  DT  D "O5'" 1 
ATOM   615 C  "C5'" . DT  C 3 2  ? 3.390   -5.837  -13.867 1.00 65.10  ? 37  DT  D "C5'" 1 
ATOM   616 C  "C4'" . DT  C 3 2  ? 3.304   -6.926  -12.808 1.00 68.85  ? 37  DT  D "C4'" 1 
ATOM   617 O  "O4'" . DT  C 3 2  ? 2.166   -6.664  -11.940 1.00 68.67  ? 37  DT  D "O4'" 1 
ATOM   618 C  "C3'" . DT  C 3 2  ? 3.093   -8.341  -13.344 1.00 72.30  ? 37  DT  D "C3'" 1 
ATOM   619 O  "O3'" . DT  C 3 2  ? 3.738   -9.292  -12.482 1.00 79.98  ? 37  DT  D "O3'" 1 
ATOM   620 C  "C2'" . DT  C 3 2  ? 1.573   -8.477  -13.301 1.00 71.61  ? 37  DT  D "C2'" 1 
ATOM   621 C  "C1'" . DT  C 3 2  ? 1.253   -7.741  -12.010 1.00 65.49  ? 37  DT  D "C1'" 1 
ATOM   622 N  N1    . DT  C 3 2  ? -0.136  -7.200  -11.952 1.00 62.49  ? 37  DT  D N1    1 
ATOM   623 C  C2    . DT  C 3 2  ? -1.001  -7.679  -10.994 1.00 66.50  ? 37  DT  D C2    1 
ATOM   624 O  O2    . DT  C 3 2  ? -0.691  -8.532  -10.181 1.00 70.33  ? 37  DT  D O2    1 
ATOM   625 N  N3    . DT  C 3 2  ? -2.252  -7.127  -11.025 1.00 63.98  ? 37  DT  D N3    1 
ATOM   626 C  C4    . DT  C 3 2  ? -2.712  -6.157  -11.896 1.00 63.27  ? 37  DT  D C4    1 
ATOM   627 O  O4    . DT  C 3 2  ? -3.855  -5.722  -11.845 1.00 64.60  ? 37  DT  D O4    1 
ATOM   628 C  C5    . DT  C 3 2  ? -1.751  -5.694  -12.872 1.00 60.75  ? 37  DT  D C5    1 
ATOM   629 C  C7    . DT  C 3 2  ? -2.136  -4.647  -13.869 1.00 61.58  ? 37  DT  D C7    1 
ATOM   630 C  C6    . DT  C 3 2  ? -0.524  -6.228  -12.851 1.00 61.26  ? 37  DT  D C6    1 
ATOM   631 P  P     . DG  C 3 3  ? 3.883   -10.834 -12.926 1.00 89.65  ? 38  DG  D P     1 
ATOM   632 O  OP1   . DG  C 3 3  ? 5.324   -11.170 -12.948 1.00 81.37  ? 38  DG  D OP1   1 
ATOM   633 O  OP2   . DG  C 3 3  ? 3.062   -11.047 -14.140 1.00 78.65  ? 38  DG  D OP2   1 
ATOM   634 O  "O5'" . DG  C 3 3  ? 3.213   -11.648 -11.720 1.00 78.31  ? 38  DG  D "O5'" 1 
ATOM   635 C  "C5'" . DG  C 3 3  ? 1.984   -11.204 -11.170 1.00 69.60  ? 38  DG  D "C5'" 1 
ATOM   636 C  "C4'" . DG  C 3 3  ? 1.539   -12.081 -10.014 1.00 79.37  ? 38  DG  D "C4'" 1 
ATOM   637 O  "O4'" . DG  C 3 3  ? 0.228   -11.648 -9.580  1.00 82.01  ? 38  DG  D "O4'" 1 
ATOM   638 C  "C3'" . DG  C 3 3  ? 1.346   -13.543 -10.359 1.00 88.23  ? 38  DG  D "C3'" 1 
ATOM   639 O  "O3'" . DG  C 3 3  ? 1.335   -14.334 -9.166  1.00 94.09  ? 38  DG  D "O3'" 1 
ATOM   640 C  "C2'" . DG  C 3 3  ? -0.027  -13.517 -11.015 1.00 87.01  ? 38  DG  D "C2'" 1 
ATOM   641 C  "C1'" . DG  C 3 3  ? -0.762  -12.483 -10.156 1.00 82.40  ? 38  DG  D "C1'" 1 
ATOM   642 N  N9    . DG  C 3 3  ? -1.683  -11.647 -10.921 1.00 74.74  ? 38  DG  D N9    1 
ATOM   643 C  C8    . DG  C 3 3  ? -1.404  -10.950 -12.071 1.00 74.52  ? 38  DG  D C8    1 
ATOM   644 N  N7    . DG  C 3 3  ? -2.424  -10.283 -12.537 1.00 74.52  ? 38  DG  D N7    1 
ATOM   645 C  C5    . DG  C 3 3  ? -3.445  -10.553 -11.638 1.00 72.16  ? 38  DG  D C5    1 
ATOM   646 C  C6    . DG  C 3 3  ? -4.787  -10.105 -11.624 1.00 70.98  ? 38  DG  D C6    1 
ATOM   647 O  O6    . DG  C 3 3  ? -5.359  -9.357  -12.433 1.00 73.41  ? 38  DG  D O6    1 
ATOM   648 N  N1    . DG  C 3 3  ? -5.487  -10.614 -10.533 1.00 73.69  ? 38  DG  D N1    1 
ATOM   649 C  C2    . DG  C 3 3  ? -4.959  -11.454 -9.579  1.00 77.90  ? 38  DG  D C2    1 
ATOM   650 N  N2    . DG  C 3 3  ? -5.795  -11.835 -8.599  1.00 76.59  ? 38  DG  D N2    1 
ATOM   651 N  N3    . DG  C 3 3  ? -3.700  -11.881 -9.578  1.00 76.29  ? 38  DG  D N3    1 
ATOM   652 C  C4    . DG  C 3 3  ? -3.004  -11.391 -10.633 1.00 73.68  ? 38  DG  D C4    1 
ATOM   653 P  P     . DT  C 3 4  ? 1.171   -15.933 -9.253  1.00 95.47  ? 39  DT  D P     1 
ATOM   654 O  OP1   . DT  C 3 4  ? 1.835   -16.525 -8.067  1.00 93.64  ? 39  DT  D OP1   1 
ATOM   655 O  OP2   . DT  C 3 4  ? 1.590   -16.352 -10.610 1.00 97.91  ? 39  DT  D OP2   1 
ATOM   656 O  "O5'" . DT  C 3 4  ? -0.409  -16.171 -9.127  1.00 85.37  ? 39  DT  D "O5'" 1 
ATOM   657 C  "C5'" . DT  C 3 4  ? -1.070  -15.910 -7.890  1.00 89.22  ? 39  DT  D "C5'" 1 
ATOM   658 C  "C4'" . DT  C 3 4  ? -2.543  -16.273 -7.962  1.00 96.53  ? 39  DT  D "C4'" 1 
ATOM   659 O  "O4'" . DT  C 3 4  ? -3.264  -15.279 -8.743  1.00 91.76  ? 39  DT  D "O4'" 1 
ATOM   660 C  "C3'" . DT  C 3 4  ? -2.853  -17.627 -8.610  1.00 106.23 ? 39  DT  D "C3'" 1 
ATOM   661 O  "O3'" . DT  C 3 4  ? -3.834  -18.316 -7.828  1.00 118.13 ? 39  DT  D "O3'" 1 
ATOM   662 C  "C2'" . DT  C 3 4  ? -3.420  -17.223 -9.969  1.00 99.38  ? 39  DT  D "C2'" 1 
ATOM   663 C  "C1'" . DT  C 3 4  ? -4.157  -15.954 -9.586  1.00 92.53  ? 39  DT  D "C1'" 1 
ATOM   664 N  N1    . DT  C 3 4  ? -4.502  -15.077 -10.744 1.00 84.93  ? 39  DT  D N1    1 
ATOM   665 C  C2    . DT  C 3 4  ? -5.748  -14.498 -10.798 1.00 84.02  ? 39  DT  D C2    1 
ATOM   666 O  O2    . DT  C 3 4  ? -6.595  -14.654 -9.937  1.00 84.62  ? 39  DT  D O2    1 
ATOM   667 N  N3    . DT  C 3 4  ? -5.974  -13.718 -11.902 1.00 75.39  ? 39  DT  D N3    1 
ATOM   668 C  C4    . DT  C 3 4  ? -5.099  -13.465 -12.940 1.00 74.10  ? 39  DT  D C4    1 
ATOM   669 O  O4    . DT  C 3 4  ? -5.399  -12.747 -13.893 1.00 76.24  ? 39  DT  D O4    1 
ATOM   670 C  C5    . DT  C 3 4  ? -3.808  -14.105 -12.825 1.00 75.45  ? 39  DT  D C5    1 
ATOM   671 C  C7    . DT  C 3 4  ? -2.774  -13.904 -13.892 1.00 71.23  ? 39  DT  D C7    1 
ATOM   672 C  C6    . DT  C 3 4  ? -3.574  -14.873 -11.745 1.00 80.15  ? 39  DT  D C6    1 
ATOM   673 P  P     . DC  C 3 5  ? -3.623  -19.854 -7.406  1.00 122.60 ? 40  DC  D P     1 
ATOM   674 O  OP1   . DC  C 3 5  ? -3.278  -19.862 -5.968  1.00 132.69 ? 40  DC  D OP1   1 
ATOM   675 O  OP2   . DC  C 3 5  ? -2.714  -20.471 -8.396  1.00 119.24 ? 40  DC  D OP2   1 
ATOM   676 O  "O5'" . DC  C 3 5  ? -5.074  -20.518 -7.568  1.00 122.19 ? 40  DC  D "O5'" 1 
ATOM   677 C  "C5'" . DC  C 3 5  ? -5.689  -20.594 -8.845  1.00 120.10 ? 40  DC  D "C5'" 1 
ATOM   678 C  "C4'" . DC  C 3 5  ? -7.108  -20.058 -8.789  1.00 120.80 ? 40  DC  D "C4'" 1 
ATOM   679 O  "O4'" . DC  C 3 5  ? -7.089  -18.620 -8.996  1.00 112.22 ? 40  DC  D "O4'" 1 
ATOM   680 C  "C3'" . DC  C 3 5  ? -8.035  -20.584 -9.873  1.00 132.09 ? 40  DC  D "C3'" 1 
ATOM   681 O  "O3'" . DC  C 3 5  ? -8.605  -21.861 -9.499  1.00 139.53 ? 40  DC  D "O3'" 1 
ATOM   682 C  "C2'" . DC  C 3 5  ? -9.069  -19.471 -9.956  1.00 117.35 ? 40  DC  D "C2'" 1 
ATOM   683 C  "C1'" . DC  C 3 5  ? -8.187  -18.239 -9.814  1.00 108.93 ? 40  DC  D "C1'" 1 
ATOM   684 N  N1    . DC  C 3 5  ? -7.656  -17.704 -11.118 1.00 100.14 ? 40  DC  D N1    1 
ATOM   685 C  C2    . DC  C 3 5  ? -8.458  -16.870 -11.908 1.00 94.35  ? 40  DC  D C2    1 
ATOM   686 O  O2    . DC  C 3 5  ? -9.603  -16.600 -11.530 1.00 91.21  ? 40  DC  D O2    1 
ATOM   687 N  N3    . DC  C 3 5  ? -7.954  -16.384 -13.073 1.00 87.73  ? 40  DC  D N3    1 
ATOM   688 C  C4    . DC  C 3 5  ? -6.713  -16.699 -13.448 1.00 86.81  ? 40  DC  D C4    1 
ATOM   689 N  N4    . DC  C 3 5  ? -6.261  -16.197 -14.602 1.00 81.75  ? 40  DC  D N4    1 
ATOM   690 C  C5    . DC  C 3 5  ? -5.881  -17.543 -12.655 1.00 89.58  ? 40  DC  D C5    1 
ATOM   691 C  C6    . DC  C 3 5  ? -6.386  -18.016 -11.511 1.00 93.50  ? 40  DC  D C6    1 
ATOM   692 P  P     . DG  C 3 6  ? -9.885  -21.977 -8.527  1.00 139.77 ? 41  DG  D P     1 
ATOM   693 O  OP1   . DG  C 3 6  ? -9.754  -21.030 -7.395  1.00 148.55 ? 41  DG  D OP1   1 
ATOM   694 O  OP2   . DG  C 3 6  ? -10.041 -23.418 -8.230  1.00 151.20 ? 41  DG  D OP2   1 
ATOM   695 O  "O5'" . DG  C 3 6  ? -11.128 -21.568 -9.452  1.00 124.68 ? 41  DG  D "O5'" 1 
ATOM   696 C  "C5'" . DG  C 3 6  ? -12.288 -20.985 -8.869  1.00 124.73 ? 41  DG  D "C5'" 1 
ATOM   697 C  "C4'" . DG  C 3 6  ? -13.168 -20.340 -9.928  1.00 125.82 ? 41  DG  D "C4'" 1 
ATOM   698 O  "O4'" . DG  C 3 6  ? -12.344 -19.573 -10.846 1.00 120.51 ? 41  DG  D "O4'" 1 
ATOM   699 C  "C3'" . DG  C 3 6  ? -13.961 -21.321 -10.788 1.00 124.24 ? 41  DG  D "C3'" 1 
ATOM   700 O  "O3'" . DG  C 3 6  ? -15.268 -20.817 -11.043 1.00 130.36 ? 41  DG  D "O3'" 1 
ATOM   701 C  "C2'" . DG  C 3 6  ? -13.138 -21.409 -12.067 1.00 114.14 ? 41  DG  D "C2'" 1 
ATOM   702 C  "C1'" . DG  C 3 6  ? -12.577 -20.000 -12.173 1.00 111.77 ? 41  DG  D "C1'" 1 
ATOM   703 N  N9    . DG  C 3 6  ? -11.315 -19.939 -12.908 1.00 101.82 ? 41  DG  D N9    1 
ATOM   704 C  C8    . DG  C 3 6  ? -10.175 -20.655 -12.646 1.00 102.12 ? 41  DG  D C8    1 
ATOM   705 N  N7    . DG  C 3 6  ? -9.196  -20.396 -13.465 1.00 96.66  ? 41  DG  D N7    1 
ATOM   706 C  C5    . DG  C 3 6  ? -9.723  -19.457 -14.339 1.00 92.37  ? 41  DG  D C5    1 
ATOM   707 C  C6    . DG  C 3 6  ? -9.126  -18.809 -15.446 1.00 86.87  ? 41  DG  D C6    1 
ATOM   708 O  O6    . DG  C 3 6  ? -7.975  -18.944 -15.883 1.00 84.63  ? 41  DG  D O6    1 
ATOM   709 N  N1    . DG  C 3 6  ? -10.008 -17.928 -16.065 1.00 84.93  ? 41  DG  D N1    1 
ATOM   710 C  C2    . DG  C 3 6  ? -11.304 -17.703 -15.663 1.00 87.04  ? 41  DG  D C2    1 
ATOM   711 N  N2    . DG  C 3 6  ? -12.004 -16.817 -16.383 1.00 83.40  ? 41  DG  D N2    1 
ATOM   712 N  N3    . DG  C 3 6  ? -11.875 -18.304 -14.627 1.00 89.39  ? 41  DG  D N3    1 
ATOM   713 C  C4    . DG  C 3 6  ? -11.029 -19.166 -14.013 1.00 93.96  ? 41  DG  D C4    1 
ATOM   714 P  P     . DT  C 3 7  ? -16.379 -21.773 -11.703 1.00 126.56 ? 42  DT  D P     1 
ATOM   715 O  OP1   . DT  C 3 7  ? -17.671 -21.483 -11.046 1.00 119.81 ? 42  DT  D OP1   1 
ATOM   716 O  OP2   . DT  C 3 7  ? -15.852 -23.155 -11.694 1.00 126.83 ? 42  DT  D OP2   1 
ATOM   717 O  "O5'" . DT  C 3 7  ? -16.452 -21.289 -13.226 1.00 118.26 ? 42  DT  D "O5'" 1 
ATOM   718 C  "C5'" . DT  C 3 7  ? -17.034 -20.032 -13.543 1.00 118.42 ? 42  DT  D "C5'" 1 
ATOM   719 C  "C4'" . DT  C 3 7  ? -16.879 -19.720 -15.020 1.00 115.26 ? 42  DT  D "C4'" 1 
ATOM   720 O  "O4'" . DT  C 3 7  ? -15.470 -19.646 -15.357 1.00 109.98 ? 42  DT  D "O4'" 1 
ATOM   721 C  "C3'" . DT  C 3 7  ? -17.493 -20.755 -15.969 1.00 114.19 ? 42  DT  D "C3'" 1 
ATOM   722 O  "O3'" . DT  C 3 7  ? -18.299 -20.106 -16.947 1.00 118.35 ? 42  DT  D "O3'" 1 
ATOM   723 C  "C2'" . DT  C 3 7  ? -16.274 -21.430 -16.603 1.00 106.92 ? 42  DT  D "C2'" 1 
ATOM   724 C  "C1'" . DT  C 3 7  ? -15.260 -20.300 -16.581 1.00 102.09 ? 42  DT  D "C1'" 1 
ATOM   725 N  N1    . DT  C 3 7  ? -13.843 -20.765 -16.644 1.00 94.70  ? 42  DT  D N1    1 
ATOM   726 C  C2    . DT  C 3 7  ? -13.012 -20.246 -17.605 1.00 91.35  ? 42  DT  D C2    1 
ATOM   727 O  O2    . DT  C 3 7  ? -13.372 -19.415 -18.416 1.00 90.76  ? 42  DT  D O2    1 
ATOM   728 N  N3    . DT  C 3 7  ? -11.733 -20.736 -17.585 1.00 87.52  ? 42  DT  D N3    1 
ATOM   729 C  C4    . DT  C 3 7  ? -11.214 -21.675 -16.716 1.00 88.10  ? 42  DT  D C4    1 
ATOM   730 O  O4    . DT  C 3 7  ? -10.049 -22.053 -16.777 1.00 86.90  ? 42  DT  D O4    1 
ATOM   731 C  C5    . DT  C 3 7  ? -12.140 -22.182 -15.731 1.00 89.31  ? 42  DT  D C5    1 
ATOM   732 C  C7    . DT  C 3 7  ? -11.690 -23.210 -14.735 1.00 93.64  ? 42  DT  D C7    1 
ATOM   733 C  C6    . DT  C 3 7  ? -13.395 -21.709 -15.741 1.00 91.33  ? 42  DT  D C6    1 
ATOM   734 P  P     . DA  D 4 1  ? 2.994   -3.071  10.078  1.00 71.45  ? 1   DA  A P     1 
ATOM   735 O  OP1   . DA  D 4 1  ? 3.708   -4.168  10.774  1.00 71.92  ? 1   DA  A OP1   1 
ATOM   736 O  OP2   . DA  D 4 1  ? 3.423   -2.608  8.738   1.00 84.39  ? 1   DA  A OP2   1 
ATOM   737 O  "O5'" . DA  D 4 1  ? 2.945   -1.798  11.039  1.00 67.88  ? 1   DA  A "O5'" 1 
ATOM   738 C  "C5'" . DA  D 4 1  ? 1.907   -1.671  11.986  1.00 69.00  ? 1   DA  A "C5'" 1 
ATOM   739 C  "C4'" . DA  D 4 1  ? 1.083   -0.428  11.711  1.00 64.42  ? 1   DA  A "C4'" 1 
ATOM   740 O  "O4'" . DA  D 4 1  ? 1.946   0.720   11.688  1.00 62.03  ? 1   DA  A "O4'" 1 
ATOM   741 C  "C3'" . DA  D 4 1  ? 0.398   -0.401  10.360  1.00 61.41  ? 1   DA  A "C3'" 1 
ATOM   742 O  "O3'" . DA  D 4 1  ? -0.841  -1.076  10.436  1.00 67.14  ? 1   DA  A "O3'" 1 
ATOM   743 C  "C2'" . DA  D 4 1  ? 0.204   1.096   10.116  1.00 57.17  ? 1   DA  A "C2'" 1 
ATOM   744 C  "C1'" . DA  D 4 1  ? 1.358   1.731   10.899  1.00 60.07  ? 1   DA  A "C1'" 1 
ATOM   745 N  N9    . DA  D 4 1  ? 2.392   2.305   10.052  1.00 57.23  ? 1   DA  A N9    1 
ATOM   746 C  C8    . DA  D 4 1  ? 3.668   1.844   9.888   1.00 58.26  ? 1   DA  A C8    1 
ATOM   747 N  N7    . DA  D 4 1  ? 4.384   2.562   9.060   1.00 56.20  ? 1   DA  A N7    1 
ATOM   748 C  C5    . DA  D 4 1  ? 3.518   3.560   8.652   1.00 53.83  ? 1   DA  A C5    1 
ATOM   749 C  C6    . DA  D 4 1  ? 3.672   4.644   7.773   1.00 51.96  ? 1   DA  A C6    1 
ATOM   750 N  N6    . DA  D 4 1  ? 4.809   4.903   7.121   1.00 56.83  ? 1   DA  A N6    1 
ATOM   751 N  N1    . DA  D 4 1  ? 2.609   5.456   7.586   1.00 55.20  ? 1   DA  A N1    1 
ATOM   752 C  C2    . DA  D 4 1  ? 1.472   5.191   8.241   1.00 56.25  ? 1   DA  A C2    1 
ATOM   753 N  N3    . DA  D 4 1  ? 1.209   4.202   9.093   1.00 55.24  ? 1   DA  A N3    1 
ATOM   754 C  C4    . DA  D 4 1  ? 2.284   3.417   9.255   1.00 56.21  ? 1   DA  A C4    1 
ATOM   755 P  P     . DC  D 4 2  ? -1.509  -1.675  9.107   1.00 69.42  ? 2   DC  A P     1 
ATOM   756 O  OP1   . DC  D 4 2  ? -2.532  -2.665  9.509   1.00 73.91  ? 2   DC  A OP1   1 
ATOM   757 O  OP2   . DC  D 4 2  ? -0.413  -2.088  8.203   1.00 63.06  ? 2   DC  A OP2   1 
ATOM   758 O  "O5'" . DC  D 4 2  ? -2.217  -0.410  8.438   1.00 63.86  ? 2   DC  A "O5'" 1 
ATOM   759 C  "C5'" . DC  D 4 2  ? -3.140  0.375   9.176   1.00 66.33  ? 2   DC  A "C5'" 1 
ATOM   760 C  "C4'" . DC  D 4 2  ? -3.541  1.587   8.362   1.00 64.45  ? 2   DC  A "C4'" 1 
ATOM   761 O  "O4'" . DC  D 4 2  ? -2.372  2.415   8.145   1.00 59.13  ? 2   DC  A "O4'" 1 
ATOM   762 C  "C3'" . DC  D 4 2  ? -4.106  1.246   6.988   1.00 69.97  ? 2   DC  A "C3'" 1 
ATOM   763 O  "O3'" . DC  D 4 2  ? -5.432  1.733   6.852   1.00 77.55  ? 2   DC  A "O3'" 1 
ATOM   764 C  "C2'" . DC  D 4 2  ? -3.153  1.892   5.977   1.00 66.23  ? 2   DC  A "C2'" 1 
ATOM   765 C  "C1'" . DC  D 4 2  ? -2.299  2.842   6.805   1.00 60.62  ? 2   DC  A "C1'" 1 
ATOM   766 N  N1    . DC  D 4 2  ? -0.851  2.844   6.389   1.00 58.21  ? 2   DC  A N1    1 
ATOM   767 C  C2    . DC  D 4 2  ? -0.346  3.892   5.604   1.00 55.17  ? 2   DC  A C2    1 
ATOM   768 O  O2    . DC  D 4 2  ? -1.099  4.811   5.264   1.00 56.35  ? 2   DC  A O2    1 
ATOM   769 N  N3    . DC  D 4 2  ? 0.963   3.871   5.239   1.00 52.64  ? 2   DC  A N3    1 
ATOM   770 C  C4    . DC  D 4 2  ? 1.747   2.862   5.626   1.00 53.90  ? 2   DC  A C4    1 
ATOM   771 N  N4    . DC  D 4 2  ? 3.030   2.882   5.243   1.00 57.51  ? 2   DC  A N4    1 
ATOM   772 C  C5    . DC  D 4 2  ? 1.252   1.787   6.422   1.00 53.48  ? 2   DC  A C5    1 
ATOM   773 C  C6    . DC  D 4 2  ? -0.040  1.816   6.774   1.00 57.73  ? 2   DC  A C6    1 
ATOM   774 P  P     . DG  D 4 3  ? -6.328  1.237   5.616   1.00 81.25  ? 3   DG  A P     1 
ATOM   775 O  OP1   . DG  D 4 3  ? -7.755  1.362   5.989   1.00 91.12  ? 3   DG  A OP1   1 
ATOM   776 O  OP2   . DG  D 4 3  ? -5.782  -0.070  5.188   1.00 76.21  ? 3   DG  A OP2   1 
ATOM   777 O  "O5'" . DG  D 4 3  ? -6.000  2.295   4.467   1.00 69.19  ? 3   DG  A "O5'" 1 
ATOM   778 C  "C5'" . DG  D 4 3  ? -6.244  3.671   4.693   1.00 76.04  ? 3   DG  A "C5'" 1 
ATOM   779 C  "C4'" . DG  D 4 3  ? -5.983  4.478   3.435   1.00 79.20  ? 3   DG  A "C4'" 1 
ATOM   780 O  "O4'" . DG  D 4 3  ? -4.553  4.596   3.222   1.00 79.92  ? 3   DG  A "O4'" 1 
ATOM   781 C  "C3'" . DG  D 4 3  ? -6.567  3.882   2.158   1.00 76.52  ? 3   DG  A "C3'" 1 
ATOM   782 O  "O3'" . DG  D 4 3  ? -7.149  4.905   1.352   1.00 85.98  ? 3   DG  A "O3'" 1 
ATOM   783 C  "C2'" . DG  D 4 3  ? -5.364  3.231   1.477   1.00 74.93  ? 3   DG  A "C2'" 1 
ATOM   784 C  "C1'" . DG  D 4 3  ? -4.192  4.073   1.961   1.00 70.57  ? 3   DG  A "C1'" 1 
ATOM   785 N  N9    . DG  D 4 3  ? -2.974  3.288   2.134   1.00 62.08  ? 3   DG  A N9    1 
ATOM   786 C  C8    . DG  D 4 3  ? -2.864  2.085   2.782   1.00 62.48  ? 3   DG  A C8    1 
ATOM   787 N  N7    . DG  D 4 3  ? -1.656  1.604   2.790   1.00 60.42  ? 3   DG  A N7    1 
ATOM   788 C  C5    . DG  D 4 3  ? -0.912  2.544   2.098   1.00 53.65  ? 3   DG  A C5    1 
ATOM   789 C  C6    . DG  D 4 3  ? 0.466   2.560   1.785   1.00 55.87  ? 3   DG  A C6    1 
ATOM   790 O  O6    . DG  D 4 3  ? 1.331   1.717   2.071   1.00 57.75  ? 3   DG  A O6    1 
ATOM   791 N  N1    . DG  D 4 3  ? 0.815   3.698   1.067   1.00 58.38  ? 3   DG  A N1    1 
ATOM   792 C  C2    . DG  D 4 3  ? -0.057  4.694   0.698   1.00 60.79  ? 3   DG  A C2    1 
ATOM   793 N  N2    . DG  D 4 3  ? 0.471   5.717   0.007   1.00 61.20  ? 3   DG  A N2    1 
ATOM   794 N  N3    . DG  D 4 3  ? -1.354  4.692   0.986   1.00 63.26  ? 3   DG  A N3    1 
ATOM   795 C  C4    . DG  D 4 3  ? -1.709  3.590   1.685   1.00 60.18  ? 3   DG  A C4    1 
ATOM   796 P  P     . DT  D 4 4  ? -7.690  4.564   -0.124  1.00 96.73  ? 4   DT  A P     1 
ATOM   797 O  OP1   . DT  D 4 4  ? -8.833  5.463   -0.400  1.00 88.38  ? 4   DT  A OP1   1 
ATOM   798 O  OP2   . DT  D 4 4  ? -7.898  3.100   -0.228  1.00 87.98  ? 4   DT  A OP2   1 
ATOM   799 O  "O5'" . DT  D 4 4  ? -6.473  4.989   -1.073  1.00 83.21  ? 4   DT  A "O5'" 1 
ATOM   800 C  "C5'" . DT  D 4 4  ? -5.890  6.275   -0.925  1.00 76.22  ? 4   DT  A "C5'" 1 
ATOM   801 C  "C4'" . DT  D 4 4  ? -4.831  6.531   -1.983  1.00 73.07  ? 4   DT  A "C4'" 1 
ATOM   802 O  "O4'" . DT  D 4 4  ? -3.611  5.808   -1.665  1.00 75.24  ? 4   DT  A "O4'" 1 
ATOM   803 C  "C3'" . DT  D 4 4  ? -5.209  6.125   -3.402  1.00 77.19  ? 4   DT  A "C3'" 1 
ATOM   804 O  "O3'" . DT  D 4 4  ? -4.765  7.131   -4.299  1.00 79.53  ? 4   DT  A "O3'" 1 
ATOM   805 C  "C2'" . DT  D 4 4  ? -4.444  4.812   -3.599  1.00 77.51  ? 4   DT  A "C2'" 1 
ATOM   806 C  "C1'" . DT  D 4 4  ? -3.182  5.083   -2.796  1.00 74.24  ? 4   DT  A "C1'" 1 
ATOM   807 N  N1    . DT  D 4 4  ? -2.486  3.856   -2.304  1.00 68.11  ? 4   DT  A N1    1 
ATOM   808 C  C2    . DT  D 4 4  ? -1.134  3.715   -2.520  1.00 64.37  ? 4   DT  A C2    1 
ATOM   809 O  O2    . DT  D 4 4  ? -0.467  4.530   -3.130  1.00 63.02  ? 4   DT  A O2    1 
ATOM   810 N  N3    . DT  D 4 4  ? -0.590  2.568   -2.006  1.00 59.92  ? 4   DT  A N3    1 
ATOM   811 C  C4    . DT  D 4 4  ? -1.246  1.574   -1.301  1.00 61.79  ? 4   DT  A C4    1 
ATOM   812 O  O4    . DT  D 4 4  ? -0.671  0.578   -0.877  1.00 62.25  ? 4   DT  A O4    1 
ATOM   813 C  C5    . DT  D 4 4  ? -2.657  1.793   -1.097  1.00 62.55  ? 4   DT  A C5    1 
ATOM   814 C  C7    . DT  D 4 4  ? -3.473  0.782   -0.348  1.00 62.01  ? 4   DT  A C7    1 
ATOM   815 C  C6    . DT  D 4 4  ? -3.200  2.914   -1.597  1.00 64.60  ? 4   DT  A C6    1 
ATOM   816 P  P     . DC  D 4 5  ? -5.269  7.157   -5.824  1.00 83.58  ? 5   DC  A P     1 
ATOM   817 O  OP1   . DC  D 4 5  ? -5.635  8.556   -6.136  1.00 78.38  ? 5   DC  A OP1   1 
ATOM   818 O  OP2   . DC  D 4 5  ? -6.259  6.068   -5.985  1.00 85.03  ? 5   DC  A OP2   1 
ATOM   819 O  "O5'" . DC  D 4 5  ? -3.963  6.771   -6.662  1.00 76.08  ? 5   DC  A "O5'" 1 
ATOM   820 C  "C5'" . DC  D 4 5  ? -2.694  7.254   -6.244  1.00 75.80  ? 5   DC  A "C5'" 1 
ATOM   821 C  "C4'" . DC  D 4 5  ? -1.591  6.816   -7.193  1.00 74.88  ? 5   DC  A "C4'" 1 
ATOM   822 O  "O4'" . DC  D 4 5  ? -0.906  5.651   -6.670  1.00 82.43  ? 5   DC  A "O4'" 1 
ATOM   823 C  "C3'" . DC  D 4 5  ? -2.033  6.444   -8.594  1.00 70.84  ? 5   DC  A "C3'" 1 
ATOM   824 O  "O3'" . DC  D 4 5  ? -1.004  6.799   -9.490  1.00 68.43  ? 5   DC  A "O3'" 1 
ATOM   825 C  "C2'" . DC  D 4 5  ? -2.206  4.924   -8.499  1.00 71.50  ? 5   DC  A "C2'" 1 
ATOM   826 C  "C1'" . DC  D 4 5  ? -1.096  4.537   -7.522  1.00 68.80  ? 5   DC  A "C1'" 1 
ATOM   827 N  N1    . DC  D 4 5  ? -1.428  3.372   -6.648  1.00 65.99  ? 5   DC  A N1    1 
ATOM   828 C  C2    . DC  D 4 5  ? -0.406  2.514   -6.213  1.00 65.43  ? 5   DC  A C2    1 
ATOM   829 O  O2    . DC  D 4 5  ? 0.755   2.718   -6.588  1.00 57.47  ? 5   DC  A O2    1 
ATOM   830 N  N3    . DC  D 4 5  ? -0.724  1.477   -5.398  1.00 61.20  ? 5   DC  A N3    1 
ATOM   831 C  C4    . DC  D 4 5  ? -1.988  1.291   -5.014  1.00 60.63  ? 5   DC  A C4    1 
ATOM   832 N  N4    . DC  D 4 5  ? -2.252  0.257   -4.212  1.00 57.61  ? 5   DC  A N4    1 
ATOM   833 C  C5    . DC  D 4 5  ? -3.037  2.158   -5.438  1.00 61.52  ? 5   DC  A C5    1 
ATOM   834 C  C6    . DC  D 4 5  ? -2.714  3.178   -6.240  1.00 64.02  ? 5   DC  A C6    1 
ATOM   835 P  P     . DA  D 4 6  ? -1.328  7.180   -11.016 1.00 70.29  ? 6   DA  A P     1 
ATOM   836 O  OP1   . DA  D 4 6  ? -0.679  8.478   -11.310 1.00 83.23  ? 6   DA  A OP1   1 
ATOM   837 O  OP2   . DA  D 4 6  ? -2.788  7.069   -11.217 1.00 72.19  ? 6   DA  A OP2   1 
ATOM   838 O  "O5'" . DA  D 4 6  ? -0.576  6.027   -11.818 1.00 66.56  ? 6   DA  A "O5'" 1 
ATOM   839 C  "C5'" . DA  D 4 6  ? 0.529   5.388   -11.200 1.00 70.45  ? 6   DA  A "C5'" 1 
ATOM   840 C  "C4'" . DA  D 4 6  ? 0.646   3.947   -11.643 1.00 71.50  ? 6   DA  A "C4'" 1 
ATOM   841 O  "O4'" . DA  D 4 6  ? 0.544   3.077   -10.503 1.00 71.31  ? 6   DA  A "O4'" 1 
ATOM   842 C  "C3'" . DA  D 4 6  ? -0.450  3.464   -12.560 1.00 75.98  ? 6   DA  A "C3'" 1 
ATOM   843 O  "O3'" . DA  D 4 6  ? -0.167  3.857   -13.882 1.00 85.28  ? 6   DA  A "O3'" 1 
ATOM   844 C  "C2'" . DA  D 4 6  ? -0.350  1.947   -12.393 1.00 72.25  ? 6   DA  A "C2'" 1 
ATOM   845 C  "C1'" . DA  D 4 6  ? 0.218   1.787   -10.967 1.00 69.14  ? 6   DA  A "C1'" 1 
ATOM   846 N  N9    . DA  D 4 6  ? -0.716  1.161   -10.028 1.00 65.06  ? 6   DA  A N9    1 
ATOM   847 C  C8    . DA  D 4 6  ? -2.046  1.431   -9.887  1.00 62.92  ? 6   DA  A C8    1 
ATOM   848 N  N7    . DA  D 4 6  ? -2.639  0.706   -8.968  1.00 60.40  ? 6   DA  A N7    1 
ATOM   849 C  C5    . DA  D 4 6  ? -1.630  -0.095  -8.469  1.00 59.74  ? 6   DA  A C5    1 
ATOM   850 C  C6    . DA  D 4 6  ? -1.616  -1.088  -7.469  1.00 58.78  ? 6   DA  A C6    1 
ATOM   851 N  N6    . DA  D 4 6  ? -2.705  -1.438  -6.773  1.00 60.01  ? 6   DA  A N6    1 
ATOM   852 N  N1    . DA  D 4 6  ? -0.444  -1.702  -7.209  1.00 60.36  ? 6   DA  A N1    1 
ATOM   853 C  C2    . DA  D 4 6  ? 0.639   -1.344  -7.912  1.00 67.29  ? 6   DA  A C2    1 
ATOM   854 N  N3    . DA  D 4 6  ? 0.750   -0.425  -8.877  1.00 63.77  ? 6   DA  A N3    1 
ATOM   855 C  C4    . DA  D 4 6  ? -0.430  0.167   -9.109  1.00 63.18  ? 6   DA  A C4    1 
HETATM 856 MG MG    . MG  E 5 .  ? 5.440   -1.251  -8.202  1.00 76.97  ? 101 MG  B MG    1 
HETATM 857 AS AS    . CAC F 6 .  ? 8.954   4.788   7.957   1.00 187.47 ? 101 CAC C AS    1 
HETATM 858 MG MG    . MG  G 5 .  ? 13.557  22.814  16.582  1.00 100.35 ? 102 MG  C MG    1 
HETATM 859 MG MG    . MG  H 5 .  ? -1.924  8.433   0.800   1.00 84.74  ? 101 MG  A MG    1 
# 
loop_
_pdbx_poly_seq_scheme.asym_id 
_pdbx_poly_seq_scheme.entity_id 
_pdbx_poly_seq_scheme.seq_id 
_pdbx_poly_seq_scheme.mon_id 
_pdbx_poly_seq_scheme.ndb_seq_num 
_pdbx_poly_seq_scheme.pdb_seq_num 
_pdbx_poly_seq_scheme.auth_seq_num 
_pdbx_poly_seq_scheme.pdb_mon_id 
_pdbx_poly_seq_scheme.auth_mon_id 
_pdbx_poly_seq_scheme.pdb_strand_id 
_pdbx_poly_seq_scheme.pdb_ins_code 
_pdbx_poly_seq_scheme.hetero 
A 1 1  DG 1  7  7  DG DG B . n 
A 1 2  DA 2  8  8  DA DA B . n 
A 1 3  DA 3  9  9  DA DA B . n 
A 1 4  DC 4  10 10 DC DC B . n 
A 1 5  DG 5  11 11 DG DG B . n 
A 1 6  DA 6  12 12 DA DA B . n 
A 1 7  DC 7  13 13 DC DC B . n 
A 1 8  DA 8  14 14 DA DA B . n 
A 1 9  DC 9  15 15 DC DC B . n 
A 1 10 DT 10 16 16 DT DT B . n 
A 1 11 DG 11 17 17 DG DG B . n 
A 1 12 DA 12 18 18 DA DA B . n 
A 1 13 DC 13 19 19 DC DC B . n 
A 1 14 DG 14 20 20 DG DG B . n 
A 1 15 DT 15 21 21 DT DT B . n 
A 1 16 DC 16 22 22 DC DC B . n 
A 1 17 DG 17 23 23 DG DG B . n 
A 1 18 DA 18 24 24 DA DA B . n 
A 1 19 DC 19 25 25 DC DC B . n 
A 1 20 DT 20 26 26 DT DT B . n 
A 1 21 DC 21 27 27 DC DC B . n 
B 2 1  DT 1  28 28 DT DT C . n 
B 2 2  DC 2  29 29 DC DC C . n 
B 2 3  DG 3  30 30 DG DG C . n 
B 2 4  DA 4  31 31 DA DA C . n 
B 2 5  DG 5  32 32 DG DG C . n 
B 2 6  DT 6  33 33 DT DT C . n 
B 2 7  DC 7  34 34 DC DC C . n 
B 2 8  DG 8  35 35 DG DG C . n 
C 3 1  DG 1  36 36 DG DG D . n 
C 3 2  DT 2  37 37 DT DT D . n 
C 3 3  DG 3  38 38 DG DG D . n 
C 3 4  DT 4  39 39 DT DT D . n 
C 3 5  DC 5  40 40 DC DC D . n 
C 3 6  DG 6  41 41 DG DG D . n 
C 3 7  DT 7  42 42 DT DT D . n 
D 4 1  DA 1  1  1  DA DA A . n 
D 4 2  DC 2  2  2  DC DC A . n 
D 4 3  DG 3  3  3  DG DG A . n 
D 4 4  DT 4  4  4  DT DT A . n 
D 4 5  DC 5  5  5  DC DC A . n 
D 4 6  DA 6  6  6  DA DA A . n 
# 
loop_
_pdbx_nonpoly_scheme.asym_id 
_pdbx_nonpoly_scheme.entity_id 
_pdbx_nonpoly_scheme.mon_id 
_pdbx_nonpoly_scheme.ndb_seq_num 
_pdbx_nonpoly_scheme.pdb_seq_num 
_pdbx_nonpoly_scheme.auth_seq_num 
_pdbx_nonpoly_scheme.pdb_mon_id 
_pdbx_nonpoly_scheme.auth_mon_id 
_pdbx_nonpoly_scheme.pdb_strand_id 
_pdbx_nonpoly_scheme.pdb_ins_code 
E 5 MG  1 101 2 MG  MG B . 
F 6 CAC 1 101 1 CAC AS C . 
G 5 MG  1 102 1 MG  MG C . 
H 5 MG  1 101 3 MG  MG A . 
# 
_pdbx_struct_assembly.id                   1 
_pdbx_struct_assembly.details              author_and_software_defined_assembly 
_pdbx_struct_assembly.method_details       PISA 
_pdbx_struct_assembly.oligomeric_details   tetrameric 
_pdbx_struct_assembly.oligomeric_count     4 
# 
_pdbx_struct_assembly_gen.assembly_id       1 
_pdbx_struct_assembly_gen.oper_expression   1 
_pdbx_struct_assembly_gen.asym_id_list      A,B,C,D,E,F,G,H 
# 
loop_
_pdbx_struct_assembly_prop.biol_id 
_pdbx_struct_assembly_prop.type 
_pdbx_struct_assembly_prop.value 
_pdbx_struct_assembly_prop.details 
1 'ABSA (A^2)' 2660 ? 
1 MORE         -22  ? 
1 'SSA (A^2)'  7840 ? 
# 
_pdbx_struct_oper_list.id                   1 
_pdbx_struct_oper_list.type                 'identity operation' 
_pdbx_struct_oper_list.name                 1_555 
_pdbx_struct_oper_list.symmetry_operation   x,y,z 
_pdbx_struct_oper_list.matrix[1][1]         1.0000000000 
_pdbx_struct_oper_list.matrix[1][2]         0.0000000000 
_pdbx_struct_oper_list.matrix[1][3]         0.0000000000 
_pdbx_struct_oper_list.vector[1]            0.0000000000 
_pdbx_struct_oper_list.matrix[2][1]         0.0000000000 
_pdbx_struct_oper_list.matrix[2][2]         1.0000000000 
_pdbx_struct_oper_list.matrix[2][3]         0.0000000000 
_pdbx_struct_oper_list.vector[2]            0.0000000000 
_pdbx_struct_oper_list.matrix[3][1]         0.0000000000 
_pdbx_struct_oper_list.matrix[3][2]         0.0000000000 
_pdbx_struct_oper_list.matrix[3][3]         1.0000000000 
_pdbx_struct_oper_list.vector[3]            0.0000000000 
# 
loop_
_pdbx_audit_revision_history.ordinal 
_pdbx_audit_revision_history.data_content_type 
_pdbx_audit_revision_history.major_revision 
_pdbx_audit_revision_history.minor_revision 
_pdbx_audit_revision_history.revision_date 
1 'Structure model' 1 0 2021-07-14 
2 'Structure model' 1 1 2022-07-06 
3 'Structure model' 1 2 2023-10-18 
# 
_pdbx_audit_revision_details.ordinal             1 
_pdbx_audit_revision_details.revision_ordinal    1 
_pdbx_audit_revision_details.data_content_type   'Structure model' 
_pdbx_audit_revision_details.provider            repository 
_pdbx_audit_revision_details.type                'Initial release' 
_pdbx_audit_revision_details.description         ? 
_pdbx_audit_revision_details.details             ? 
# 
loop_
_pdbx_audit_revision_group.ordinal 
_pdbx_audit_revision_group.revision_ordinal 
_pdbx_audit_revision_group.data_content_type 
_pdbx_audit_revision_group.group 
1 2 'Structure model' 'Database references'    
2 3 'Structure model' 'Data collection'        
3 3 'Structure model' 'Refinement description' 
# 
loop_
_pdbx_audit_revision_category.ordinal 
_pdbx_audit_revision_category.revision_ordinal 
_pdbx_audit_revision_category.data_content_type 
_pdbx_audit_revision_category.category 
1 2 'Structure model' citation                      
2 2 'Structure model' citation_author               
3 2 'Structure model' database_2                    
4 3 'Structure model' chem_comp_atom                
5 3 'Structure model' chem_comp_bond                
6 3 'Structure model' pdbx_initial_refinement_model 
# 
loop_
_pdbx_audit_revision_item.ordinal 
_pdbx_audit_revision_item.revision_ordinal 
_pdbx_audit_revision_item.data_content_type 
_pdbx_audit_revision_item.item 
1  2 'Structure model' '_citation.country'                   
2  2 'Structure model' '_citation.journal_abbrev'            
3  2 'Structure model' '_citation.journal_id_CSD'            
4  2 'Structure model' '_citation.journal_id_ISSN'           
5  2 'Structure model' '_citation.journal_volume'            
6  2 'Structure model' '_citation.page_first'                
7  2 'Structure model' '_citation.page_last'                 
8  2 'Structure model' '_citation.pdbx_database_id_DOI'      
9  2 'Structure model' '_citation.pdbx_database_id_PubMed'   
10 2 'Structure model' '_citation.title'                     
11 2 'Structure model' '_citation.year'                      
12 2 'Structure model' '_database_2.pdbx_DOI'                
13 2 'Structure model' '_database_2.pdbx_database_accession' 
# 
loop_
_software.citation_id 
_software.classification 
_software.compiler_name 
_software.compiler_version 
_software.contact_author 
_software.contact_author_email 
_software.date 
_software.description 
_software.dependencies 
_software.hardware 
_software.language 
_software.location 
_software.mods 
_software.name 
_software.os 
_software.os_version 
_software.type 
_software.version 
_software.pdbx_ordinal 
? 'data reduction'  ? ? ? ? ? ? ? ? ? ? ? HKL-2000    ? ? ? .           1 
? 'data scaling'    ? ? ? ? ? ? ? ? ? ? ? HKL-2000    ? ? ? .           2 
? refinement        ? ? ? ? ? ? ? ? ? ? ? PHENIX      ? ? ? 1.11.1_2575 3 
? 'data extraction' ? ? ? ? ? ? ? ? ? ? ? PDB_EXTRACT ? ? ? 3.25        4 
? phasing           ? ? ? ? ? ? ? ? ? ? ? PHASER      ? ? ? .           5 
# 
_pdbx_entry_details.entry_id                 7JKK 
_pdbx_entry_details.has_ligand_of_interest   N 
_pdbx_entry_details.compound_details         ? 
_pdbx_entry_details.source_details           ? 
_pdbx_entry_details.nonpolymer_details       ? 
_pdbx_entry_details.sequence_details         ? 
# 
_pdbx_validate_rmsd_angle.id                         1 
_pdbx_validate_rmsd_angle.PDB_model_num              1 
_pdbx_validate_rmsd_angle.auth_atom_id_1             "O4'" 
_pdbx_validate_rmsd_angle.auth_asym_id_1             C 
_pdbx_validate_rmsd_angle.auth_comp_id_1             DG 
_pdbx_validate_rmsd_angle.auth_seq_id_1              35 
_pdbx_validate_rmsd_angle.PDB_ins_code_1             ? 
_pdbx_validate_rmsd_angle.label_alt_id_1             ? 
_pdbx_validate_rmsd_angle.auth_atom_id_2             "C1'" 
_pdbx_validate_rmsd_angle.auth_asym_id_2             C 
_pdbx_validate_rmsd_angle.auth_comp_id_2             DG 
_pdbx_validate_rmsd_angle.auth_seq_id_2              35 
_pdbx_validate_rmsd_angle.PDB_ins_code_2             ? 
_pdbx_validate_rmsd_angle.label_alt_id_2             ? 
_pdbx_validate_rmsd_angle.auth_atom_id_3             N9 
_pdbx_validate_rmsd_angle.auth_asym_id_3             C 
_pdbx_validate_rmsd_angle.auth_comp_id_3             DG 
_pdbx_validate_rmsd_angle.auth_seq_id_3              35 
_pdbx_validate_rmsd_angle.PDB_ins_code_3             ? 
_pdbx_validate_rmsd_angle.label_alt_id_3             ? 
_pdbx_validate_rmsd_angle.angle_value                110.30 
_pdbx_validate_rmsd_angle.angle_target_value         108.30 
_pdbx_validate_rmsd_angle.angle_deviation            2.00 
_pdbx_validate_rmsd_angle.angle_standard_deviation   0.30 
_pdbx_validate_rmsd_angle.linker_flag                N 
# 
loop_
_pdbx_unobs_or_zero_occ_atoms.id 
_pdbx_unobs_or_zero_occ_atoms.PDB_model_num 
_pdbx_unobs_or_zero_occ_atoms.polymer_flag 
_pdbx_unobs_or_zero_occ_atoms.occupancy_flag 
_pdbx_unobs_or_zero_occ_atoms.auth_asym_id 
_pdbx_unobs_or_zero_occ_atoms.auth_comp_id 
_pdbx_unobs_or_zero_occ_atoms.auth_seq_id 
_pdbx_unobs_or_zero_occ_atoms.PDB_ins_code 
_pdbx_unobs_or_zero_occ_atoms.auth_atom_id 
_pdbx_unobs_or_zero_occ_atoms.label_alt_id 
_pdbx_unobs_or_zero_occ_atoms.label_asym_id 
_pdbx_unobs_or_zero_occ_atoms.label_comp_id 
_pdbx_unobs_or_zero_occ_atoms.label_seq_id 
_pdbx_unobs_or_zero_occ_atoms.label_atom_id 
1 1 N 1 C CAC 101 ? O1 ? F CAC 1 O1 
2 1 N 1 C CAC 101 ? O2 ? F CAC 1 O2 
3 1 N 1 C CAC 101 ? C1 ? F CAC 1 C1 
4 1 N 1 C CAC 101 ? C2 ? F CAC 1 C2 
# 
loop_
_chem_comp_atom.comp_id 
_chem_comp_atom.atom_id 
_chem_comp_atom.type_symbol 
_chem_comp_atom.pdbx_aromatic_flag 
_chem_comp_atom.pdbx_stereo_config 
_chem_comp_atom.pdbx_ordinal 
CAC AS     AS N N 1   
CAC O1     O  N N 2   
CAC O2     O  N N 3   
CAC C1     C  N N 4   
CAC C2     C  N N 5   
CAC H11    H  N N 6   
CAC H12    H  N N 7   
CAC H13    H  N N 8   
CAC H21    H  N N 9   
CAC H22    H  N N 10  
CAC H23    H  N N 11  
DA  OP3    O  N N 12  
DA  P      P  N N 13  
DA  OP1    O  N N 14  
DA  OP2    O  N N 15  
DA  "O5'"  O  N N 16  
DA  "C5'"  C  N N 17  
DA  "C4'"  C  N R 18  
DA  "O4'"  O  N N 19  
DA  "C3'"  C  N S 20  
DA  "O3'"  O  N N 21  
DA  "C2'"  C  N N 22  
DA  "C1'"  C  N R 23  
DA  N9     N  Y N 24  
DA  C8     C  Y N 25  
DA  N7     N  Y N 26  
DA  C5     C  Y N 27  
DA  C6     C  Y N 28  
DA  N6     N  N N 29  
DA  N1     N  Y N 30  
DA  C2     C  Y N 31  
DA  N3     N  Y N 32  
DA  C4     C  Y N 33  
DA  HOP3   H  N N 34  
DA  HOP2   H  N N 35  
DA  "H5'"  H  N N 36  
DA  "H5''" H  N N 37  
DA  "H4'"  H  N N 38  
DA  "H3'"  H  N N 39  
DA  "HO3'" H  N N 40  
DA  "H2'"  H  N N 41  
DA  "H2''" H  N N 42  
DA  "H1'"  H  N N 43  
DA  H8     H  N N 44  
DA  H61    H  N N 45  
DA  H62    H  N N 46  
DA  H2     H  N N 47  
DC  OP3    O  N N 48  
DC  P      P  N N 49  
DC  OP1    O  N N 50  
DC  OP2    O  N N 51  
DC  "O5'"  O  N N 52  
DC  "C5'"  C  N N 53  
DC  "C4'"  C  N R 54  
DC  "O4'"  O  N N 55  
DC  "C3'"  C  N S 56  
DC  "O3'"  O  N N 57  
DC  "C2'"  C  N N 58  
DC  "C1'"  C  N R 59  
DC  N1     N  N N 60  
DC  C2     C  N N 61  
DC  O2     O  N N 62  
DC  N3     N  N N 63  
DC  C4     C  N N 64  
DC  N4     N  N N 65  
DC  C5     C  N N 66  
DC  C6     C  N N 67  
DC  HOP3   H  N N 68  
DC  HOP2   H  N N 69  
DC  "H5'"  H  N N 70  
DC  "H5''" H  N N 71  
DC  "H4'"  H  N N 72  
DC  "H3'"  H  N N 73  
DC  "HO3'" H  N N 74  
DC  "H2'"  H  N N 75  
DC  "H2''" H  N N 76  
DC  "H1'"  H  N N 77  
DC  H41    H  N N 78  
DC  H42    H  N N 79  
DC  H5     H  N N 80  
DC  H6     H  N N 81  
DG  OP3    O  N N 82  
DG  P      P  N N 83  
DG  OP1    O  N N 84  
DG  OP2    O  N N 85  
DG  "O5'"  O  N N 86  
DG  "C5'"  C  N N 87  
DG  "C4'"  C  N R 88  
DG  "O4'"  O  N N 89  
DG  "C3'"  C  N S 90  
DG  "O3'"  O  N N 91  
DG  "C2'"  C  N N 92  
DG  "C1'"  C  N R 93  
DG  N9     N  Y N 94  
DG  C8     C  Y N 95  
DG  N7     N  Y N 96  
DG  C5     C  Y N 97  
DG  C6     C  N N 98  
DG  O6     O  N N 99  
DG  N1     N  N N 100 
DG  C2     C  N N 101 
DG  N2     N  N N 102 
DG  N3     N  N N 103 
DG  C4     C  Y N 104 
DG  HOP3   H  N N 105 
DG  HOP2   H  N N 106 
DG  "H5'"  H  N N 107 
DG  "H5''" H  N N 108 
DG  "H4'"  H  N N 109 
DG  "H3'"  H  N N 110 
DG  "HO3'" H  N N 111 
DG  "H2'"  H  N N 112 
DG  "H2''" H  N N 113 
DG  "H1'"  H  N N 114 
DG  H8     H  N N 115 
DG  H1     H  N N 116 
DG  H21    H  N N 117 
DG  H22    H  N N 118 
DT  OP3    O  N N 119 
DT  P      P  N N 120 
DT  OP1    O  N N 121 
DT  OP2    O  N N 122 
DT  "O5'"  O  N N 123 
DT  "C5'"  C  N N 124 
DT  "C4'"  C  N R 125 
DT  "O4'"  O  N N 126 
DT  "C3'"  C  N S 127 
DT  "O3'"  O  N N 128 
DT  "C2'"  C  N N 129 
DT  "C1'"  C  N R 130 
DT  N1     N  N N 131 
DT  C2     C  N N 132 
DT  O2     O  N N 133 
DT  N3     N  N N 134 
DT  C4     C  N N 135 
DT  O4     O  N N 136 
DT  C5     C  N N 137 
DT  C7     C  N N 138 
DT  C6     C  N N 139 
DT  HOP3   H  N N 140 
DT  HOP2   H  N N 141 
DT  "H5'"  H  N N 142 
DT  "H5''" H  N N 143 
DT  "H4'"  H  N N 144 
DT  "H3'"  H  N N 145 
DT  "HO3'" H  N N 146 
DT  "H2'"  H  N N 147 
DT  "H2''" H  N N 148 
DT  "H1'"  H  N N 149 
DT  H3     H  N N 150 
DT  H71    H  N N 151 
DT  H72    H  N N 152 
DT  H73    H  N N 153 
DT  H6     H  N N 154 
MG  MG     MG N N 155 
# 
loop_
_chem_comp_bond.comp_id 
_chem_comp_bond.atom_id_1 
_chem_comp_bond.atom_id_2 
_chem_comp_bond.value_order 
_chem_comp_bond.pdbx_aromatic_flag 
_chem_comp_bond.pdbx_stereo_config 
_chem_comp_bond.pdbx_ordinal 
CAC AS    O1     doub N N 1   
CAC AS    O2     sing N N 2   
CAC AS    C1     sing N N 3   
CAC AS    C2     sing N N 4   
CAC C1    H11    sing N N 5   
CAC C1    H12    sing N N 6   
CAC C1    H13    sing N N 7   
CAC C2    H21    sing N N 8   
CAC C2    H22    sing N N 9   
CAC C2    H23    sing N N 10  
DA  OP3   P      sing N N 11  
DA  OP3   HOP3   sing N N 12  
DA  P     OP1    doub N N 13  
DA  P     OP2    sing N N 14  
DA  P     "O5'"  sing N N 15  
DA  OP2   HOP2   sing N N 16  
DA  "O5'" "C5'"  sing N N 17  
DA  "C5'" "C4'"  sing N N 18  
DA  "C5'" "H5'"  sing N N 19  
DA  "C5'" "H5''" sing N N 20  
DA  "C4'" "O4'"  sing N N 21  
DA  "C4'" "C3'"  sing N N 22  
DA  "C4'" "H4'"  sing N N 23  
DA  "O4'" "C1'"  sing N N 24  
DA  "C3'" "O3'"  sing N N 25  
DA  "C3'" "C2'"  sing N N 26  
DA  "C3'" "H3'"  sing N N 27  
DA  "O3'" "HO3'" sing N N 28  
DA  "C2'" "C1'"  sing N N 29  
DA  "C2'" "H2'"  sing N N 30  
DA  "C2'" "H2''" sing N N 31  
DA  "C1'" N9     sing N N 32  
DA  "C1'" "H1'"  sing N N 33  
DA  N9    C8     sing Y N 34  
DA  N9    C4     sing Y N 35  
DA  C8    N7     doub Y N 36  
DA  C8    H8     sing N N 37  
DA  N7    C5     sing Y N 38  
DA  C5    C6     sing Y N 39  
DA  C5    C4     doub Y N 40  
DA  C6    N6     sing N N 41  
DA  C6    N1     doub Y N 42  
DA  N6    H61    sing N N 43  
DA  N6    H62    sing N N 44  
DA  N1    C2     sing Y N 45  
DA  C2    N3     doub Y N 46  
DA  C2    H2     sing N N 47  
DA  N3    C4     sing Y N 48  
DC  OP3   P      sing N N 49  
DC  OP3   HOP3   sing N N 50  
DC  P     OP1    doub N N 51  
DC  P     OP2    sing N N 52  
DC  P     "O5'"  sing N N 53  
DC  OP2   HOP2   sing N N 54  
DC  "O5'" "C5'"  sing N N 55  
DC  "C5'" "C4'"  sing N N 56  
DC  "C5'" "H5'"  sing N N 57  
DC  "C5'" "H5''" sing N N 58  
DC  "C4'" "O4'"  sing N N 59  
DC  "C4'" "C3'"  sing N N 60  
DC  "C4'" "H4'"  sing N N 61  
DC  "O4'" "C1'"  sing N N 62  
DC  "C3'" "O3'"  sing N N 63  
DC  "C3'" "C2'"  sing N N 64  
DC  "C3'" "H3'"  sing N N 65  
DC  "O3'" "HO3'" sing N N 66  
DC  "C2'" "C1'"  sing N N 67  
DC  "C2'" "H2'"  sing N N 68  
DC  "C2'" "H2''" sing N N 69  
DC  "C1'" N1     sing N N 70  
DC  "C1'" "H1'"  sing N N 71  
DC  N1    C2     sing N N 72  
DC  N1    C6     sing N N 73  
DC  C2    O2     doub N N 74  
DC  C2    N3     sing N N 75  
DC  N3    C4     doub N N 76  
DC  C4    N4     sing N N 77  
DC  C4    C5     sing N N 78  
DC  N4    H41    sing N N 79  
DC  N4    H42    sing N N 80  
DC  C5    C6     doub N N 81  
DC  C5    H5     sing N N 82  
DC  C6    H6     sing N N 83  
DG  OP3   P      sing N N 84  
DG  OP3   HOP3   sing N N 85  
DG  P     OP1    doub N N 86  
DG  P     OP2    sing N N 87  
DG  P     "O5'"  sing N N 88  
DG  OP2   HOP2   sing N N 89  
DG  "O5'" "C5'"  sing N N 90  
DG  "C5'" "C4'"  sing N N 91  
DG  "C5'" "H5'"  sing N N 92  
DG  "C5'" "H5''" sing N N 93  
DG  "C4'" "O4'"  sing N N 94  
DG  "C4'" "C3'"  sing N N 95  
DG  "C4'" "H4'"  sing N N 96  
DG  "O4'" "C1'"  sing N N 97  
DG  "C3'" "O3'"  sing N N 98  
DG  "C3'" "C2'"  sing N N 99  
DG  "C3'" "H3'"  sing N N 100 
DG  "O3'" "HO3'" sing N N 101 
DG  "C2'" "C1'"  sing N N 102 
DG  "C2'" "H2'"  sing N N 103 
DG  "C2'" "H2''" sing N N 104 
DG  "C1'" N9     sing N N 105 
DG  "C1'" "H1'"  sing N N 106 
DG  N9    C8     sing Y N 107 
DG  N9    C4     sing Y N 108 
DG  C8    N7     doub Y N 109 
DG  C8    H8     sing N N 110 
DG  N7    C5     sing Y N 111 
DG  C5    C6     sing N N 112 
DG  C5    C4     doub Y N 113 
DG  C6    O6     doub N N 114 
DG  C6    N1     sing N N 115 
DG  N1    C2     sing N N 116 
DG  N1    H1     sing N N 117 
DG  C2    N2     sing N N 118 
DG  C2    N3     doub N N 119 
DG  N2    H21    sing N N 120 
DG  N2    H22    sing N N 121 
DG  N3    C4     sing N N 122 
DT  OP3   P      sing N N 123 
DT  OP3   HOP3   sing N N 124 
DT  P     OP1    doub N N 125 
DT  P     OP2    sing N N 126 
DT  P     "O5'"  sing N N 127 
DT  OP2   HOP2   sing N N 128 
DT  "O5'" "C5'"  sing N N 129 
DT  "C5'" "C4'"  sing N N 130 
DT  "C5'" "H5'"  sing N N 131 
DT  "C5'" "H5''" sing N N 132 
DT  "C4'" "O4'"  sing N N 133 
DT  "C4'" "C3'"  sing N N 134 
DT  "C4'" "H4'"  sing N N 135 
DT  "O4'" "C1'"  sing N N 136 
DT  "C3'" "O3'"  sing N N 137 
DT  "C3'" "C2'"  sing N N 138 
DT  "C3'" "H3'"  sing N N 139 
DT  "O3'" "HO3'" sing N N 140 
DT  "C2'" "C1'"  sing N N 141 
DT  "C2'" "H2'"  sing N N 142 
DT  "C2'" "H2''" sing N N 143 
DT  "C1'" N1     sing N N 144 
DT  "C1'" "H1'"  sing N N 145 
DT  N1    C2     sing N N 146 
DT  N1    C6     sing N N 147 
DT  C2    O2     doub N N 148 
DT  C2    N3     sing N N 149 
DT  N3    C4     sing N N 150 
DT  N3    H3     sing N N 151 
DT  C4    O4     doub N N 152 
DT  C4    C5     sing N N 153 
DT  C5    C7     sing N N 154 
DT  C5    C6     doub N N 155 
DT  C7    H71    sing N N 156 
DT  C7    H72    sing N N 157 
DT  C7    H73    sing N N 158 
DT  C6    H6     sing N N 159 
# 
loop_
_ndb_struct_conf_na.entry_id 
_ndb_struct_conf_na.feature 
7JKK 'double helix'        
7JKK 'a-form double helix' 
7JKK 'b-form double helix' 
# 
loop_
_ndb_struct_na_base_pair.model_number 
_ndb_struct_na_base_pair.i_label_asym_id 
_ndb_struct_na_base_pair.i_label_comp_id 
_ndb_struct_na_base_pair.i_label_seq_id 
_ndb_struct_na_base_pair.i_symmetry 
_ndb_struct_na_base_pair.j_label_asym_id 
_ndb_struct_na_base_pair.j_label_comp_id 
_ndb_struct_na_base_pair.j_label_seq_id 
_ndb_struct_na_base_pair.j_symmetry 
_ndb_struct_na_base_pair.shear 
_ndb_struct_na_base_pair.stretch 
_ndb_struct_na_base_pair.stagger 
_ndb_struct_na_base_pair.buckle 
_ndb_struct_na_base_pair.propeller 
_ndb_struct_na_base_pair.opening 
_ndb_struct_na_base_pair.pair_number 
_ndb_struct_na_base_pair.pair_name 
_ndb_struct_na_base_pair.i_auth_asym_id 
_ndb_struct_na_base_pair.i_auth_seq_id 
_ndb_struct_na_base_pair.i_PDB_ins_code 
_ndb_struct_na_base_pair.j_auth_asym_id 
_ndb_struct_na_base_pair.j_auth_seq_id 
_ndb_struct_na_base_pair.j_PDB_ins_code 
_ndb_struct_na_base_pair.hbond_type_28 
_ndb_struct_na_base_pair.hbond_type_12 
1 A DA 3  1_555 C DT 7 1_555 0.324  0.007  0.271  3.018  -6.966  9.097  1  B_DA9:DT42_D  B 9  ? D 42 ? 20 1 
1 A DC 4  1_555 C DG 6 1_555 -0.352 -0.032 0.017  4.771  -10.378 3.111  2  B_DC10:DG41_D B 10 ? D 41 ? 19 1 
1 A DG 5  1_555 C DC 5 1_555 0.103  -0.217 0.317  8.177  -12.760 -3.291 3  B_DG11:DC40_D B 11 ? D 40 ? 19 1 
1 A DA 6  1_555 C DT 4 1_555 0.383  -0.344 0.088  5.403  -10.180 -2.758 4  B_DA12:DT39_D B 12 ? D 39 ? 20 1 
1 A DC 7  1_555 C DG 3 1_555 0.169  -0.393 -0.115 11.302 -7.585  1.103  5  B_DC13:DG38_D B 13 ? D 38 ? 19 1 
1 A DA 8  1_555 C DT 2 1_555 -0.485 -0.272 0.437  -1.339 -8.729  -4.628 6  B_DA14:DT37_D B 14 ? D 37 ? 20 1 
1 A DC 9  1_555 C DG 1 1_555 0.398  -0.294 0.594  -1.365 -12.083 -8.096 7  B_DC15:DG36_D B 15 ? D 36 ? 19 1 
1 A DT 10 1_555 D DA 6 1_555 -0.456 -0.347 0.345  -5.611 -6.092  2.219  8  B_DT16:DA6_A  B 16 ? A 6  ? 20 1 
1 A DG 11 1_555 D DC 5 1_555 -0.203 -0.226 0.255  1.390  -6.547  5.717  9  B_DG17:DC5_A  B 17 ? A 5  ? 19 1 
1 A DA 12 1_555 D DT 4 1_555 0.221  -0.280 0.414  0.882  -9.512  -0.191 10 B_DA18:DT4_A  B 18 ? A 4  ? 20 1 
1 A DC 13 1_555 D DG 3 1_555 0.187  -0.318 0.155  -0.236 -7.087  1.945  11 B_DC19:DG3_A  B 19 ? A 3  ? 19 1 
1 A DG 14 1_555 D DC 2 1_555 0.035  -0.442 -0.064 1.666  -6.097  -2.253 12 B_DG20:DC2_A  B 20 ? A 2  ? 19 1 
1 A DT 15 1_555 D DA 1 1_555 -0.187 -0.363 0.382  2.634  -8.930  -3.982 13 B_DT21:DA1_A  B 21 ? A 1  ? 20 1 
1 A DC 16 1_555 B DG 8 1_555 -0.137 -0.411 0.373  -3.940 -9.815  2.106  14 B_DC22:DG35_C B 22 ? C 35 ? 19 1 
1 A DG 17 1_555 B DC 7 1_555 0.010  0.208  0.639  4.712  -7.903  5.242  15 B_DG23:DC34_C B 23 ? C 34 ? 19 1 
1 A DA 18 1_555 B DT 6 1_555 0.613  -0.362 0.248  1.591  -3.801  4.029  16 B_DA24:DT33_C B 24 ? C 33 ? 20 1 
1 A DC 19 1_555 B DG 5 1_555 0.073  -0.364 0.104  2.849  -3.086  2.503  17 B_DC25:DG32_C B 25 ? C 32 ? 19 1 
1 A DT 20 1_555 B DA 4 1_555 -0.678 -0.021 0.045  5.761  -4.038  -0.350 18 B_DT26:DA31_C B 26 ? C 31 ? 20 1 
1 A DC 21 1_555 B DG 3 1_555 0.023  -0.255 0.034  4.642  -7.334  0.403  19 B_DC27:DG30_C B 27 ? C 30 ? 19 1 
# 
loop_
_ndb_struct_na_base_pair_step.model_number 
_ndb_struct_na_base_pair_step.i_label_asym_id_1 
_ndb_struct_na_base_pair_step.i_label_comp_id_1 
_ndb_struct_na_base_pair_step.i_label_seq_id_1 
_ndb_struct_na_base_pair_step.i_symmetry_1 
_ndb_struct_na_base_pair_step.j_label_asym_id_1 
_ndb_struct_na_base_pair_step.j_label_comp_id_1 
_ndb_struct_na_base_pair_step.j_label_seq_id_1 
_ndb_struct_na_base_pair_step.j_symmetry_1 
_ndb_struct_na_base_pair_step.i_label_asym_id_2 
_ndb_struct_na_base_pair_step.i_label_comp_id_2 
_ndb_struct_na_base_pair_step.i_label_seq_id_2 
_ndb_struct_na_base_pair_step.i_symmetry_2 
_ndb_struct_na_base_pair_step.j_label_asym_id_2 
_ndb_struct_na_base_pair_step.j_label_comp_id_2 
_ndb_struct_na_base_pair_step.j_label_seq_id_2 
_ndb_struct_na_base_pair_step.j_symmetry_2 
_ndb_struct_na_base_pair_step.shift 
_ndb_struct_na_base_pair_step.slide 
_ndb_struct_na_base_pair_step.rise 
_ndb_struct_na_base_pair_step.tilt 
_ndb_struct_na_base_pair_step.roll 
_ndb_struct_na_base_pair_step.twist 
_ndb_struct_na_base_pair_step.x_displacement 
_ndb_struct_na_base_pair_step.y_displacement 
_ndb_struct_na_base_pair_step.helical_rise 
_ndb_struct_na_base_pair_step.inclination 
_ndb_struct_na_base_pair_step.tip 
_ndb_struct_na_base_pair_step.helical_twist 
_ndb_struct_na_base_pair_step.step_number 
_ndb_struct_na_base_pair_step.step_name 
_ndb_struct_na_base_pair_step.i_auth_asym_id_1 
_ndb_struct_na_base_pair_step.i_auth_seq_id_1 
_ndb_struct_na_base_pair_step.i_PDB_ins_code_1 
_ndb_struct_na_base_pair_step.j_auth_asym_id_1 
_ndb_struct_na_base_pair_step.j_auth_seq_id_1 
_ndb_struct_na_base_pair_step.j_PDB_ins_code_1 
_ndb_struct_na_base_pair_step.i_auth_asym_id_2 
_ndb_struct_na_base_pair_step.i_auth_seq_id_2 
_ndb_struct_na_base_pair_step.i_PDB_ins_code_2 
_ndb_struct_na_base_pair_step.j_auth_asym_id_2 
_ndb_struct_na_base_pair_step.j_auth_seq_id_2 
_ndb_struct_na_base_pair_step.j_PDB_ins_code_2 
1 A DA 3  1_555 C DT 7 1_555 A DC 4  1_555 C DG 6 1_555 -0.284 -0.371 3.302 0.716  1.189  31.080 -0.920 0.668  3.278 2.217  -1.335 
31.110 1  BB_DA9DC10:DG41DT42_DD  B 9  ? D 42 ? B 10 ? D 41 ? 
1 A DC 4  1_555 C DG 6 1_555 A DG 5  1_555 C DC 5 1_555 -0.033 0.351  3.494 -1.909 4.132  35.948 -0.058 -0.235 3.509 6.661  3.078  
36.226 2  BB_DC10DG11:DC40DG41_DD B 10 ? D 41 ? B 11 ? D 40 ? 
1 A DG 5  1_555 C DC 5 1_555 A DA 6  1_555 C DT 4 1_555 -0.225 0.081  3.343 2.742  3.302  38.381 -0.293 0.686  3.315 5.004  -4.155 
38.611 3  BB_DG11DA12:DT39DC40_DD B 11 ? D 40 ? B 12 ? D 39 ? 
1 A DA 6  1_555 C DT 4 1_555 A DC 7  1_555 C DG 3 1_555 0.332  -0.554 3.186 0.745  -0.101 29.789 -1.057 -0.494 3.195 -0.196 -1.449 
29.798 4  BB_DA12DC13:DG38DT39_DD B 12 ? D 39 ? B 13 ? D 38 ? 
1 A DC 7  1_555 C DG 3 1_555 A DA 8  1_555 C DT 2 1_555 0.101  -1.052 3.582 -4.392 -6.070 36.209 -0.742 -0.823 3.668 -9.639 6.974  
36.951 5  BB_DC13DA14:DT37DG38_DD B 13 ? D 38 ? B 14 ? D 37 ? 
1 A DA 8  1_555 C DT 2 1_555 A DC 9  1_555 C DG 1 1_555 0.228  -0.949 3.299 -2.594 -0.589 41.766 -1.266 -0.593 3.292 -0.825 3.634  
41.847 6  BB_DA14DC15:DG36DT37_DD B 14 ? D 37 ? B 15 ? D 36 ? 
1 A DC 9  1_555 C DG 1 1_555 A DT 10 1_555 D DA 6 1_555 -0.819 -1.424 3.254 1.677  2.838  24.345 -4.188 2.423  3.009 6.690  -3.953 
24.564 7  BB_DC15DT16:DA6DG36_AD  B 15 ? D 36 ? B 16 ? A 6  ? 
1 A DT 10 1_555 D DA 6 1_555 A DG 11 1_555 D DC 5 1_555 -0.316 0.452  3.153 -1.474 6.398  30.453 -0.356 0.312  3.191 12.005 2.765  
31.136 8  BB_DT16DG17:DC5DA6_AA   B 16 ? A 6  ? B 17 ? A 5  ? 
1 A DG 11 1_555 D DC 5 1_555 A DA 12 1_555 D DT 4 1_555 -0.291 0.397  3.311 -2.534 3.874  40.826 0.136  0.134  3.345 5.531  3.619  
41.076 9  BB_DG17DA18:DT4DC5_AA   B 17 ? A 5  ? B 18 ? A 4  ? 
1 A DA 12 1_555 D DT 4 1_555 A DC 13 1_555 D DG 3 1_555 0.512  -0.732 3.296 2.082  1.179  30.570 -1.618 -0.555 3.293 2.232  -3.941 
30.662 10 BB_DA18DC19:DG3DT4_AA   B 18 ? A 4  ? B 19 ? A 3  ? 
1 A DC 13 1_555 D DG 3 1_555 A DG 14 1_555 D DC 2 1_555 0.014  0.183  3.447 -0.527 1.247  36.466 0.110  -0.100 3.450 1.991  0.842  
36.490 11 BB_DC19DG20:DC2DG3_AA   B 19 ? A 3  ? B 20 ? A 2  ? 
1 A DG 14 1_555 D DC 2 1_555 A DT 15 1_555 D DA 1 1_555 0.459  -1.162 3.225 -3.733 1.696  33.077 -2.299 -1.403 3.095 2.964  6.526  
33.323 12 BB_DG20DT21:DA1DC2_AA   B 20 ? A 2  ? B 21 ? A 1  ? 
1 A DT 15 1_555 D DA 1 1_555 A DC 16 1_555 B DG 8 1_555 -0.399 -1.149 3.258 -1.077 3.037  31.192 -2.687 0.539  3.146 5.630  1.997  
31.354 13 BB_DT21DC22:DG35DA1_CA  B 21 ? A 1  ? B 22 ? C 35 ? 
1 A DC 16 1_555 B DG 8 1_555 A DG 17 1_555 B DC 7 1_555 -0.468 0.419  3.123 -0.461 7.913  33.538 -0.488 0.721  3.143 13.480 0.785  
34.436 14 BB_DC22DG23:DC34DG35_CC B 22 ? C 35 ? B 23 ? C 34 ? 
1 A DG 17 1_555 B DC 7 1_555 A DA 18 1_555 B DT 6 1_555 -0.169 -0.336 3.344 2.108  5.226  38.261 -1.159 0.519  3.258 7.921  -3.195 
38.658 15 BB_DG23DA24:DT33DC34_CC B 23 ? C 34 ? B 24 ? C 33 ? 
1 A DA 18 1_555 B DT 6 1_555 A DC 19 1_555 B DG 5 1_555 0.577  -0.701 3.237 0.692  1.828  29.289 -1.770 -0.992 3.201 3.610  -1.366 
29.353 16 BB_DA24DC25:DG32DT33_CC B 24 ? C 33 ? B 25 ? C 32 ? 
1 A DC 19 1_555 B DG 5 1_555 A DT 20 1_555 B DA 4 1_555 0.034  -0.654 3.192 2.530  3.252  31.836 -1.747 0.377  3.105 5.897  -4.588 
32.094 17 BB_DC25DT26:DA31DG32_CC B 25 ? C 32 ? B 26 ? C 31 ? 
1 A DT 20 1_555 B DA 4 1_555 A DC 21 1_555 B DG 3 1_555 0.331  0.082  3.438 4.152  4.391  36.629 -0.493 0.068  3.441 6.929  -6.552 
37.107 18 BB_DT26DC27:DG30DA31_CC B 26 ? C 31 ? B 27 ? C 30 ? 
# 
loop_
_pdbx_audit_support.funding_organization 
_pdbx_audit_support.country 
_pdbx_audit_support.grant_number 
_pdbx_audit_support.ordinal 
'National Science Foundation (NSF, United States)'                                         'United States' 1360635     1 
'National Institutes of Health/National Institute of General Medical Sciences (NIH/NIGMS)' 'United States' R01GM104960 2 
'National Science Foundation (NSF, United States)'                                         'United States' NSF2004250  3 
# 
loop_
_pdbx_entity_nonpoly.entity_id 
_pdbx_entity_nonpoly.name 
_pdbx_entity_nonpoly.comp_id 
5 'MAGNESIUM ION'  MG  
6 'CACODYLATE ION' CAC 
# 
_pdbx_initial_refinement_model.id               1 
_pdbx_initial_refinement_model.entity_id_list   ? 
_pdbx_initial_refinement_model.type             'experimental model' 
_pdbx_initial_refinement_model.source_name      PDB 
_pdbx_initial_refinement_model.accession_code   5VY6 
_pdbx_initial_refinement_model.details          ? 
# 
_pdbx_struct_assembly_auth_evidence.id                     1 
_pdbx_struct_assembly_auth_evidence.assembly_id            1 
_pdbx_struct_assembly_auth_evidence.experimental_support   none 
_pdbx_struct_assembly_auth_evidence.details                ? 
# 
